data_2KVT
#
_entry.id   2KVT
#
_entity_poly.entity_id   1
_entity_poly.type   'polypeptide(L)'
_entity_poly.pdbx_seq_one_letter_code
;MPTKPPYPREAYIVTIEKGKPGQTVTWYQLRADHPKPDSLISEHPTAQEAMDAKKRYEDPDKELEHHHHHH
;
_entity_poly.pdbx_strand_id   A
#
# COMPACT_ATOMS: atom_id res chain seq x y z
N MET A 1 0.19 -7.10 26.16
CA MET A 1 0.71 -8.13 25.21
C MET A 1 0.87 -7.57 23.78
N PRO A 2 1.98 -6.85 23.50
CA PRO A 2 2.34 -6.44 22.15
C PRO A 2 3.30 -7.45 21.48
N THR A 3 3.23 -7.57 20.16
CA THR A 3 4.10 -8.52 19.43
C THR A 3 4.60 -7.93 18.11
N LYS A 4 5.90 -8.02 17.87
CA LYS A 4 6.52 -7.57 16.62
C LYS A 4 7.11 -8.76 15.86
N PRO A 5 6.50 -9.15 14.72
CA PRO A 5 6.99 -10.28 13.90
C PRO A 5 8.30 -9.97 13.16
N PRO A 6 9.04 -11.01 12.71
CA PRO A 6 10.29 -10.83 11.94
C PRO A 6 10.06 -10.04 10.63
N TYR A 7 8.83 -10.07 10.13
CA TYR A 7 8.43 -9.30 8.94
C TYR A 7 7.25 -8.38 9.26
N PRO A 8 7.53 -7.15 9.75
CA PRO A 8 6.48 -6.19 10.16
C PRO A 8 5.59 -5.71 8.99
N ARG A 9 4.42 -5.18 9.33
CA ARG A 9 3.48 -4.67 8.32
C ARG A 9 3.88 -3.26 7.86
N GLU A 10 4.73 -3.20 6.84
CA GLU A 10 5.24 -1.92 6.34
C GLU A 10 4.97 -1.75 4.82
N ALA A 11 4.57 -0.55 4.42
CA ALA A 11 4.29 -0.24 3.02
C ALA A 11 5.04 1.03 2.56
N TYR A 12 4.92 1.36 1.27
CA TYR A 12 5.57 2.52 0.69
C TYR A 12 4.81 3.05 -0.54
N ILE A 13 5.32 4.13 -1.14
CA ILE A 13 4.67 4.76 -2.29
C ILE A 13 5.57 4.71 -3.54
N VAL A 14 4.95 4.58 -4.73
CA VAL A 14 5.68 4.59 -6.00
C VAL A 14 5.06 5.61 -6.98
N THR A 15 5.86 6.58 -7.43
CA THR A 15 5.37 7.61 -8.35
C THR A 15 5.52 7.17 -9.82
N ILE A 16 4.40 7.01 -10.52
CA ILE A 16 4.39 6.58 -11.92
C ILE A 16 3.71 7.62 -12.83
N GLU A 17 3.75 7.35 -14.14
CA GLU A 17 3.07 8.20 -15.13
C GLU A 17 2.11 7.36 -15.99
N LYS A 18 0.96 7.94 -16.32
CA LYS A 18 -0.03 7.26 -17.17
C LYS A 18 -0.54 8.18 -18.30
N GLY A 19 -1.37 7.62 -19.18
CA GLY A 19 -1.98 8.43 -20.24
C GLY A 19 -1.29 8.26 -21.60
N LYS A 20 -1.09 9.36 -22.29
CA LYS A 20 -0.50 9.35 -23.63
C LYS A 20 1.04 9.41 -23.57
N PRO A 21 1.74 8.75 -24.54
CA PRO A 21 3.21 8.70 -24.56
C PRO A 21 3.86 10.10 -24.50
N GLY A 22 3.18 11.11 -25.06
CA GLY A 22 3.66 12.48 -24.95
C GLY A 22 3.00 13.25 -23.81
N GLN A 23 1.69 13.08 -23.66
CA GLN A 23 0.93 13.75 -22.60
C GLN A 23 0.68 12.80 -21.40
N THR A 24 1.65 12.75 -20.51
CA THR A 24 1.56 11.88 -19.31
C THR A 24 0.96 12.61 -18.11
N VAL A 25 0.32 11.85 -17.22
CA VAL A 25 -0.25 12.38 -15.96
C VAL A 25 0.37 11.67 -14.74
N THR A 26 0.55 12.41 -13.64
CA THR A 26 1.20 11.88 -12.43
C THR A 26 0.27 10.98 -11.60
N TRP A 27 0.72 9.77 -11.28
CA TRP A 27 -0.04 8.83 -10.44
C TRP A 27 0.81 8.23 -9.31
N TYR A 28 0.16 7.89 -8.21
CA TYR A 28 0.83 7.31 -7.03
C TYR A 28 0.31 5.90 -6.72
N GLN A 29 1.19 4.91 -6.77
CA GLN A 29 0.84 3.52 -6.43
C GLN A 29 1.29 3.16 -5.01
N LEU A 30 0.37 2.59 -4.23
CA LEU A 30 0.69 2.08 -2.90
C LEU A 30 1.13 0.62 -2.98
N ARG A 31 2.41 0.36 -2.71
CA ARG A 31 2.95 -1.00 -2.71
C ARG A 31 3.67 -1.30 -1.40
N ALA A 32 3.74 -2.59 -1.04
CA ALA A 32 4.34 -2.99 0.24
C ALA A 32 5.29 -4.17 0.06
N ASP A 33 6.37 -4.18 0.86
CA ASP A 33 7.33 -5.30 0.84
C ASP A 33 6.66 -6.62 1.29
N HIS A 34 5.50 -6.49 1.92
CA HIS A 34 4.77 -7.63 2.47
C HIS A 34 3.37 -7.74 1.84
N PRO A 35 2.97 -8.92 1.32
CA PRO A 35 3.81 -10.14 1.30
C PRO A 35 4.87 -10.14 0.19
N LYS A 36 4.68 -9.30 -0.82
CA LYS A 36 5.61 -9.20 -1.96
C LYS A 36 5.73 -7.74 -2.43
N PRO A 37 6.95 -7.32 -2.85
CA PRO A 37 7.21 -5.91 -3.22
C PRO A 37 6.52 -5.49 -4.52
N ASP A 38 5.94 -6.46 -5.23
CA ASP A 38 5.16 -6.18 -6.44
C ASP A 38 3.66 -6.13 -6.13
N SER A 39 3.31 -6.34 -4.87
CA SER A 39 1.90 -6.31 -4.44
C SER A 39 1.34 -4.89 -4.41
N LEU A 40 0.53 -4.56 -5.41
CA LEU A 40 -0.13 -3.26 -5.48
C LEU A 40 -1.42 -3.27 -4.64
N ILE A 41 -1.51 -2.36 -3.69
CA ILE A 41 -2.69 -2.26 -2.82
C ILE A 41 -3.77 -1.35 -3.42
N SER A 42 -3.38 -0.12 -3.76
CA SER A 42 -4.32 0.87 -4.32
C SER A 42 -3.58 1.98 -5.08
N GLU A 43 -4.28 2.62 -6.02
CA GLU A 43 -3.69 3.71 -6.81
C GLU A 43 -4.43 5.03 -6.60
N HIS A 44 -3.68 6.13 -6.50
CA HIS A 44 -4.28 7.46 -6.29
C HIS A 44 -3.52 8.55 -7.06
N PRO A 45 -4.24 9.56 -7.60
CA PRO A 45 -3.61 10.65 -8.37
C PRO A 45 -2.89 11.68 -7.47
N THR A 46 -3.16 11.66 -6.17
CA THR A 46 -2.56 12.61 -5.23
C THR A 46 -1.67 11.91 -4.19
N ALA A 47 -0.62 12.60 -3.74
CA ALA A 47 0.31 12.06 -2.75
C ALA A 47 -0.38 11.78 -1.40
N GLN A 48 -1.22 12.71 -0.95
CA GLN A 48 -1.91 12.59 0.35
C GLN A 48 -2.72 11.27 0.44
N GLU A 49 -3.49 10.95 -0.61
CA GLU A 49 -4.26 9.70 -0.62
C GLU A 49 -3.34 8.48 -0.51
N ALA A 50 -2.14 8.57 -1.08
CA ALA A 50 -1.16 7.48 -1.01
C ALA A 50 -0.62 7.31 0.42
N MET A 51 -0.30 8.43 1.06
CA MET A 51 0.19 8.41 2.45
C MET A 51 -0.91 7.91 3.42
N ASP A 52 -2.13 8.39 3.20
CA ASP A 52 -3.27 7.98 4.02
C ASP A 52 -3.55 6.48 3.84
N ALA A 53 -3.59 6.02 2.59
CA ALA A 53 -3.78 4.60 2.28
C ALA A 53 -2.67 3.74 2.91
N LYS A 54 -1.44 4.25 2.90
CA LYS A 54 -0.32 3.60 3.56
C LYS A 54 -0.63 3.36 5.06
N LYS A 55 -1.19 4.37 5.72
CA LYS A 55 -1.64 4.21 7.10
C LYS A 55 -2.75 3.16 7.24
N ARG A 56 -3.71 3.16 6.31
CA ARG A 56 -4.77 2.14 6.30
C ARG A 56 -4.20 0.71 6.27
N TYR A 57 -3.06 0.53 5.60
CA TYR A 57 -2.39 -0.76 5.53
C TYR A 57 -1.63 -1.08 6.84
N GLU A 58 -1.01 -0.07 7.44
CA GLU A 58 -0.12 -0.27 8.58
C GLU A 58 -0.84 -0.15 9.95
N ASP A 59 -1.97 0.54 9.97
CA ASP A 59 -2.76 0.70 11.20
C ASP A 59 -3.55 -0.58 11.55
N PRO A 60 -3.88 -0.79 12.84
CA PRO A 60 -4.59 -2.00 13.30
C PRO A 60 -6.00 -2.15 12.69
N ASP A 61 -6.45 -1.14 11.95
CA ASP A 61 -7.76 -1.19 11.28
C ASP A 61 -7.77 -2.26 10.17
N LYS A 62 -6.64 -2.40 9.46
CA LYS A 62 -6.49 -3.47 8.48
C LYS A 62 -6.18 -4.79 9.18
N GLU A 63 -7.21 -5.61 9.38
CA GLU A 63 -7.10 -6.89 10.08
C GLU A 63 -6.43 -7.97 9.23
N LEU A 64 -6.07 -9.09 9.86
CA LEU A 64 -5.44 -10.22 9.16
C LEU A 64 -6.39 -10.80 8.09
N GLU A 65 -6.14 -10.47 6.83
CA GLU A 65 -7.02 -10.84 5.73
C GLU A 65 -6.57 -12.13 5.02
N HIS A 66 -5.71 -12.90 5.68
CA HIS A 66 -5.31 -14.21 5.17
C HIS A 66 -6.44 -15.23 5.38
N HIS A 67 -6.96 -15.81 4.29
CA HIS A 67 -8.10 -16.72 4.37
C HIS A 67 -7.83 -17.93 5.28
N HIS A 68 -8.67 -18.06 6.31
CA HIS A 68 -8.54 -19.11 7.33
C HIS A 68 -8.44 -20.52 6.74
N HIS A 69 -7.28 -21.16 6.91
CA HIS A 69 -7.06 -22.54 6.47
C HIS A 69 -7.40 -22.74 4.98
N HIS A 70 -7.13 -21.71 4.16
CA HIS A 70 -7.40 -21.76 2.71
C HIS A 70 -8.91 -21.83 2.40
N HIS A 71 -9.72 -21.20 3.25
CA HIS A 71 -11.16 -21.12 3.03
C HIS A 71 -11.56 -19.75 2.42
N MET A 1 9.33 -18.94 19.96
CA MET A 1 8.61 -18.09 18.98
C MET A 1 7.73 -17.04 19.68
N PRO A 2 8.21 -15.78 19.78
CA PRO A 2 7.47 -14.70 20.46
C PRO A 2 6.32 -14.13 19.62
N THR A 3 6.25 -14.52 18.35
CA THR A 3 5.20 -14.07 17.42
C THR A 3 5.31 -12.56 17.14
N LYS A 4 6.52 -12.01 17.32
CA LYS A 4 6.76 -10.58 17.13
C LYS A 4 8.12 -10.33 16.44
N PRO A 5 8.13 -10.19 15.11
CA PRO A 5 9.34 -9.84 14.34
C PRO A 5 9.59 -8.32 14.30
N PRO A 6 10.86 -7.88 14.17
CA PRO A 6 11.20 -6.44 14.10
C PRO A 6 10.72 -5.76 12.80
N TYR A 7 10.90 -6.43 11.65
CA TYR A 7 10.43 -5.90 10.36
C TYR A 7 9.78 -6.99 9.50
N PRO A 8 8.50 -7.32 9.77
CA PRO A 8 7.74 -8.29 9.00
C PRO A 8 6.87 -7.66 7.90
N ARG A 9 6.91 -6.32 7.79
CA ARG A 9 6.05 -5.59 6.85
C ARG A 9 6.36 -4.08 6.80
N GLU A 10 6.36 -3.52 5.59
CA GLU A 10 6.42 -2.07 5.38
C GLU A 10 5.75 -1.67 4.06
N ALA A 11 5.00 -0.56 4.08
CA ALA A 11 4.38 -0.03 2.86
C ALA A 11 5.17 1.18 2.31
N TYR A 12 5.23 1.29 0.99
CA TYR A 12 5.96 2.40 0.33
C TYR A 12 5.19 2.94 -0.89
N ILE A 13 5.27 4.25 -1.10
CA ILE A 13 4.57 4.91 -2.21
C ILE A 13 5.49 5.07 -3.43
N VAL A 14 4.93 4.87 -4.63
CA VAL A 14 5.68 4.99 -5.89
C VAL A 14 5.04 6.03 -6.81
N THR A 15 5.87 6.82 -7.50
CA THR A 15 5.37 7.85 -8.43
C THR A 15 5.50 7.42 -9.89
N ILE A 16 4.36 7.22 -10.56
CA ILE A 16 4.35 6.80 -11.97
C ILE A 16 3.61 7.82 -12.85
N GLU A 17 3.61 7.57 -14.16
CA GLU A 17 2.90 8.42 -15.12
C GLU A 17 2.26 7.57 -16.23
N LYS A 18 0.99 7.82 -16.54
CA LYS A 18 0.28 7.05 -17.57
C LYS A 18 -0.18 7.95 -18.73
N GLY A 19 -0.47 7.33 -19.88
CA GLY A 19 -0.91 8.07 -21.06
C GLY A 19 0.19 8.24 -22.11
N LYS A 20 0.16 9.37 -22.82
CA LYS A 20 1.07 9.60 -23.95
C LYS A 20 2.38 10.26 -23.52
N PRO A 21 3.49 10.02 -24.25
CA PRO A 21 4.78 10.67 -23.98
C PRO A 21 4.65 12.21 -23.92
N GLY A 22 5.05 12.80 -22.79
CA GLY A 22 4.87 14.24 -22.59
C GLY A 22 3.52 14.58 -21.97
N GLN A 23 2.45 14.05 -22.57
CA GLN A 23 1.09 14.25 -22.04
C GLN A 23 0.67 13.06 -21.15
N THR A 24 1.20 13.05 -19.92
CA THR A 24 0.93 11.95 -18.97
C THR A 24 0.21 12.43 -17.70
N VAL A 25 -0.39 11.47 -17.00
CA VAL A 25 -1.09 11.75 -15.73
C VAL A 25 -0.30 11.19 -14.54
N THR A 26 -0.09 12.02 -13.52
CA THR A 26 0.68 11.62 -12.33
C THR A 26 -0.13 10.71 -11.41
N TRP A 27 0.31 9.46 -11.25
CA TRP A 27 -0.35 8.50 -10.35
C TRP A 27 0.58 8.06 -9.22
N TYR A 28 0.01 7.84 -8.04
CA TYR A 28 0.76 7.34 -6.88
C TYR A 28 0.34 5.91 -6.53
N GLN A 29 1.26 4.96 -6.67
CA GLN A 29 0.98 3.55 -6.36
C GLN A 29 1.47 3.17 -4.95
N LEU A 30 0.57 2.63 -4.14
CA LEU A 30 0.96 2.10 -2.82
C LEU A 30 1.33 0.62 -2.94
N ARG A 31 2.58 0.30 -2.67
CA ARG A 31 3.07 -1.09 -2.74
C ARG A 31 3.68 -1.52 -1.41
N ALA A 32 3.63 -2.82 -1.10
CA ALA A 32 4.20 -3.34 0.14
C ALA A 32 5.26 -4.43 -0.11
N ASP A 33 6.01 -4.80 0.92
CA ASP A 33 7.03 -5.85 0.80
C ASP A 33 6.41 -7.25 1.02
N HIS A 34 5.36 -7.32 1.83
CA HIS A 34 4.61 -8.55 2.08
C HIS A 34 3.16 -8.42 1.60
N PRO A 35 2.53 -9.50 1.08
CA PRO A 35 3.14 -10.85 0.99
C PRO A 35 4.24 -10.96 -0.09
N LYS A 36 4.30 -9.96 -0.97
CA LYS A 36 5.33 -9.91 -2.02
C LYS A 36 5.64 -8.45 -2.39
N PRO A 37 6.89 -8.16 -2.84
CA PRO A 37 7.30 -6.79 -3.21
C PRO A 37 6.44 -6.20 -4.33
N ASP A 38 5.85 -7.06 -5.14
CA ASP A 38 5.00 -6.66 -6.26
C ASP A 38 3.57 -6.35 -5.81
N SER A 39 3.31 -6.41 -4.51
CA SER A 39 1.96 -6.20 -3.97
C SER A 39 1.47 -4.76 -4.20
N LEU A 40 0.57 -4.60 -5.16
CA LEU A 40 -0.05 -3.31 -5.43
C LEU A 40 -1.35 -3.16 -4.61
N ILE A 41 -1.34 -2.26 -3.63
CA ILE A 41 -2.50 -2.03 -2.78
C ILE A 41 -3.56 -1.17 -3.49
N SER A 42 -3.14 -0.02 -4.03
CA SER A 42 -4.07 0.88 -4.75
C SER A 42 -3.32 1.98 -5.52
N GLU A 43 -4.00 2.55 -6.51
CA GLU A 43 -3.46 3.68 -7.29
C GLU A 43 -4.31 4.93 -7.06
N HIS A 44 -3.68 6.01 -6.56
CA HIS A 44 -4.40 7.27 -6.30
C HIS A 44 -3.72 8.47 -7.00
N PRO A 45 -4.52 9.42 -7.53
CA PRO A 45 -3.98 10.59 -8.25
C PRO A 45 -3.29 11.62 -7.34
N THR A 46 -3.70 11.67 -6.06
CA THR A 46 -3.10 12.62 -5.10
C THR A 46 -2.18 11.93 -4.11
N ALA A 47 -1.14 12.62 -3.67
CA ALA A 47 -0.25 12.10 -2.63
C ALA A 47 -0.99 11.91 -1.30
N GLN A 48 -1.97 12.76 -1.04
CA GLN A 48 -2.76 12.69 0.20
C GLN A 48 -3.41 11.31 0.38
N GLU A 49 -4.17 10.87 -0.63
CA GLU A 49 -4.79 9.54 -0.61
C GLU A 49 -3.75 8.43 -0.41
N ALA A 50 -2.62 8.55 -1.10
CA ALA A 50 -1.53 7.57 -0.98
C ALA A 50 -0.96 7.51 0.44
N MET A 51 -0.80 8.68 1.07
CA MET A 51 -0.34 8.77 2.45
C MET A 51 -1.34 8.15 3.42
N ASP A 52 -2.62 8.54 3.28
CA ASP A 52 -3.69 7.98 4.12
C ASP A 52 -3.86 6.47 3.93
N ALA A 53 -3.69 6.02 2.69
CA ALA A 53 -3.73 4.58 2.37
C ALA A 53 -2.56 3.84 3.02
N LYS A 54 -1.36 4.44 2.94
CA LYS A 54 -0.16 3.87 3.58
C LYS A 54 -0.34 3.77 5.10
N LYS A 55 -0.67 4.90 5.73
CA LYS A 55 -0.92 4.95 7.17
C LYS A 55 -2.01 3.96 7.59
N ARG A 56 -3.12 3.94 6.84
CA ARG A 56 -4.25 3.05 7.11
C ARG A 56 -3.79 1.58 7.12
N TYR A 57 -2.97 1.22 6.13
CA TYR A 57 -2.38 -0.11 6.06
C TYR A 57 -1.45 -0.35 7.26
N GLU A 58 -0.57 0.61 7.53
CA GLU A 58 0.44 0.50 8.59
C GLU A 58 -0.14 0.72 10.00
N ASP A 59 -1.48 0.66 10.13
CA ASP A 59 -2.13 0.64 11.44
C ASP A 59 -2.32 -0.80 11.93
N PRO A 60 -1.96 -1.09 13.20
CA PRO A 60 -2.14 -2.44 13.79
C PRO A 60 -3.62 -2.77 14.08
N ASP A 61 -4.52 -1.93 13.56
CA ASP A 61 -5.96 -2.13 13.71
C ASP A 61 -6.49 -3.19 12.72
N LYS A 62 -5.90 -3.25 11.53
CA LYS A 62 -6.34 -4.20 10.50
C LYS A 62 -5.41 -5.43 10.45
N GLU A 63 -6.02 -6.61 10.33
CA GLU A 63 -5.27 -7.87 10.30
C GLU A 63 -4.82 -8.23 8.89
N LEU A 64 -4.27 -9.44 8.74
CA LEU A 64 -3.75 -9.91 7.44
C LEU A 64 -4.89 -10.20 6.45
N GLU A 65 -5.14 -9.26 5.54
CA GLU A 65 -6.13 -9.44 4.48
C GLU A 65 -5.69 -10.60 3.55
N HIS A 66 -6.14 -11.81 3.88
CA HIS A 66 -5.63 -13.03 3.26
C HIS A 66 -6.53 -13.52 2.10
N HIS A 67 -7.07 -12.60 1.33
CA HIS A 67 -7.83 -12.97 0.12
C HIS A 67 -6.87 -13.32 -1.02
N HIS A 68 -6.66 -14.62 -1.24
CA HIS A 68 -5.67 -15.11 -2.21
C HIS A 68 -6.20 -15.01 -3.66
N HIS A 69 -7.04 -14.01 -3.93
CA HIS A 69 -7.64 -13.79 -5.26
C HIS A 69 -8.40 -15.02 -5.78
N HIS A 70 -8.69 -15.99 -4.90
CA HIS A 70 -9.47 -17.17 -5.30
C HIS A 70 -10.96 -16.80 -5.38
N HIS A 71 -11.29 -15.97 -6.37
CA HIS A 71 -12.63 -15.36 -6.49
C HIS A 71 -12.87 -14.33 -5.36
N MET A 1 9.96 -20.50 12.34
CA MET A 1 8.58 -20.20 12.79
C MET A 1 8.48 -20.16 14.32
N PRO A 2 8.57 -18.95 14.91
CA PRO A 2 8.48 -18.77 16.37
C PRO A 2 7.04 -18.75 16.90
N THR A 3 6.88 -18.89 18.21
CA THR A 3 5.55 -18.80 18.84
C THR A 3 4.99 -17.38 18.74
N LYS A 4 3.99 -17.21 17.88
CA LYS A 4 3.44 -15.88 17.53
C LYS A 4 4.53 -14.98 16.93
N PRO A 5 4.76 -15.09 15.61
CA PRO A 5 5.79 -14.30 14.92
C PRO A 5 5.46 -12.81 14.83
N PRO A 6 6.49 -11.94 14.71
CA PRO A 6 6.29 -10.49 14.49
C PRO A 6 5.57 -10.19 13.17
N TYR A 7 5.16 -8.94 12.98
CA TYR A 7 4.42 -8.52 11.79
C TYR A 7 5.19 -7.45 10.98
N PRO A 8 5.97 -7.86 9.95
CA PRO A 8 6.67 -6.92 9.05
C PRO A 8 5.70 -6.22 8.08
N ARG A 9 4.80 -5.42 8.64
CA ARG A 9 3.77 -4.73 7.86
C ARG A 9 4.16 -3.28 7.55
N GLU A 10 4.58 -3.04 6.31
CA GLU A 10 4.95 -1.68 5.87
C GLU A 10 4.60 -1.44 4.41
N ALA A 11 4.19 -0.20 4.10
CA ALA A 11 3.84 0.20 2.73
C ALA A 11 4.58 1.46 2.31
N TYR A 12 4.81 1.61 1.00
CA TYR A 12 5.52 2.79 0.46
C TYR A 12 4.91 3.26 -0.87
N ILE A 13 5.32 4.44 -1.33
CA ILE A 13 4.75 5.06 -2.53
C ILE A 13 5.74 5.05 -3.72
N VAL A 14 5.24 4.72 -4.91
CA VAL A 14 6.05 4.78 -6.14
C VAL A 14 5.34 5.61 -7.22
N THR A 15 6.07 6.53 -7.85
CA THR A 15 5.48 7.42 -8.87
C THR A 15 5.56 6.83 -10.28
N ILE A 16 4.40 6.70 -10.93
CA ILE A 16 4.34 6.29 -12.33
C ILE A 16 3.59 7.34 -13.17
N GLU A 17 3.53 7.14 -14.48
CA GLU A 17 2.81 8.06 -15.37
C GLU A 17 1.94 7.32 -16.39
N LYS A 18 0.73 7.82 -16.60
CA LYS A 18 -0.18 7.28 -17.63
C LYS A 18 -0.61 8.40 -18.60
N GLY A 19 -1.38 8.05 -19.63
CA GLY A 19 -1.85 9.05 -20.60
C GLY A 19 -1.04 9.04 -21.90
N LYS A 20 -0.82 10.24 -22.45
CA LYS A 20 -0.09 10.39 -23.73
C LYS A 20 1.35 10.90 -23.50
N PRO A 21 2.31 10.47 -24.34
CA PRO A 21 3.72 10.90 -24.26
C PRO A 21 3.87 12.42 -24.07
N GLY A 22 4.58 12.83 -23.02
CA GLY A 22 4.71 14.25 -22.69
C GLY A 22 3.56 14.73 -21.81
N GLN A 23 2.34 14.73 -22.34
CA GLN A 23 1.16 15.12 -21.58
C GLN A 23 0.64 13.95 -20.73
N THR A 24 1.40 13.57 -19.71
CA THR A 24 1.07 12.41 -18.87
C THR A 24 0.51 12.83 -17.51
N VAL A 25 -0.19 11.90 -16.86
CA VAL A 25 -0.69 12.11 -15.49
C VAL A 25 0.08 11.21 -14.51
N THR A 26 0.62 11.80 -13.46
CA THR A 26 1.41 11.05 -12.47
C THR A 26 0.52 10.30 -11.48
N TRP A 27 0.60 8.98 -11.51
CA TRP A 27 -0.16 8.12 -10.59
C TRP A 27 0.74 7.59 -9.47
N TYR A 28 0.27 7.70 -8.23
CA TYR A 28 1.04 7.23 -7.08
C TYR A 28 0.57 5.82 -6.65
N GLN A 29 1.47 4.84 -6.79
CA GLN A 29 1.16 3.45 -6.45
C GLN A 29 1.61 3.09 -5.04
N LEU A 30 0.67 2.68 -4.20
CA LEU A 30 0.97 2.21 -2.85
C LEU A 30 1.35 0.72 -2.87
N ARG A 31 2.64 0.44 -2.71
CA ARG A 31 3.16 -0.92 -2.77
C ARG A 31 3.66 -1.38 -1.39
N ALA A 32 3.38 -2.63 -1.04
CA ALA A 32 3.85 -3.19 0.24
C ALA A 32 4.96 -4.24 0.02
N ASP A 33 5.86 -4.35 0.99
CA ASP A 33 7.02 -5.24 0.87
C ASP A 33 6.64 -6.72 1.13
N HIS A 34 5.55 -6.96 1.83
CA HIS A 34 5.09 -8.33 2.13
C HIS A 34 3.61 -8.52 1.73
N PRO A 35 3.20 -9.73 1.31
CA PRO A 35 4.08 -10.93 1.20
C PRO A 35 5.10 -10.82 0.06
N LYS A 36 4.66 -10.33 -1.09
CA LYS A 36 5.56 -10.08 -2.23
C LYS A 36 5.85 -8.58 -2.36
N PRO A 37 7.07 -8.19 -2.79
CA PRO A 37 7.44 -6.77 -2.94
C PRO A 37 6.58 -6.03 -3.99
N ASP A 38 5.75 -6.77 -4.70
CA ASP A 38 4.86 -6.20 -5.72
C ASP A 38 3.40 -6.11 -5.24
N SER A 39 3.20 -6.24 -3.92
CA SER A 39 1.85 -6.17 -3.34
C SER A 39 1.25 -4.77 -3.51
N LEU A 40 0.60 -4.53 -4.65
CA LEU A 40 -0.06 -3.25 -4.92
C LEU A 40 -1.33 -3.09 -4.07
N ILE A 41 -1.24 -2.30 -3.01
CA ILE A 41 -2.37 -2.06 -2.11
C ILE A 41 -3.44 -1.19 -2.79
N SER A 42 -3.00 -0.13 -3.47
CA SER A 42 -3.92 0.78 -4.17
C SER A 42 -3.18 1.83 -5.00
N GLU A 43 -3.80 2.26 -6.09
CA GLU A 43 -3.28 3.37 -6.91
C GLU A 43 -4.15 4.63 -6.74
N HIS A 44 -3.51 5.77 -6.54
CA HIS A 44 -4.24 7.05 -6.40
C HIS A 44 -3.57 8.16 -7.21
N PRO A 45 -4.36 9.09 -7.78
CA PRO A 45 -3.83 10.22 -8.58
C PRO A 45 -3.16 11.30 -7.71
N THR A 46 -3.42 11.27 -6.40
CA THR A 46 -2.81 12.22 -5.47
C THR A 46 -1.90 11.52 -4.46
N ALA A 47 -0.79 12.15 -4.12
CA ALA A 47 0.14 11.63 -3.11
C ALA A 47 -0.53 11.56 -1.73
N GLN A 48 -1.39 12.55 -1.45
CA GLN A 48 -2.12 12.60 -0.18
C GLN A 48 -2.91 11.31 0.07
N GLU A 49 -3.68 10.86 -0.93
CA GLU A 49 -4.44 9.61 -0.81
C GLU A 49 -3.50 8.41 -0.64
N ALA A 50 -2.38 8.43 -1.34
CA ALA A 50 -1.38 7.36 -1.24
C ALA A 50 -0.80 7.28 0.19
N MET A 51 -0.54 8.46 0.78
CA MET A 51 -0.01 8.54 2.15
C MET A 51 -1.06 8.11 3.18
N ASP A 52 -2.29 8.58 3.00
CA ASP A 52 -3.38 8.26 3.91
C ASP A 52 -3.73 6.76 3.85
N ALA A 53 -3.76 6.21 2.64
CA ALA A 53 -3.97 4.77 2.45
C ALA A 53 -2.81 3.96 3.04
N LYS A 54 -1.60 4.51 2.91
CA LYS A 54 -0.41 3.91 3.52
C LYS A 54 -0.56 3.74 5.04
N LYS A 55 -1.00 4.82 5.72
CA LYS A 55 -1.19 4.77 7.17
C LYS A 55 -2.25 3.71 7.54
N ARG A 56 -3.37 3.69 6.80
CA ARG A 56 -4.47 2.76 7.08
C ARG A 56 -4.04 1.30 6.86
N TYR A 57 -3.18 1.06 5.87
CA TYR A 57 -2.62 -0.26 5.64
C TYR A 57 -1.75 -0.71 6.83
N GLU A 58 -0.86 0.18 7.27
CA GLU A 58 0.05 -0.12 8.36
C GLU A 58 -0.67 -0.18 9.72
N ASP A 59 -1.85 0.46 9.80
CA ASP A 59 -2.77 0.25 10.94
C ASP A 59 -3.28 -1.20 10.96
N PRO A 60 -3.57 -1.76 12.16
CA PRO A 60 -4.11 -3.13 12.29
C PRO A 60 -5.40 -3.35 11.46
N ASP A 61 -6.01 -2.25 11.01
CA ASP A 61 -7.22 -2.30 10.20
C ASP A 61 -7.05 -3.13 8.92
N LYS A 62 -5.83 -3.21 8.39
CA LYS A 62 -5.58 -3.93 7.13
C LYS A 62 -4.59 -5.11 7.30
N GLU A 63 -5.13 -6.32 7.38
CA GLU A 63 -4.32 -7.54 7.28
C GLU A 63 -4.88 -8.39 6.12
N LEU A 64 -4.11 -8.47 5.03
CA LEU A 64 -4.65 -8.98 3.74
C LEU A 64 -3.97 -10.28 3.28
N GLU A 65 -3.71 -11.20 4.20
CA GLU A 65 -3.15 -12.50 3.82
C GLU A 65 -4.20 -13.38 3.12
N HIS A 66 -4.35 -13.19 1.81
CA HIS A 66 -5.21 -14.07 1.01
C HIS A 66 -4.53 -15.44 0.88
N HIS A 67 -4.76 -16.30 1.87
CA HIS A 67 -4.04 -17.57 1.99
C HIS A 67 -4.24 -18.47 0.75
N HIS A 68 -3.33 -18.37 -0.19
CA HIS A 68 -3.36 -19.15 -1.43
C HIS A 68 -2.04 -18.94 -2.20
N HIS A 69 -1.06 -19.81 -1.94
CA HIS A 69 0.30 -19.59 -2.44
C HIS A 69 0.40 -19.70 -3.97
N HIS A 70 0.14 -18.58 -4.65
CA HIS A 70 0.33 -18.50 -6.10
C HIS A 70 1.82 -18.35 -6.44
N HIS A 71 2.41 -19.36 -7.08
CA HIS A 71 3.82 -19.28 -7.50
C HIS A 71 3.96 -18.54 -8.84
N MET A 1 10.42 -14.72 26.39
CA MET A 1 10.78 -15.40 25.11
C MET A 1 9.92 -14.89 23.95
N PRO A 2 10.55 -14.43 22.84
CA PRO A 2 9.82 -13.89 21.67
C PRO A 2 8.82 -14.89 21.07
N THR A 3 9.34 -16.07 20.69
CA THR A 3 8.53 -17.12 20.04
C THR A 3 7.98 -16.66 18.69
N LYS A 4 6.98 -15.78 18.72
CA LYS A 4 6.41 -15.20 17.49
C LYS A 4 6.97 -13.79 17.24
N PRO A 5 7.74 -13.59 16.15
CA PRO A 5 8.37 -12.30 15.84
C PRO A 5 7.38 -11.25 15.29
N PRO A 6 7.65 -9.95 15.52
CA PRO A 6 6.82 -8.86 14.99
C PRO A 6 6.99 -8.72 13.46
N TYR A 7 6.08 -9.32 12.70
CA TYR A 7 6.10 -9.23 11.23
C TYR A 7 5.97 -7.77 10.78
N PRO A 8 7.03 -7.20 10.17
CA PRO A 8 7.07 -5.76 9.81
C PRO A 8 5.91 -5.29 8.93
N ARG A 9 5.02 -4.48 9.50
CA ARG A 9 3.92 -3.87 8.76
C ARG A 9 4.39 -2.56 8.09
N GLU A 10 4.88 -2.67 6.86
CA GLU A 10 5.52 -1.54 6.18
C GLU A 10 5.17 -1.48 4.68
N ALA A 11 4.96 -0.27 4.15
CA ALA A 11 4.63 -0.07 2.74
C ALA A 11 5.39 1.12 2.13
N TYR A 12 5.46 1.18 0.80
CA TYR A 12 6.17 2.27 0.10
C TYR A 12 5.44 2.70 -1.17
N ILE A 13 5.44 4.01 -1.43
CA ILE A 13 4.73 4.60 -2.59
C ILE A 13 5.67 4.73 -3.81
N VAL A 14 5.16 4.38 -4.99
CA VAL A 14 5.92 4.51 -6.25
C VAL A 14 5.14 5.37 -7.26
N THR A 15 5.84 6.26 -7.97
CA THR A 15 5.20 7.17 -8.92
C THR A 15 5.31 6.67 -10.37
N ILE A 16 4.17 6.65 -11.07
CA ILE A 16 4.12 6.25 -12.49
C ILE A 16 3.47 7.34 -13.35
N GLU A 17 3.51 7.19 -14.67
CA GLU A 17 2.96 8.20 -15.59
C GLU A 17 2.01 7.57 -16.63
N LYS A 18 0.80 8.12 -16.75
CA LYS A 18 -0.18 7.67 -17.74
C LYS A 18 -0.57 8.81 -18.69
N GLY A 19 -1.27 8.49 -19.77
CA GLY A 19 -1.74 9.53 -20.71
C GLY A 19 -0.87 9.64 -21.98
N LYS A 20 -0.67 10.87 -22.44
CA LYS A 20 0.02 11.13 -23.71
C LYS A 20 1.52 11.38 -23.53
N PRO A 21 2.38 10.87 -24.44
CA PRO A 21 3.83 11.12 -24.40
C PRO A 21 4.14 12.63 -24.41
N GLY A 22 4.43 13.18 -23.24
CA GLY A 22 4.61 14.62 -23.07
C GLY A 22 3.54 15.22 -22.16
N GLN A 23 2.28 14.94 -22.47
CA GLN A 23 1.15 15.32 -21.60
C GLN A 23 0.69 14.12 -20.76
N THR A 24 1.44 13.83 -19.69
CA THR A 24 1.15 12.69 -18.83
C THR A 24 0.55 13.11 -17.49
N VAL A 25 -0.03 12.15 -16.78
CA VAL A 25 -0.53 12.36 -15.41
C VAL A 25 0.16 11.39 -14.45
N THR A 26 0.90 11.93 -13.48
CA THR A 26 1.64 11.09 -12.54
C THR A 26 0.73 10.45 -11.49
N TRP A 27 0.63 9.13 -11.53
CA TRP A 27 -0.18 8.36 -10.56
C TRP A 27 0.70 7.82 -9.42
N TYR A 28 0.09 7.66 -8.25
CA TYR A 28 0.80 7.13 -7.08
C TYR A 28 0.31 5.71 -6.73
N GLN A 29 1.22 4.74 -6.86
CA GLN A 29 0.92 3.34 -6.52
C GLN A 29 1.44 3.00 -5.12
N LEU A 30 0.57 2.40 -4.29
CA LEU A 30 0.98 1.94 -2.97
C LEU A 30 1.43 0.48 -3.00
N ARG A 31 2.73 0.25 -2.86
CA ARG A 31 3.28 -1.11 -2.78
C ARG A 31 3.64 -1.45 -1.33
N ALA A 32 3.83 -2.73 -1.05
CA ALA A 32 4.23 -3.18 0.28
C ALA A 32 5.19 -4.39 0.21
N ASP A 33 6.19 -4.40 1.08
CA ASP A 33 7.13 -5.53 1.16
C ASP A 33 6.43 -6.83 1.59
N HIS A 34 5.24 -6.69 2.16
CA HIS A 34 4.51 -7.84 2.73
C HIS A 34 3.08 -7.93 2.17
N PRO A 35 2.61 -9.12 1.76
CA PRO A 35 3.43 -10.36 1.73
C PRO A 35 4.41 -10.42 0.54
N LYS A 36 3.90 -10.24 -0.68
CA LYS A 36 4.76 -10.22 -1.87
C LYS A 36 5.48 -8.87 -2.00
N PRO A 37 6.76 -8.85 -2.42
CA PRO A 37 7.53 -7.59 -2.57
C PRO A 37 6.84 -6.59 -3.51
N ASP A 38 6.05 -7.10 -4.46
CA ASP A 38 5.30 -6.24 -5.39
C ASP A 38 3.83 -6.09 -4.95
N SER A 39 3.55 -6.30 -3.67
CA SER A 39 2.18 -6.22 -3.14
C SER A 39 1.57 -4.83 -3.40
N LEU A 40 0.82 -4.72 -4.49
CA LEU A 40 0.14 -3.48 -4.85
C LEU A 40 -1.22 -3.37 -4.14
N ILE A 41 -1.36 -2.41 -3.23
CA ILE A 41 -2.59 -2.23 -2.47
C ILE A 41 -3.64 -1.45 -3.28
N SER A 42 -3.28 -0.26 -3.76
CA SER A 42 -4.21 0.61 -4.52
C SER A 42 -3.46 1.73 -5.26
N GLU A 43 -4.06 2.22 -6.35
CA GLU A 43 -3.53 3.38 -7.09
C GLU A 43 -4.37 4.63 -6.80
N HIS A 44 -3.72 5.78 -6.63
CA HIS A 44 -4.44 7.04 -6.37
C HIS A 44 -3.87 8.21 -7.18
N PRO A 45 -4.74 9.18 -7.57
CA PRO A 45 -4.32 10.37 -8.33
C PRO A 45 -3.35 11.28 -7.57
N THR A 46 -3.68 11.63 -6.32
CA THR A 46 -2.82 12.51 -5.51
C THR A 46 -1.97 11.74 -4.50
N ALA A 47 -0.89 12.37 -4.05
CA ALA A 47 0.01 11.77 -3.05
C ALA A 47 -0.70 11.56 -1.71
N GLN A 48 -1.52 12.53 -1.31
CA GLN A 48 -2.21 12.47 -0.02
C GLN A 48 -3.12 11.23 0.07
N GLU A 49 -3.88 10.97 -0.99
CA GLU A 49 -4.71 9.74 -1.06
C GLU A 49 -3.85 8.49 -0.89
N ALA A 50 -2.69 8.47 -1.54
CA ALA A 50 -1.76 7.34 -1.44
C ALA A 50 -1.18 7.19 -0.02
N MET A 51 -0.90 8.33 0.63
CA MET A 51 -0.36 8.31 2.00
C MET A 51 -1.42 7.88 3.01
N ASP A 52 -2.66 8.33 2.84
CA ASP A 52 -3.77 7.89 3.69
C ASP A 52 -3.97 6.36 3.60
N ALA A 53 -3.86 5.83 2.39
CA ALA A 53 -3.90 4.38 2.18
C ALA A 53 -2.71 3.69 2.87
N LYS A 54 -1.52 4.27 2.71
CA LYS A 54 -0.31 3.77 3.37
C LYS A 54 -0.49 3.74 4.90
N LYS A 55 -1.02 4.83 5.44
CA LYS A 55 -1.35 4.92 6.86
C LYS A 55 -2.29 3.77 7.29
N ARG A 56 -3.41 3.61 6.59
CA ARG A 56 -4.37 2.53 6.90
C ARG A 56 -3.70 1.15 6.85
N TYR A 57 -2.63 1.02 6.06
CA TYR A 57 -1.89 -0.23 5.99
C TYR A 57 -0.92 -0.38 7.17
N GLU A 58 -0.15 0.67 7.47
CA GLU A 58 0.90 0.60 8.49
C GLU A 58 0.37 0.83 9.91
N ASP A 59 -0.84 1.38 10.03
CA ASP A 59 -1.48 1.56 11.33
C ASP A 59 -2.09 0.25 11.84
N PRO A 60 -2.38 0.15 13.16
CA PRO A 60 -2.93 -1.09 13.77
C PRO A 60 -4.12 -1.69 13.00
N ASP A 61 -3.79 -2.56 12.05
CA ASP A 61 -4.80 -3.27 11.24
C ASP A 61 -5.60 -4.28 12.07
N LYS A 62 -5.31 -4.36 13.38
CA LYS A 62 -5.96 -5.31 14.28
C LYS A 62 -7.30 -4.77 14.80
N GLU A 63 -7.58 -3.48 14.56
CA GLU A 63 -8.84 -2.87 15.00
C GLU A 63 -10.05 -3.51 14.30
N LEU A 64 -11.19 -3.52 14.98
CA LEU A 64 -12.43 -4.03 14.39
C LEU A 64 -12.96 -3.09 13.29
N GLU A 65 -12.90 -1.78 13.57
CA GLU A 65 -13.39 -0.73 12.64
C GLU A 65 -14.93 -0.77 12.50
N HIS A 66 -15.57 -1.79 13.04
CA HIS A 66 -17.03 -1.89 13.04
C HIS A 66 -17.63 -1.03 14.16
N HIS A 67 -18.60 -0.18 13.81
CA HIS A 67 -19.22 0.78 14.73
C HIS A 67 -18.26 1.93 15.08
N HIS A 68 -17.02 1.60 15.45
CA HIS A 68 -15.98 2.61 15.69
C HIS A 68 -15.65 3.37 14.40
N HIS A 69 -16.39 4.45 14.14
CA HIS A 69 -16.23 5.23 12.89
C HIS A 69 -14.96 6.08 12.91
N HIS A 70 -14.22 6.09 11.79
CA HIS A 70 -13.02 6.92 11.66
C HIS A 70 -13.36 8.34 11.17
N HIS A 71 -14.59 8.51 10.70
CA HIS A 71 -15.09 9.83 10.25
C HIS A 71 -16.56 10.03 10.67
N MET A 1 -1.63 -19.84 26.67
CA MET A 1 -1.92 -18.97 25.49
C MET A 1 -0.87 -19.16 24.39
N PRO A 2 -1.23 -18.89 23.11
CA PRO A 2 -0.27 -18.91 22.00
C PRO A 2 0.79 -17.79 22.12
N THR A 3 2.06 -18.15 21.91
CA THR A 3 3.15 -17.17 21.96
C THR A 3 3.36 -16.49 20.60
N LYS A 4 2.34 -16.60 19.74
CA LYS A 4 2.41 -16.10 18.35
C LYS A 4 2.64 -14.58 18.29
N PRO A 5 3.83 -14.15 17.82
CA PRO A 5 4.15 -12.72 17.67
C PRO A 5 3.76 -12.17 16.27
N PRO A 6 3.56 -10.83 16.15
CA PRO A 6 3.32 -10.18 14.85
C PRO A 6 4.55 -10.20 13.93
N TYR A 7 4.33 -10.18 12.62
CA TYR A 7 5.43 -10.17 11.64
C TYR A 7 5.45 -8.85 10.85
N PRO A 8 6.65 -8.38 10.44
CA PRO A 8 6.81 -7.10 9.72
C PRO A 8 6.04 -7.02 8.39
N ARG A 9 5.15 -6.04 8.27
CA ARG A 9 4.38 -5.80 7.03
C ARG A 9 4.31 -4.30 6.71
N GLU A 10 5.38 -3.78 6.11
CA GLU A 10 5.49 -2.35 5.79
C GLU A 10 4.90 -2.03 4.40
N ALA A 11 4.65 -0.74 4.15
CA ALA A 11 4.15 -0.28 2.85
C ALA A 11 4.96 0.92 2.32
N TYR A 12 4.94 1.14 1.01
CA TYR A 12 5.64 2.25 0.38
C TYR A 12 4.92 2.75 -0.89
N ILE A 13 5.35 3.89 -1.41
CA ILE A 13 4.69 4.52 -2.56
C ILE A 13 5.57 4.52 -3.82
N VAL A 14 5.01 4.07 -4.95
CA VAL A 14 5.71 4.06 -6.23
C VAL A 14 5.09 5.08 -7.21
N THR A 15 5.89 5.99 -7.74
CA THR A 15 5.40 7.02 -8.67
C THR A 15 5.47 6.56 -10.13
N ILE A 16 4.30 6.37 -10.75
CA ILE A 16 4.23 6.00 -12.17
C ILE A 16 3.56 7.11 -13.00
N GLU A 17 3.78 7.11 -14.32
CA GLU A 17 3.15 8.09 -15.20
C GLU A 17 2.36 7.42 -16.33
N LYS A 18 1.07 7.71 -16.39
CA LYS A 18 0.19 7.10 -17.40
C LYS A 18 -0.41 8.18 -18.32
N GLY A 19 -1.15 7.75 -19.34
CA GLY A 19 -1.78 8.71 -20.24
C GLY A 19 -1.04 8.90 -21.56
N LYS A 20 -0.92 10.15 -21.99
CA LYS A 20 -0.31 10.47 -23.29
C LYS A 20 1.18 10.85 -23.14
N PRO A 21 1.98 10.69 -24.23
CA PRO A 21 3.39 11.12 -24.24
C PRO A 21 3.56 12.60 -23.88
N GLY A 22 4.37 12.89 -22.85
CA GLY A 22 4.53 14.25 -22.37
C GLY A 22 3.37 14.71 -21.48
N GLN A 23 2.16 14.70 -22.04
CA GLN A 23 0.95 15.06 -21.26
C GLN A 23 0.49 13.85 -20.43
N THR A 24 1.23 13.58 -19.36
CA THR A 24 0.98 12.41 -18.51
C THR A 24 0.22 12.75 -17.23
N VAL A 25 -0.25 11.71 -16.56
CA VAL A 25 -0.83 11.85 -15.23
C VAL A 25 0.00 11.02 -14.22
N THR A 26 0.45 11.66 -13.15
CA THR A 26 1.27 10.99 -12.14
C THR A 26 0.39 10.19 -11.17
N TRP A 27 0.54 8.87 -11.20
CA TRP A 27 -0.23 7.98 -10.33
C TRP A 27 0.67 7.38 -9.24
N TYR A 28 0.22 7.44 -8.00
CA TYR A 28 0.97 6.90 -6.87
C TYR A 28 0.46 5.51 -6.48
N GLN A 29 1.31 4.50 -6.66
CA GLN A 29 0.96 3.11 -6.33
C GLN A 29 1.29 2.78 -4.88
N LEU A 30 0.27 2.44 -4.10
CA LEU A 30 0.48 1.97 -2.74
C LEU A 30 0.84 0.47 -2.75
N ARG A 31 2.12 0.17 -2.55
CA ARG A 31 2.60 -1.21 -2.51
C ARG A 31 3.12 -1.57 -1.11
N ALA A 32 3.41 -2.85 -0.90
CA ALA A 32 3.90 -3.30 0.40
C ALA A 32 5.22 -4.08 0.28
N ASP A 33 6.04 -4.01 1.32
CA ASP A 33 7.29 -4.77 1.39
C ASP A 33 7.03 -6.28 1.59
N HIS A 34 5.88 -6.60 2.19
CA HIS A 34 5.50 -7.98 2.47
C HIS A 34 4.05 -8.27 2.03
N PRO A 35 3.78 -9.48 1.47
CA PRO A 35 4.77 -10.54 1.28
C PRO A 35 5.70 -10.30 0.09
N LYS A 36 5.20 -9.62 -0.94
CA LYS A 36 5.96 -9.38 -2.17
C LYS A 36 6.05 -7.88 -2.50
N PRO A 37 7.20 -7.42 -3.04
CA PRO A 37 7.39 -6.01 -3.43
C PRO A 37 6.31 -5.51 -4.41
N ASP A 38 5.74 -6.43 -5.21
CA ASP A 38 4.70 -6.08 -6.17
C ASP A 38 3.29 -6.25 -5.59
N SER A 39 3.19 -6.41 -4.26
CA SER A 39 1.87 -6.46 -3.61
C SER A 39 1.19 -5.09 -3.68
N LEU A 40 0.51 -4.83 -4.80
CA LEU A 40 -0.14 -3.54 -5.04
C LEU A 40 -1.53 -3.48 -4.39
N ILE A 41 -1.74 -2.50 -3.52
CA ILE A 41 -3.01 -2.31 -2.84
C ILE A 41 -3.97 -1.43 -3.66
N SER A 42 -3.48 -0.27 -4.12
CA SER A 42 -4.30 0.68 -4.89
C SER A 42 -3.46 1.84 -5.45
N GLU A 43 -3.87 2.37 -6.61
CA GLU A 43 -3.21 3.55 -7.21
C GLU A 43 -4.07 4.81 -7.00
N HIS A 44 -3.43 5.90 -6.57
CA HIS A 44 -4.14 7.16 -6.28
C HIS A 44 -3.47 8.35 -7.01
N PRO A 45 -4.27 9.31 -7.48
CA PRO A 45 -3.77 10.44 -8.30
C PRO A 45 -2.94 11.49 -7.52
N THR A 46 -3.19 11.62 -6.22
CA THR A 46 -2.46 12.63 -5.40
C THR A 46 -1.57 11.97 -4.34
N ALA A 47 -0.49 12.66 -3.98
CA ALA A 47 0.43 12.18 -2.93
C ALA A 47 -0.30 12.02 -1.58
N GLN A 48 -1.18 12.96 -1.26
CA GLN A 48 -1.96 12.91 -0.03
C GLN A 48 -2.85 11.64 0.01
N GLU A 49 -3.48 11.33 -1.12
CA GLU A 49 -4.26 10.10 -1.27
C GLU A 49 -3.40 8.86 -0.97
N ALA A 50 -2.21 8.82 -1.55
CA ALA A 50 -1.28 7.69 -1.35
C ALA A 50 -0.86 7.54 0.11
N MET A 51 -0.40 8.63 0.72
CA MET A 51 0.05 8.62 2.12
C MET A 51 -1.09 8.28 3.08
N ASP A 52 -2.29 8.80 2.81
CA ASP A 52 -3.47 8.55 3.64
C ASP A 52 -3.84 7.05 3.61
N ALA A 53 -3.94 6.50 2.41
CA ALA A 53 -4.20 5.06 2.25
C ALA A 53 -3.07 4.21 2.85
N LYS A 54 -1.84 4.68 2.70
CA LYS A 54 -0.65 4.03 3.27
C LYS A 54 -0.80 3.85 4.79
N LYS A 55 -1.20 4.92 5.47
CA LYS A 55 -1.45 4.87 6.92
C LYS A 55 -2.53 3.82 7.26
N ARG A 56 -3.61 3.80 6.48
CA ARG A 56 -4.72 2.86 6.70
C ARG A 56 -4.25 1.41 6.56
N TYR A 57 -3.28 1.17 5.67
CA TYR A 57 -2.72 -0.17 5.48
C TYR A 57 -1.74 -0.54 6.61
N GLU A 58 -0.87 0.40 6.98
CA GLU A 58 0.17 0.12 7.98
C GLU A 58 -0.35 0.19 9.42
N ASP A 59 -1.66 0.34 9.58
CA ASP A 59 -2.28 0.30 10.90
C ASP A 59 -2.06 -1.09 11.53
N PRO A 60 -1.69 -1.15 12.83
CA PRO A 60 -1.28 -2.39 13.51
C PRO A 60 -2.08 -3.66 13.11
N ASP A 61 -3.40 -3.64 13.33
CA ASP A 61 -4.22 -4.83 13.02
C ASP A 61 -5.67 -4.46 12.61
N LYS A 62 -5.88 -3.24 12.11
CA LYS A 62 -7.20 -2.79 11.69
C LYS A 62 -7.73 -3.63 10.50
N GLU A 63 -9.00 -4.04 10.58
CA GLU A 63 -9.61 -4.86 9.53
C GLU A 63 -10.49 -4.00 8.59
N LEU A 64 -10.00 -3.75 7.39
CA LEU A 64 -10.80 -3.08 6.36
C LEU A 64 -11.95 -3.99 5.90
N GLU A 65 -11.73 -5.29 6.06
CA GLU A 65 -12.77 -6.31 5.86
C GLU A 65 -12.56 -7.46 6.86
N HIS A 66 -13.58 -8.29 7.05
CA HIS A 66 -13.54 -9.34 8.07
C HIS A 66 -12.55 -10.46 7.71
N HIS A 67 -11.55 -10.67 8.57
CA HIS A 67 -10.55 -11.73 8.34
C HIS A 67 -11.23 -13.11 8.24
N HIS A 68 -10.75 -13.92 7.30
CA HIS A 68 -11.34 -15.25 7.03
C HIS A 68 -10.25 -16.32 6.84
N HIS A 69 -10.58 -17.56 7.20
CA HIS A 69 -9.61 -18.67 7.17
C HIS A 69 -9.10 -18.98 5.75
N HIS A 70 -9.97 -19.50 4.89
CA HIS A 70 -9.55 -19.92 3.54
C HIS A 70 -10.75 -19.99 2.57
N HIS A 71 -10.46 -19.90 1.28
CA HIS A 71 -11.47 -20.12 0.23
C HIS A 71 -10.95 -21.11 -0.85
N MET A 1 7.27 -18.47 24.37
CA MET A 1 8.14 -17.58 23.55
C MET A 1 7.48 -17.27 22.20
N PRO A 2 7.63 -16.02 21.70
CA PRO A 2 6.97 -15.58 20.45
C PRO A 2 7.42 -16.37 19.21
N THR A 3 6.51 -17.21 18.69
CA THR A 3 6.79 -18.00 17.48
C THR A 3 6.08 -17.40 16.26
N LYS A 4 4.76 -17.28 16.35
CA LYS A 4 3.95 -16.64 15.30
C LYS A 4 3.56 -15.20 15.71
N PRO A 5 4.25 -14.18 15.17
CA PRO A 5 3.95 -12.77 15.47
C PRO A 5 2.98 -12.13 14.45
N PRO A 6 2.38 -10.98 14.80
CA PRO A 6 1.59 -10.18 13.85
C PRO A 6 2.46 -9.58 12.75
N TYR A 7 2.05 -9.76 11.49
CA TYR A 7 2.83 -9.28 10.34
C TYR A 7 3.09 -7.76 10.41
N PRO A 8 4.28 -7.30 9.95
CA PRO A 8 4.67 -5.87 10.00
C PRO A 8 3.70 -4.95 9.22
N ARG A 9 3.90 -3.64 9.37
CA ARG A 9 2.90 -2.66 8.90
C ARG A 9 3.46 -1.66 7.87
N GLU A 10 4.69 -1.86 7.40
CA GLU A 10 5.36 -0.84 6.58
C GLU A 10 5.19 -1.08 5.07
N ALA A 11 5.03 0.00 4.32
CA ALA A 11 4.81 -0.05 2.87
C ALA A 11 5.61 1.04 2.15
N TYR A 12 5.42 1.17 0.83
CA TYR A 12 6.10 2.20 0.04
C TYR A 12 5.28 2.60 -1.19
N ILE A 13 5.36 3.88 -1.57
CA ILE A 13 4.62 4.40 -2.72
C ILE A 13 5.53 4.56 -3.96
N VAL A 14 5.06 4.05 -5.09
CA VAL A 14 5.79 4.16 -6.36
C VAL A 14 5.14 5.19 -7.29
N THR A 15 5.94 6.14 -7.78
CA THR A 15 5.43 7.21 -8.65
C THR A 15 5.53 6.82 -10.13
N ILE A 16 4.38 6.63 -10.77
CA ILE A 16 4.33 6.31 -12.20
C ILE A 16 3.64 7.43 -13.01
N GLU A 17 3.71 7.35 -14.32
CA GLU A 17 3.03 8.33 -15.19
C GLU A 17 2.25 7.64 -16.32
N LYS A 18 0.96 7.98 -16.41
CA LYS A 18 0.06 7.37 -17.42
C LYS A 18 -0.41 8.42 -18.42
N GLY A 19 -1.20 7.99 -19.40
CA GLY A 19 -1.73 8.91 -20.42
C GLY A 19 -0.96 8.85 -21.73
N LYS A 20 -0.68 10.02 -22.31
CA LYS A 20 0.03 10.11 -23.60
C LYS A 20 1.35 10.87 -23.46
N PRO A 21 2.34 10.61 -24.35
CA PRO A 21 3.62 11.34 -24.35
C PRO A 21 3.44 12.87 -24.31
N GLY A 22 4.11 13.52 -23.35
CA GLY A 22 3.94 14.96 -23.16
C GLY A 22 2.82 15.28 -22.17
N GLN A 23 1.64 14.70 -22.40
CA GLN A 23 0.50 14.88 -21.49
C GLN A 23 0.34 13.68 -20.54
N THR A 24 1.22 13.60 -19.54
CA THR A 24 1.19 12.47 -18.60
C THR A 24 0.58 12.87 -17.25
N VAL A 25 -0.13 11.94 -16.63
CA VAL A 25 -0.68 12.12 -15.29
C VAL A 25 0.08 11.27 -14.28
N THR A 26 0.61 11.90 -13.24
CA THR A 26 1.38 11.19 -12.22
C THR A 26 0.47 10.37 -11.29
N TRP A 27 0.61 9.05 -11.33
CA TRP A 27 -0.17 8.17 -10.46
C TRP A 27 0.71 7.54 -9.37
N TYR A 28 0.22 7.58 -8.14
CA TYR A 28 0.94 7.02 -6.99
C TYR A 28 0.40 5.63 -6.64
N GLN A 29 1.25 4.62 -6.79
CA GLN A 29 0.88 3.23 -6.49
C GLN A 29 1.37 2.81 -5.11
N LEU A 30 0.44 2.54 -4.20
CA LEU A 30 0.79 2.05 -2.86
C LEU A 30 1.12 0.54 -2.91
N ARG A 31 2.38 0.20 -2.69
CA ARG A 31 2.82 -1.20 -2.67
C ARG A 31 3.41 -1.56 -1.30
N ALA A 32 3.65 -2.86 -1.07
CA ALA A 32 4.18 -3.33 0.22
C ALA A 32 5.21 -4.46 0.02
N ASP A 33 6.24 -4.46 0.87
CA ASP A 33 7.30 -5.48 0.81
C ASP A 33 6.79 -6.86 1.23
N HIS A 34 5.67 -6.89 1.95
CA HIS A 34 5.10 -8.13 2.48
C HIS A 34 3.69 -8.37 1.92
N PRO A 35 3.37 -9.60 1.45
CA PRO A 35 4.31 -10.74 1.43
C PRO A 35 5.29 -10.69 0.24
N LYS A 36 4.89 -9.99 -0.83
CA LYS A 36 5.72 -9.86 -2.04
C LYS A 36 5.81 -8.39 -2.49
N PRO A 37 7.04 -7.87 -2.73
CA PRO A 37 7.24 -6.47 -3.16
C PRO A 37 6.70 -6.18 -4.58
N ASP A 38 6.00 -7.14 -5.16
CA ASP A 38 5.36 -6.95 -6.46
C ASP A 38 3.85 -6.68 -6.31
N SER A 39 3.37 -6.73 -5.07
CA SER A 39 1.93 -6.58 -4.78
C SER A 39 1.48 -5.11 -4.85
N LEU A 40 0.28 -4.89 -5.38
CA LEU A 40 -0.29 -3.55 -5.51
C LEU A 40 -1.55 -3.38 -4.64
N ILE A 41 -1.53 -2.39 -3.75
CA ILE A 41 -2.66 -2.13 -2.86
C ILE A 41 -3.71 -1.20 -3.50
N SER A 42 -3.26 -0.03 -3.97
CA SER A 42 -4.19 0.96 -4.57
C SER A 42 -3.45 2.02 -5.39
N GLU A 43 -4.15 2.61 -6.37
CA GLU A 43 -3.59 3.68 -7.21
C GLU A 43 -4.33 5.00 -6.96
N HIS A 44 -3.59 6.09 -6.77
CA HIS A 44 -4.20 7.41 -6.53
C HIS A 44 -3.41 8.53 -7.25
N PRO A 45 -4.12 9.52 -7.84
CA PRO A 45 -3.47 10.61 -8.61
C PRO A 45 -2.73 11.63 -7.72
N THR A 46 -3.01 11.63 -6.42
CA THR A 46 -2.33 12.52 -5.47
C THR A 46 -1.51 11.74 -4.44
N ALA A 47 -0.40 12.34 -3.98
CA ALA A 47 0.44 11.71 -2.95
C ALA A 47 -0.31 11.61 -1.61
N GLN A 48 -1.20 12.57 -1.36
CA GLN A 48 -2.00 12.59 -0.13
C GLN A 48 -2.85 11.33 -0.02
N GLU A 49 -3.63 11.03 -1.06
CA GLU A 49 -4.48 9.82 -1.08
C GLU A 49 -3.67 8.54 -0.83
N ALA A 50 -2.53 8.42 -1.51
CA ALA A 50 -1.66 7.26 -1.36
C ALA A 50 -1.16 7.10 0.08
N MET A 51 -0.65 8.19 0.67
CA MET A 51 -0.25 8.21 2.07
C MET A 51 -1.45 7.99 3.00
N ASP A 52 -2.61 8.50 2.58
CA ASP A 52 -3.84 8.42 3.38
C ASP A 52 -4.25 6.96 3.61
N ALA A 53 -4.22 6.18 2.54
CA ALA A 53 -4.49 4.73 2.63
C ALA A 53 -3.35 3.99 3.36
N LYS A 54 -2.12 4.49 3.18
CA LYS A 54 -0.95 3.90 3.85
C LYS A 54 -1.07 3.98 5.37
N LYS A 55 -1.63 5.07 5.87
CA LYS A 55 -1.86 5.24 7.32
C LYS A 55 -2.61 4.03 7.91
N ARG A 56 -3.77 3.73 7.33
CA ARG A 56 -4.58 2.59 7.79
C ARG A 56 -3.90 1.25 7.53
N TYR A 57 -3.04 1.19 6.51
CA TYR A 57 -2.23 0.00 6.26
C TYR A 57 -1.23 -0.23 7.40
N GLU A 58 -0.75 0.86 8.00
CA GLU A 58 0.13 0.78 9.16
C GLU A 58 -0.66 0.47 10.43
N ASP A 59 -1.79 1.17 10.61
CA ASP A 59 -2.68 0.96 11.76
C ASP A 59 -3.37 -0.42 11.71
N PRO A 60 -4.01 -0.84 12.83
CA PRO A 60 -4.84 -2.06 12.86
C PRO A 60 -6.16 -1.88 12.10
N ASP A 61 -6.44 -0.65 11.66
CA ASP A 61 -7.66 -0.34 10.89
C ASP A 61 -7.51 -0.79 9.41
N LYS A 62 -6.75 -1.84 9.18
CA LYS A 62 -6.51 -2.38 7.84
C LYS A 62 -7.72 -3.19 7.35
N GLU A 63 -8.17 -2.92 6.13
CA GLU A 63 -9.40 -3.52 5.60
C GLU A 63 -9.10 -4.64 4.58
N LEU A 64 -7.85 -4.75 4.15
CA LEU A 64 -7.42 -5.78 3.20
C LEU A 64 -7.77 -7.20 3.70
N GLU A 65 -8.46 -7.96 2.86
CA GLU A 65 -8.82 -9.34 3.20
C GLU A 65 -7.58 -10.26 3.23
N HIS A 66 -7.73 -11.43 3.83
CA HIS A 66 -6.65 -12.43 3.86
C HIS A 66 -6.50 -13.08 2.48
N HIS A 67 -5.46 -12.70 1.74
CA HIS A 67 -5.25 -13.20 0.38
C HIS A 67 -4.62 -14.61 0.38
N HIS A 68 -5.10 -15.46 -0.52
CA HIS A 68 -4.65 -16.85 -0.60
C HIS A 68 -3.42 -17.01 -1.50
N HIS A 69 -2.76 -18.17 -1.38
CA HIS A 69 -1.50 -18.44 -2.10
C HIS A 69 -1.77 -18.88 -3.54
N HIS A 70 -1.96 -17.92 -4.44
CA HIS A 70 -2.28 -18.21 -5.84
C HIS A 70 -1.09 -18.87 -6.56
N HIS A 71 -1.37 -20.00 -7.23
CA HIS A 71 -0.36 -20.70 -8.06
C HIS A 71 -0.94 -21.14 -9.41
N MET A 1 -0.62 0.95 20.56
CA MET A 1 -0.36 -0.18 21.50
C MET A 1 0.51 -1.26 20.84
N PRO A 2 1.58 -1.72 21.52
CA PRO A 2 2.48 -2.74 20.96
C PRO A 2 1.80 -4.12 20.77
N THR A 3 1.03 -4.25 19.71
CA THR A 3 0.46 -5.55 19.32
C THR A 3 1.39 -6.25 18.32
N LYS A 4 2.27 -7.11 18.83
CA LYS A 4 3.32 -7.73 18.01
C LYS A 4 2.75 -8.56 16.84
N PRO A 5 2.95 -8.11 15.58
CA PRO A 5 2.58 -8.87 14.40
C PRO A 5 3.71 -9.84 13.95
N PRO A 6 3.35 -10.96 13.30
CA PRO A 6 4.35 -11.93 12.80
C PRO A 6 5.10 -11.42 11.56
N TYR A 7 4.73 -10.22 11.09
CA TYR A 7 5.34 -9.63 9.89
C TYR A 7 5.50 -8.10 10.05
N PRO A 8 6.54 -7.50 9.45
CA PRO A 8 6.69 -6.04 9.41
C PRO A 8 5.59 -5.37 8.56
N ARG A 9 4.84 -4.46 9.16
CA ARG A 9 3.72 -3.82 8.46
C ARG A 9 4.06 -2.38 8.03
N GLU A 10 4.65 -2.25 6.84
CA GLU A 10 4.95 -0.95 6.25
C GLU A 10 4.95 -1.04 4.71
N ALA A 11 4.73 0.11 4.05
CA ALA A 11 4.62 0.14 2.59
C ALA A 11 5.44 1.30 1.99
N TYR A 12 5.42 1.39 0.67
CA TYR A 12 6.13 2.46 -0.04
C TYR A 12 5.35 2.93 -1.29
N ILE A 13 5.38 4.23 -1.54
CA ILE A 13 4.65 4.83 -2.66
C ILE A 13 5.52 4.91 -3.93
N VAL A 14 5.02 4.35 -5.03
CA VAL A 14 5.74 4.38 -6.32
C VAL A 14 5.09 5.37 -7.29
N THR A 15 5.91 6.21 -7.92
CA THR A 15 5.41 7.23 -8.86
C THR A 15 5.41 6.74 -10.32
N ILE A 16 4.22 6.74 -10.93
CA ILE A 16 4.07 6.38 -12.35
C ILE A 16 3.39 7.50 -13.14
N GLU A 17 3.36 7.38 -14.47
CA GLU A 17 2.68 8.38 -15.31
C GLU A 17 1.83 7.72 -16.40
N LYS A 18 0.56 8.11 -16.49
CA LYS A 18 -0.38 7.57 -17.48
C LYS A 18 -0.63 8.57 -18.62
N GLY A 19 -1.37 8.16 -19.65
CA GLY A 19 -1.71 9.07 -20.74
C GLY A 19 -0.85 8.88 -22.00
N LYS A 20 -0.46 9.98 -22.64
CA LYS A 20 0.29 9.95 -23.89
C LYS A 20 1.78 10.25 -23.65
N PRO A 21 2.68 9.76 -24.54
CA PRO A 21 4.11 10.11 -24.48
C PRO A 21 4.32 11.64 -24.52
N GLY A 22 4.83 12.20 -23.41
CA GLY A 22 4.98 13.65 -23.30
C GLY A 22 3.78 14.30 -22.60
N GLN A 23 2.57 13.90 -23.02
CA GLN A 23 1.34 14.37 -22.38
C GLN A 23 0.84 13.36 -21.34
N THR A 24 1.56 13.29 -20.22
CA THR A 24 1.29 12.29 -19.18
C THR A 24 0.54 12.86 -17.98
N VAL A 25 0.05 11.97 -17.12
CA VAL A 25 -0.63 12.33 -15.88
C VAL A 25 0.01 11.61 -14.69
N THR A 26 0.42 12.37 -13.67
CA THR A 26 1.11 11.81 -12.50
C THR A 26 0.17 10.94 -11.63
N TRP A 27 0.57 9.69 -11.40
CA TRP A 27 -0.18 8.76 -10.55
C TRP A 27 0.74 8.10 -9.50
N TYR A 28 0.17 7.74 -8.36
CA TYR A 28 0.93 7.12 -7.28
C TYR A 28 0.41 5.70 -6.97
N GLN A 29 1.25 4.69 -7.20
CA GLN A 29 0.92 3.31 -6.87
C GLN A 29 1.47 2.93 -5.49
N LEU A 30 0.59 2.81 -4.51
CA LEU A 30 1.00 2.36 -3.17
C LEU A 30 1.28 0.85 -3.18
N ARG A 31 2.54 0.48 -3.00
CA ARG A 31 2.94 -0.93 -2.98
C ARG A 31 3.50 -1.32 -1.60
N ALA A 32 3.21 -2.53 -1.14
CA ALA A 32 3.67 -3.00 0.16
C ALA A 32 4.75 -4.08 0.03
N ASP A 33 5.76 -4.01 0.89
CA ASP A 33 6.86 -4.99 0.87
C ASP A 33 6.38 -6.38 1.31
N HIS A 34 5.27 -6.43 2.04
CA HIS A 34 4.75 -7.69 2.59
C HIS A 34 3.30 -7.95 2.13
N PRO A 35 2.96 -9.21 1.73
CA PRO A 35 3.90 -10.35 1.68
C PRO A 35 5.01 -10.19 0.62
N LYS A 36 4.63 -9.90 -0.62
CA LYS A 36 5.61 -9.66 -1.69
C LYS A 36 5.63 -8.18 -2.09
N PRO A 37 6.84 -7.61 -2.33
CA PRO A 37 7.01 -6.17 -2.66
C PRO A 37 6.11 -5.68 -3.82
N ASP A 38 5.79 -6.57 -4.76
CA ASP A 38 4.96 -6.20 -5.91
C ASP A 38 3.46 -6.13 -5.56
N SER A 39 3.14 -6.26 -4.27
CA SER A 39 1.75 -6.19 -3.80
C SER A 39 1.19 -4.76 -3.90
N LEU A 40 0.53 -4.46 -5.02
CA LEU A 40 -0.10 -3.16 -5.21
C LEU A 40 -1.36 -3.03 -4.32
N ILE A 41 -1.30 -2.11 -3.37
CA ILE A 41 -2.41 -1.87 -2.44
C ILE A 41 -3.50 -1.01 -3.10
N SER A 42 -3.11 0.07 -3.78
CA SER A 42 -4.06 0.95 -4.49
C SER A 42 -3.36 2.06 -5.28
N GLU A 43 -3.98 2.48 -6.39
CA GLU A 43 -3.50 3.64 -7.16
C GLU A 43 -4.26 4.91 -6.77
N HIS A 44 -3.53 6.02 -6.62
CA HIS A 44 -4.15 7.32 -6.30
C HIS A 44 -3.43 8.47 -7.03
N PRO A 45 -4.18 9.51 -7.49
CA PRO A 45 -3.60 10.63 -8.24
C PRO A 45 -2.76 11.57 -7.35
N THR A 46 -2.96 11.50 -6.03
CA THR A 46 -2.22 12.32 -5.07
C THR A 46 -1.42 11.45 -4.09
N ALA A 47 -0.30 11.98 -3.61
CA ALA A 47 0.53 11.28 -2.63
C ALA A 47 -0.19 11.17 -1.28
N GLN A 48 -0.99 12.18 -0.95
CA GLN A 48 -1.74 12.21 0.30
C GLN A 48 -2.70 11.01 0.42
N GLU A 49 -3.47 10.76 -0.64
CA GLU A 49 -4.38 9.61 -0.69
C GLU A 49 -3.62 8.27 -0.61
N ALA A 50 -2.44 8.24 -1.21
CA ALA A 50 -1.57 7.07 -1.10
C ALA A 50 -1.09 6.87 0.34
N MET A 51 -0.76 7.97 1.02
CA MET A 51 -0.37 7.93 2.43
C MET A 51 -1.54 7.51 3.33
N ASP A 52 -2.75 7.91 2.97
CA ASP A 52 -3.96 7.51 3.69
C ASP A 52 -4.08 5.98 3.76
N ALA A 53 -4.02 5.34 2.59
CA ALA A 53 -4.09 3.88 2.50
C ALA A 53 -2.84 3.22 3.13
N LYS A 54 -1.70 3.91 3.05
CA LYS A 54 -0.46 3.46 3.68
C LYS A 54 -0.62 3.39 5.21
N LYS A 55 -1.14 4.46 5.79
CA LYS A 55 -1.41 4.51 7.24
C LYS A 55 -2.40 3.40 7.65
N ARG A 56 -3.46 3.22 6.85
CA ARG A 56 -4.43 2.15 7.11
C ARG A 56 -3.75 0.76 7.10
N TYR A 57 -2.79 0.58 6.18
CA TYR A 57 -2.00 -0.65 6.13
C TYR A 57 -1.14 -0.81 7.39
N GLU A 58 -0.58 0.31 7.86
CA GLU A 58 0.27 0.30 9.06
C GLU A 58 -0.56 0.04 10.33
N ASP A 59 -1.79 0.57 10.37
CA ASP A 59 -2.73 0.29 11.46
C ASP A 59 -3.43 -1.07 11.26
N PRO A 60 -4.07 -1.62 12.32
CA PRO A 60 -4.83 -2.88 12.21
C PRO A 60 -6.18 -2.70 11.46
N ASP A 61 -6.15 -2.00 10.32
CA ASP A 61 -7.37 -1.73 9.55
C ASP A 61 -7.96 -3.02 8.94
N LYS A 62 -7.11 -3.79 8.25
CA LYS A 62 -7.53 -5.04 7.61
C LYS A 62 -6.44 -6.12 7.73
N GLU A 63 -6.85 -7.35 8.05
CA GLU A 63 -5.91 -8.47 8.20
C GLU A 63 -5.70 -9.22 6.87
N LEU A 64 -4.48 -9.67 6.61
CA LEU A 64 -4.12 -10.34 5.35
C LEU A 64 -4.01 -11.87 5.52
N GLU A 65 -4.03 -12.35 6.75
CA GLU A 65 -3.89 -13.79 7.03
C GLU A 65 -5.21 -14.55 6.83
N HIS A 66 -5.13 -15.78 6.31
CA HIS A 66 -6.33 -16.60 6.06
C HIS A 66 -6.12 -18.07 6.49
N HIS A 67 -6.44 -18.37 7.75
CA HIS A 67 -6.43 -19.75 8.27
C HIS A 67 -7.70 -20.02 9.08
N HIS A 68 -8.25 -21.23 8.97
CA HIS A 68 -9.56 -21.55 9.58
C HIS A 68 -9.40 -22.17 10.98
N HIS A 69 -9.88 -21.45 12.01
CA HIS A 69 -9.92 -21.99 13.38
C HIS A 69 -8.53 -22.42 13.90
N HIS A 70 -7.48 -21.88 13.29
CA HIS A 70 -6.10 -22.30 13.60
C HIS A 70 -5.41 -21.37 14.60
N HIS A 71 -4.62 -21.97 15.50
CA HIS A 71 -3.71 -21.21 16.39
C HIS A 71 -2.40 -21.99 16.62
N MET A 1 8.60 -10.22 30.58
CA MET A 1 7.27 -10.40 29.93
C MET A 1 7.43 -10.61 28.42
N PRO A 2 7.05 -11.79 27.89
CA PRO A 2 7.09 -12.07 26.44
C PRO A 2 6.15 -11.14 25.64
N THR A 3 6.72 -10.28 24.81
CA THR A 3 5.94 -9.33 24.00
C THR A 3 5.54 -9.92 22.65
N LYS A 4 6.45 -10.67 22.03
CA LYS A 4 6.24 -11.26 20.70
C LYS A 4 5.95 -10.18 19.64
N PRO A 5 7.00 -9.69 18.97
CA PRO A 5 6.89 -8.58 17.98
C PRO A 5 5.92 -8.87 16.83
N PRO A 6 5.16 -7.85 16.37
CA PRO A 6 4.30 -7.98 15.18
C PRO A 6 5.11 -8.01 13.87
N TYR A 7 4.71 -8.89 12.95
CA TYR A 7 5.43 -9.07 11.69
C TYR A 7 5.48 -7.77 10.86
N PRO A 8 6.61 -7.53 10.13
CA PRO A 8 6.85 -6.26 9.42
C PRO A 8 5.72 -5.82 8.47
N ARG A 9 4.84 -4.96 8.97
CA ARG A 9 3.78 -4.35 8.15
C ARG A 9 4.30 -3.05 7.51
N GLU A 10 4.91 -3.17 6.32
CA GLU A 10 5.58 -2.03 5.68
C GLU A 10 5.08 -1.80 4.25
N ALA A 11 4.66 -0.56 3.96
CA ALA A 11 4.25 -0.18 2.59
C ALA A 11 5.11 0.99 2.06
N TYR A 12 5.21 1.10 0.75
CA TYR A 12 5.96 2.18 0.11
C TYR A 12 5.23 2.74 -1.12
N ILE A 13 5.31 4.07 -1.30
CA ILE A 13 4.64 4.75 -2.41
C ILE A 13 5.58 4.92 -3.62
N VAL A 14 5.10 4.55 -4.81
CA VAL A 14 5.87 4.67 -6.04
C VAL A 14 5.19 5.63 -7.03
N THR A 15 5.94 6.61 -7.52
CA THR A 15 5.40 7.59 -8.48
C THR A 15 5.51 7.10 -9.93
N ILE A 16 4.37 6.82 -10.55
CA ILE A 16 4.31 6.46 -11.98
C ILE A 16 3.55 7.54 -12.78
N GLU A 17 3.48 7.37 -14.10
CA GLU A 17 2.75 8.31 -14.95
C GLU A 17 1.97 7.58 -16.06
N LYS A 18 0.68 7.86 -16.15
CA LYS A 18 -0.20 7.25 -17.17
C LYS A 18 -0.52 8.26 -18.29
N GLY A 19 -1.13 7.79 -19.37
CA GLY A 19 -1.53 8.69 -20.45
C GLY A 19 -0.55 8.70 -21.62
N LYS A 20 -0.72 9.67 -22.53
CA LYS A 20 0.13 9.79 -23.73
C LYS A 20 1.56 10.24 -23.38
N PRO A 21 2.58 9.70 -24.10
CA PRO A 21 3.97 10.12 -23.90
C PRO A 21 4.15 11.65 -24.04
N GLY A 22 4.61 12.28 -22.97
CA GLY A 22 4.71 13.74 -22.94
C GLY A 22 3.54 14.39 -22.20
N GLN A 23 2.33 13.96 -22.52
CA GLN A 23 1.12 14.44 -21.85
C GLN A 23 0.66 13.43 -20.78
N THR A 24 1.51 13.17 -19.80
CA THR A 24 1.25 12.13 -18.78
C THR A 24 0.70 12.71 -17.47
N VAL A 25 -0.04 11.87 -16.75
CA VAL A 25 -0.56 12.22 -15.41
C VAL A 25 0.14 11.39 -14.33
N THR A 26 0.69 12.07 -13.32
CA THR A 26 1.41 11.39 -12.24
C THR A 26 0.47 10.63 -11.29
N TRP A 27 0.62 9.30 -11.26
CA TRP A 27 -0.16 8.45 -10.35
C TRP A 27 0.74 7.85 -9.26
N TYR A 28 0.21 7.75 -8.05
CA TYR A 28 0.95 7.18 -6.92
C TYR A 28 0.45 5.75 -6.62
N GLN A 29 1.32 4.76 -6.80
CA GLN A 29 0.98 3.37 -6.47
C GLN A 29 1.44 2.99 -5.07
N LEU A 30 0.49 2.63 -4.21
CA LEU A 30 0.82 2.14 -2.87
C LEU A 30 1.13 0.63 -2.91
N ARG A 31 2.39 0.28 -2.70
CA ARG A 31 2.84 -1.11 -2.77
C ARG A 31 3.39 -1.59 -1.41
N ALA A 32 3.57 -2.89 -1.27
CA ALA A 32 4.14 -3.46 -0.02
C ALA A 32 5.24 -4.48 -0.31
N ASP A 33 6.28 -4.50 0.54
CA ASP A 33 7.38 -5.46 0.40
C ASP A 33 7.01 -6.86 0.92
N HIS A 34 6.11 -6.91 1.91
CA HIS A 34 5.73 -8.17 2.55
C HIS A 34 4.32 -8.62 2.12
N PRO A 35 4.16 -9.89 1.67
CA PRO A 35 5.27 -10.85 1.49
C PRO A 35 5.99 -10.72 0.13
N LYS A 36 5.29 -10.15 -0.84
CA LYS A 36 5.83 -9.96 -2.20
C LYS A 36 5.92 -8.48 -2.56
N PRO A 37 6.99 -8.05 -3.26
CA PRO A 37 7.15 -6.65 -3.72
C PRO A 37 6.02 -6.23 -4.66
N ASP A 38 5.40 -7.21 -5.31
CA ASP A 38 4.32 -6.98 -6.27
C ASP A 38 2.96 -6.81 -5.55
N SER A 39 2.99 -6.66 -4.22
CA SER A 39 1.76 -6.44 -3.46
C SER A 39 1.23 -5.03 -3.65
N LEU A 40 0.38 -4.85 -4.66
CA LEU A 40 -0.24 -3.55 -4.94
C LEU A 40 -1.51 -3.36 -4.11
N ILE A 41 -1.57 -2.26 -3.35
CA ILE A 41 -2.73 -1.96 -2.51
C ILE A 41 -3.76 -1.09 -3.24
N SER A 42 -3.31 0.04 -3.78
CA SER A 42 -4.22 0.97 -4.48
C SER A 42 -3.45 2.06 -5.25
N GLU A 43 -4.06 2.57 -6.32
CA GLU A 43 -3.51 3.69 -7.09
C GLU A 43 -4.28 4.99 -6.80
N HIS A 44 -3.57 6.08 -6.58
CA HIS A 44 -4.21 7.37 -6.31
C HIS A 44 -3.51 8.52 -7.07
N PRO A 45 -4.28 9.45 -7.66
CA PRO A 45 -3.72 10.56 -8.46
C PRO A 45 -3.13 11.69 -7.60
N THR A 46 -3.27 11.58 -6.28
CA THR A 46 -2.75 12.60 -5.35
C THR A 46 -1.91 11.95 -4.23
N ALA A 47 -0.85 12.65 -3.81
CA ALA A 47 0.04 12.16 -2.76
C ALA A 47 -0.71 11.96 -1.44
N GLN A 48 -1.65 12.87 -1.13
CA GLN A 48 -2.46 12.77 0.09
C GLN A 48 -3.18 11.42 0.16
N GLU A 49 -3.85 11.04 -0.93
CA GLU A 49 -4.59 9.77 -0.99
C GLU A 49 -3.64 8.56 -0.86
N ALA A 50 -2.44 8.68 -1.42
CA ALA A 50 -1.43 7.63 -1.30
C ALA A 50 -0.97 7.47 0.16
N MET A 51 -0.55 8.58 0.77
CA MET A 51 -0.15 8.61 2.19
C MET A 51 -1.31 8.21 3.11
N ASP A 52 -2.51 8.65 2.75
CA ASP A 52 -3.72 8.35 3.52
C ASP A 52 -3.97 6.83 3.56
N ALA A 53 -3.97 6.20 2.39
CA ALA A 53 -4.13 4.75 2.30
C ALA A 53 -2.98 4.00 3.00
N LYS A 54 -1.76 4.53 2.85
CA LYS A 54 -0.58 3.93 3.49
C LYS A 54 -0.76 3.82 5.01
N LYS A 55 -1.06 4.94 5.67
CA LYS A 55 -1.26 4.94 7.12
C LYS A 55 -2.38 3.97 7.51
N ARG A 56 -3.45 3.94 6.72
CA ARG A 56 -4.60 3.04 6.96
C ARG A 56 -4.23 1.57 6.75
N TYR A 57 -3.21 1.31 5.93
CA TYR A 57 -2.68 -0.04 5.73
C TYR A 57 -1.79 -0.48 6.91
N GLU A 58 -1.14 0.48 7.55
CA GLU A 58 -0.21 0.18 8.66
C GLU A 58 -0.81 0.46 10.06
N ASP A 59 -1.92 1.21 10.13
CA ASP A 59 -2.57 1.52 11.42
C ASP A 59 -3.23 0.27 12.04
N PRO A 60 -3.48 0.28 13.37
CA PRO A 60 -4.19 -0.82 14.06
C PRO A 60 -5.59 -1.10 13.47
N ASP A 61 -6.25 -0.04 13.01
CA ASP A 61 -7.57 -0.16 12.37
C ASP A 61 -7.43 -0.69 10.94
N LYS A 62 -7.65 -2.00 10.78
CA LYS A 62 -7.49 -2.66 9.47
C LYS A 62 -8.78 -3.32 8.98
N GLU A 63 -8.96 -3.34 7.65
CA GLU A 63 -10.05 -4.08 7.00
C GLU A 63 -11.44 -3.70 7.55
N LEU A 64 -11.60 -2.45 7.95
CA LEU A 64 -12.87 -1.96 8.52
C LEU A 64 -13.97 -1.82 7.46
N GLU A 65 -13.65 -2.13 6.20
CA GLU A 65 -14.62 -2.01 5.09
C GLU A 65 -15.73 -3.07 5.19
N HIS A 66 -16.80 -2.73 5.90
CA HIS A 66 -17.99 -3.59 5.95
C HIS A 66 -19.07 -3.06 5.00
N HIS A 67 -19.05 -3.54 3.77
CA HIS A 67 -20.00 -3.10 2.74
C HIS A 67 -21.26 -3.97 2.78
N HIS A 68 -22.43 -3.38 2.54
CA HIS A 68 -23.70 -4.10 2.67
C HIS A 68 -23.81 -5.27 1.65
N HIS A 69 -22.92 -5.31 0.67
CA HIS A 69 -22.86 -6.41 -0.29
C HIS A 69 -21.47 -7.07 -0.31
N HIS A 70 -20.65 -6.80 0.72
CA HIS A 70 -19.30 -7.38 0.83
C HIS A 70 -18.68 -7.13 2.22
N HIS A 71 -18.39 -8.21 2.94
CA HIS A 71 -17.78 -8.12 4.28
C HIS A 71 -16.56 -9.07 4.40
N MET A 1 4.91 -16.04 22.23
CA MET A 1 5.69 -15.07 21.40
C MET A 1 6.01 -15.63 20.02
N PRO A 2 5.40 -15.08 18.95
CA PRO A 2 5.78 -15.41 17.56
C PRO A 2 7.25 -15.04 17.31
N THR A 3 8.13 -16.04 17.37
CA THR A 3 9.59 -15.81 17.29
C THR A 3 10.03 -15.29 15.92
N LYS A 4 9.90 -13.99 15.73
CA LYS A 4 10.38 -13.31 14.52
C LYS A 4 10.63 -11.81 14.81
N PRO A 5 11.69 -11.23 14.23
CA PRO A 5 12.01 -9.79 14.43
C PRO A 5 10.84 -8.87 14.10
N PRO A 6 10.64 -7.77 14.86
CA PRO A 6 9.57 -6.79 14.61
C PRO A 6 9.75 -6.07 13.26
N TYR A 7 8.81 -5.19 12.92
CA TYR A 7 8.80 -4.52 11.61
C TYR A 7 8.64 -5.58 10.48
N PRO A 8 7.50 -6.29 10.46
CA PRO A 8 7.25 -7.38 9.51
C PRO A 8 6.57 -6.94 8.21
N ARG A 9 6.37 -5.63 8.04
CA ARG A 9 5.73 -5.11 6.83
C ARG A 9 5.92 -3.59 6.70
N GLU A 10 6.05 -3.11 5.45
CA GLU A 10 6.08 -1.67 5.17
C GLU A 10 5.54 -1.40 3.76
N ALA A 11 4.99 -0.22 3.54
CA ALA A 11 4.51 0.19 2.21
C ALA A 11 5.36 1.35 1.65
N TYR A 12 5.21 1.62 0.36
CA TYR A 12 5.94 2.74 -0.27
C TYR A 12 5.22 3.26 -1.53
N ILE A 13 5.29 4.58 -1.73
CA ILE A 13 4.56 5.24 -2.83
C ILE A 13 5.46 5.47 -4.05
N VAL A 14 5.17 4.75 -5.14
CA VAL A 14 5.92 4.89 -6.40
C VAL A 14 5.08 5.63 -7.46
N THR A 15 5.64 6.70 -8.03
CA THR A 15 4.92 7.49 -9.06
C THR A 15 5.14 6.90 -10.47
N ILE A 16 4.05 6.60 -11.16
CA ILE A 16 4.12 6.03 -12.52
C ILE A 16 3.54 6.99 -13.56
N GLU A 17 4.00 6.85 -14.80
CA GLU A 17 3.53 7.72 -15.89
C GLU A 17 2.50 7.01 -16.78
N LYS A 18 1.25 7.45 -16.70
CA LYS A 18 0.18 6.93 -17.55
C LYS A 18 -0.16 7.94 -18.66
N GLY A 19 -1.09 7.58 -19.55
CA GLY A 19 -1.53 8.50 -20.58
C GLY A 19 -0.69 8.45 -21.86
N LYS A 20 -0.37 9.63 -22.39
CA LYS A 20 0.39 9.74 -23.65
C LYS A 20 1.86 10.10 -23.40
N PRO A 21 2.76 9.83 -24.38
CA PRO A 21 4.14 10.34 -24.32
C PRO A 21 4.19 11.87 -24.27
N GLY A 22 4.99 12.42 -23.35
CA GLY A 22 5.02 13.87 -23.16
C GLY A 22 3.86 14.37 -22.31
N GLN A 23 2.63 14.17 -22.80
CA GLN A 23 1.43 14.49 -22.03
C GLN A 23 1.03 13.31 -21.14
N THR A 24 1.77 13.13 -20.04
CA THR A 24 1.55 12.01 -19.11
C THR A 24 0.64 12.38 -17.94
N VAL A 25 0.15 11.37 -17.25
CA VAL A 25 -0.59 11.54 -16.00
C VAL A 25 0.11 10.76 -14.87
N THR A 26 0.69 11.49 -13.92
CA THR A 26 1.45 10.85 -12.83
C THR A 26 0.52 10.28 -11.74
N TRP A 27 0.54 8.96 -11.59
CA TRP A 27 -0.27 8.27 -10.58
C TRP A 27 0.61 7.73 -9.43
N TYR A 28 0.10 7.86 -8.21
CA TYR A 28 0.81 7.37 -7.03
C TYR A 28 0.39 5.93 -6.68
N GLN A 29 1.33 4.99 -6.81
CA GLN A 29 1.07 3.58 -6.49
C GLN A 29 1.57 3.23 -5.09
N LEU A 30 0.66 2.85 -4.21
CA LEU A 30 1.04 2.35 -2.89
C LEU A 30 1.34 0.85 -2.95
N ARG A 31 2.63 0.50 -2.93
CA ARG A 31 3.05 -0.91 -2.96
C ARG A 31 3.51 -1.36 -1.56
N ALA A 32 3.31 -2.62 -1.22
CA ALA A 32 3.68 -3.13 0.11
C ALA A 32 4.64 -4.32 0.02
N ASP A 33 5.50 -4.46 1.03
CA ASP A 33 6.58 -5.46 1.04
C ASP A 33 6.06 -6.91 1.11
N HIS A 34 4.86 -7.11 1.66
CA HIS A 34 4.29 -8.46 1.81
C HIS A 34 2.92 -8.60 1.09
N PRO A 35 2.64 -9.77 0.45
CA PRO A 35 3.54 -10.94 0.43
C PRO A 35 4.74 -10.77 -0.53
N LYS A 36 4.56 -9.97 -1.58
CA LYS A 36 5.65 -9.63 -2.50
C LYS A 36 5.86 -8.11 -2.55
N PRO A 37 7.12 -7.66 -2.66
CA PRO A 37 7.47 -6.22 -2.52
C PRO A 37 6.64 -5.27 -3.42
N ASP A 38 6.23 -5.73 -4.60
CA ASP A 38 5.49 -4.88 -5.54
C ASP A 38 3.97 -5.12 -5.48
N SER A 39 3.48 -5.69 -4.38
CA SER A 39 2.03 -5.86 -4.19
C SER A 39 1.32 -4.50 -4.15
N LEU A 40 0.70 -4.13 -5.27
CA LEU A 40 0.03 -2.84 -5.41
C LEU A 40 -1.28 -2.78 -4.60
N ILE A 41 -1.26 -2.03 -3.50
CA ILE A 41 -2.44 -1.83 -2.66
C ILE A 41 -3.52 -1.03 -3.43
N SER A 42 -3.14 0.13 -3.96
CA SER A 42 -4.09 1.00 -4.68
C SER A 42 -3.38 2.15 -5.41
N GLU A 43 -3.94 2.59 -6.54
CA GLU A 43 -3.42 3.73 -7.31
C GLU A 43 -4.27 4.99 -7.06
N HIS A 44 -3.63 6.08 -6.63
CA HIS A 44 -4.33 7.36 -6.36
C HIS A 44 -3.67 8.53 -7.09
N PRO A 45 -4.46 9.55 -7.49
CA PRO A 45 -3.93 10.75 -8.18
C PRO A 45 -3.16 11.71 -7.24
N THR A 46 -3.42 11.62 -5.93
CA THR A 46 -2.73 12.46 -4.93
C THR A 46 -1.92 11.63 -3.94
N ALA A 47 -0.86 12.23 -3.40
CA ALA A 47 -0.04 11.57 -2.36
C ALA A 47 -0.82 11.41 -1.05
N GLN A 48 -1.67 12.40 -0.74
CA GLN A 48 -2.47 12.39 0.49
C GLN A 48 -3.29 11.09 0.65
N GLU A 49 -3.99 10.72 -0.42
CA GLU A 49 -4.79 9.48 -0.43
C GLU A 49 -3.93 8.24 -0.17
N ALA A 50 -2.76 8.18 -0.82
CA ALA A 50 -1.83 7.06 -0.65
C ALA A 50 -1.23 7.02 0.76
N MET A 51 -0.88 8.19 1.30
CA MET A 51 -0.35 8.29 2.67
C MET A 51 -1.40 7.86 3.70
N ASP A 52 -2.63 8.31 3.51
CA ASP A 52 -3.75 7.89 4.36
C ASP A 52 -3.87 6.36 4.39
N ALA A 53 -3.89 5.76 3.20
CA ALA A 53 -3.98 4.30 3.07
C ALA A 53 -2.77 3.61 3.72
N LYS A 54 -1.60 4.23 3.62
CA LYS A 54 -0.37 3.68 4.20
C LYS A 54 -0.46 3.61 5.74
N LYS A 55 -0.74 4.74 6.39
CA LYS A 55 -0.94 4.76 7.85
C LYS A 55 -2.09 3.82 8.26
N ARG A 56 -3.19 3.89 7.51
CA ARG A 56 -4.39 3.09 7.81
C ARG A 56 -4.12 1.58 7.63
N TYR A 57 -3.21 1.25 6.71
CA TYR A 57 -2.77 -0.14 6.49
C TYR A 57 -1.98 -0.66 7.70
N GLU A 58 -1.10 0.20 8.24
CA GLU A 58 -0.28 -0.17 9.40
C GLU A 58 -1.06 -0.09 10.72
N ASP A 59 -2.29 0.43 10.70
CA ASP A 59 -3.12 0.51 11.89
C ASP A 59 -3.33 -0.88 12.54
N PRO A 60 -2.81 -1.08 13.77
CA PRO A 60 -2.82 -2.39 14.43
C PRO A 60 -4.15 -2.71 15.15
N ASP A 61 -5.09 -3.29 14.41
CA ASP A 61 -6.33 -3.80 15.00
C ASP A 61 -6.09 -5.20 15.61
N LYS A 62 -5.82 -5.24 16.91
CA LYS A 62 -5.44 -6.49 17.58
C LYS A 62 -5.83 -6.52 19.07
N GLU A 63 -6.72 -7.45 19.42
CA GLU A 63 -7.07 -7.70 20.83
C GLU A 63 -5.92 -8.45 21.52
N LEU A 64 -5.35 -7.87 22.59
CA LEU A 64 -4.22 -8.49 23.28
C LEU A 64 -4.24 -8.26 24.80
N GLU A 65 -3.31 -8.90 25.50
CA GLU A 65 -3.17 -8.75 26.95
C GLU A 65 -2.04 -7.77 27.31
N HIS A 66 -2.40 -6.57 27.73
CA HIS A 66 -1.42 -5.63 28.27
C HIS A 66 -1.22 -5.87 29.77
N HIS A 67 -0.04 -5.53 30.29
CA HIS A 67 0.28 -5.76 31.71
C HIS A 67 -0.78 -5.12 32.63
N HIS A 68 -1.57 -5.94 33.31
CA HIS A 68 -2.62 -5.44 34.21
C HIS A 68 -2.73 -6.27 35.50
N HIS A 69 -2.98 -5.59 36.60
CA HIS A 69 -3.13 -6.25 37.91
C HIS A 69 -4.38 -7.14 37.96
N HIS A 70 -4.16 -8.46 37.94
CA HIS A 70 -5.27 -9.41 38.08
C HIS A 70 -5.47 -9.81 39.54
N HIS A 71 -6.72 -10.07 39.91
CA HIS A 71 -7.07 -10.49 41.28
C HIS A 71 -6.43 -11.85 41.63
N MET A 1 5.90 -23.14 24.09
CA MET A 1 4.90 -22.08 23.73
C MET A 1 4.68 -22.00 22.21
N PRO A 2 3.42 -21.83 21.78
CA PRO A 2 3.06 -21.66 20.36
C PRO A 2 3.42 -20.27 19.80
N THR A 3 4.53 -19.70 20.26
CA THR A 3 4.93 -18.33 19.89
C THR A 3 5.02 -18.15 18.36
N LYS A 4 4.17 -17.28 17.82
CA LYS A 4 4.15 -17.00 16.38
C LYS A 4 4.92 -15.72 16.03
N PRO A 5 5.87 -15.80 15.07
CA PRO A 5 6.58 -14.61 14.57
C PRO A 5 5.64 -13.62 13.85
N PRO A 6 5.54 -12.37 14.35
CA PRO A 6 4.63 -11.36 13.80
C PRO A 6 5.04 -10.87 12.40
N TYR A 7 4.08 -10.28 11.68
CA TYR A 7 4.30 -9.84 10.30
C TYR A 7 4.49 -8.30 10.23
N PRO A 8 5.72 -7.81 9.97
CA PRO A 8 5.97 -6.37 9.80
C PRO A 8 5.20 -5.79 8.62
N ARG A 9 4.12 -5.06 8.91
CA ARG A 9 3.24 -4.53 7.86
C ARG A 9 3.77 -3.19 7.33
N GLU A 10 4.58 -3.26 6.27
CA GLU A 10 5.24 -2.07 5.72
C GLU A 10 4.73 -1.75 4.31
N ALA A 11 4.39 -0.48 4.08
CA ALA A 11 3.94 0.00 2.77
C ALA A 11 4.72 1.24 2.33
N TYR A 12 4.73 1.51 1.02
CA TYR A 12 5.50 2.64 0.47
C TYR A 12 4.87 3.19 -0.82
N ILE A 13 5.14 4.46 -1.11
CA ILE A 13 4.56 5.14 -2.27
C ILE A 13 5.51 5.17 -3.48
N VAL A 14 5.03 4.73 -4.64
CA VAL A 14 5.81 4.77 -5.90
C VAL A 14 5.14 5.72 -6.92
N THR A 15 5.95 6.46 -7.68
CA THR A 15 5.42 7.38 -8.70
C THR A 15 5.54 6.82 -10.12
N ILE A 16 4.44 6.82 -10.85
CA ILE A 16 4.42 6.37 -12.25
C ILE A 16 3.68 7.36 -13.14
N GLU A 17 3.66 7.11 -14.45
CA GLU A 17 2.95 7.96 -15.40
C GLU A 17 2.18 7.13 -16.43
N LYS A 18 0.94 7.55 -16.73
CA LYS A 18 0.10 6.86 -17.72
C LYS A 18 -0.43 7.85 -18.78
N GLY A 19 -0.95 7.31 -19.89
CA GLY A 19 -1.57 8.15 -20.91
C GLY A 19 -0.69 8.44 -22.13
N LYS A 20 -0.75 9.67 -22.62
CA LYS A 20 -0.07 10.07 -23.86
C LYS A 20 1.38 10.50 -23.61
N PRO A 21 2.24 10.44 -24.66
CA PRO A 21 3.63 10.93 -24.55
C PRO A 21 3.68 12.46 -24.34
N GLY A 22 4.60 12.93 -23.50
CA GLY A 22 4.68 14.35 -23.18
C GLY A 22 3.62 14.77 -22.15
N GLN A 23 2.35 14.61 -22.51
CA GLN A 23 1.23 14.89 -21.60
C GLN A 23 0.81 13.63 -20.83
N THR A 24 1.66 13.20 -19.90
CA THR A 24 1.40 12.02 -19.06
C THR A 24 0.73 12.42 -17.74
N VAL A 25 0.06 11.46 -17.10
CA VAL A 25 -0.58 11.69 -15.80
C VAL A 25 0.16 10.96 -14.67
N THR A 26 0.51 11.71 -13.61
CA THR A 26 1.24 11.14 -12.48
C THR A 26 0.32 10.32 -11.55
N TRP A 27 0.59 9.02 -11.46
CA TRP A 27 -0.16 8.14 -10.56
C TRP A 27 0.72 7.64 -9.41
N TYR A 28 0.22 7.75 -8.19
CA TYR A 28 0.93 7.27 -7.01
C TYR A 28 0.44 5.86 -6.62
N GLN A 29 1.32 4.88 -6.73
CA GLN A 29 1.00 3.50 -6.38
C GLN A 29 1.42 3.17 -4.95
N LEU A 30 0.46 2.79 -4.12
CA LEU A 30 0.77 2.31 -2.78
C LEU A 30 1.12 0.81 -2.84
N ARG A 31 2.39 0.48 -2.66
CA ARG A 31 2.85 -0.91 -2.67
C ARG A 31 3.32 -1.36 -1.28
N ALA A 32 3.39 -2.66 -1.07
CA ALA A 32 3.86 -3.22 0.20
C ALA A 32 5.06 -4.16 -0.01
N ASP A 33 5.75 -4.50 1.08
CA ASP A 33 6.93 -5.37 1.02
C ASP A 33 6.55 -6.86 1.07
N HIS A 34 5.54 -7.21 1.87
CA HIS A 34 5.06 -8.60 1.99
C HIS A 34 3.61 -8.74 1.48
N PRO A 35 3.26 -9.92 0.91
CA PRO A 35 4.17 -11.05 0.69
C PRO A 35 5.03 -10.91 -0.58
N LYS A 36 4.79 -9.83 -1.32
CA LYS A 36 5.54 -9.50 -2.53
C LYS A 36 5.79 -7.99 -2.60
N PRO A 37 7.02 -7.56 -2.95
CA PRO A 37 7.32 -6.12 -3.14
C PRO A 37 6.49 -5.51 -4.28
N ASP A 38 6.00 -6.38 -5.15
CA ASP A 38 5.14 -5.97 -6.27
C ASP A 38 3.68 -5.76 -5.81
N SER A 39 3.41 -6.04 -4.54
CA SER A 39 2.03 -5.96 -3.99
C SER A 39 1.44 -4.55 -4.11
N LEU A 40 0.65 -4.34 -5.17
CA LEU A 40 -0.04 -3.07 -5.37
C LEU A 40 -1.33 -3.01 -4.55
N ILE A 41 -1.32 -2.22 -3.48
CA ILE A 41 -2.49 -2.05 -2.61
C ILE A 41 -3.59 -1.24 -3.31
N SER A 42 -3.22 -0.07 -3.83
CA SER A 42 -4.16 0.81 -4.55
C SER A 42 -3.43 1.99 -5.23
N GLU A 43 -3.98 2.45 -6.36
CA GLU A 43 -3.43 3.60 -7.09
C GLU A 43 -4.25 4.88 -6.80
N HIS A 44 -3.57 6.02 -6.67
CA HIS A 44 -4.25 7.30 -6.44
C HIS A 44 -3.52 8.45 -7.16
N PRO A 45 -4.27 9.41 -7.74
CA PRO A 45 -3.68 10.54 -8.48
C PRO A 45 -3.02 11.59 -7.56
N THR A 46 -3.30 11.49 -6.25
CA THR A 46 -2.70 12.39 -5.25
C THR A 46 -1.93 11.60 -4.18
N ALA A 47 -0.80 12.15 -3.75
CA ALA A 47 0.03 11.50 -2.74
C ALA A 47 -0.66 11.46 -1.37
N GLN A 48 -1.48 12.47 -1.08
CA GLN A 48 -2.25 12.52 0.19
C GLN A 48 -3.08 11.23 0.37
N GLU A 49 -3.77 10.83 -0.69
CA GLU A 49 -4.54 9.57 -0.68
C GLU A 49 -3.63 8.35 -0.45
N ALA A 50 -2.45 8.38 -1.08
CA ALA A 50 -1.46 7.32 -0.89
C ALA A 50 -0.96 7.28 0.57
N MET A 51 -0.79 8.46 1.17
CA MET A 51 -0.36 8.57 2.57
C MET A 51 -1.45 8.07 3.53
N ASP A 52 -2.67 8.58 3.38
CA ASP A 52 -3.80 8.14 4.22
C ASP A 52 -4.05 6.63 4.11
N ALA A 53 -3.94 6.09 2.90
CA ALA A 53 -4.06 4.65 2.71
C ALA A 53 -2.87 3.90 3.35
N LYS A 54 -1.67 4.46 3.21
CA LYS A 54 -0.44 3.89 3.79
C LYS A 54 -0.50 3.83 5.33
N LYS A 55 -0.68 4.98 5.98
CA LYS A 55 -0.75 5.07 7.44
C LYS A 55 -1.85 4.16 8.01
N ARG A 56 -2.96 4.06 7.29
CA ARG A 56 -4.12 3.27 7.72
C ARG A 56 -3.93 1.77 7.42
N TYR A 57 -3.12 1.46 6.41
CA TYR A 57 -2.83 0.06 6.07
C TYR A 57 -1.74 -0.54 6.97
N GLU A 58 -0.68 0.24 7.23
CA GLU A 58 0.42 -0.21 8.10
C GLU A 58 -0.08 -0.44 9.54
N ASP A 59 -1.31 0.00 9.79
CA ASP A 59 -2.00 -0.28 11.05
C ASP A 59 -3.02 -1.44 10.82
N PRO A 60 -3.14 -2.37 11.78
CA PRO A 60 -4.03 -3.55 11.64
C PRO A 60 -5.52 -3.22 11.39
N ASP A 61 -5.88 -1.94 11.48
CA ASP A 61 -7.27 -1.50 11.26
C ASP A 61 -7.78 -1.88 9.86
N LYS A 62 -7.01 -1.53 8.82
CA LYS A 62 -7.44 -1.80 7.44
C LYS A 62 -7.04 -3.21 6.97
N GLU A 63 -8.03 -4.04 6.68
CA GLU A 63 -7.79 -5.38 6.13
C GLU A 63 -8.45 -5.54 4.76
N LEU A 64 -8.33 -6.73 4.18
CA LEU A 64 -8.96 -7.05 2.90
C LEU A 64 -9.10 -8.58 2.72
N GLU A 65 -10.21 -9.13 3.18
CA GLU A 65 -10.46 -10.58 3.08
C GLU A 65 -11.13 -10.94 1.75
N HIS A 66 -11.30 -12.24 1.52
CA HIS A 66 -11.97 -12.73 0.31
C HIS A 66 -12.70 -14.07 0.57
N HIS A 67 -14.03 -14.03 0.54
CA HIS A 67 -14.83 -15.25 0.68
C HIS A 67 -14.74 -16.10 -0.59
N HIS A 68 -14.45 -15.43 -1.71
CA HIS A 68 -14.15 -16.11 -2.98
C HIS A 68 -13.22 -15.23 -3.83
N HIS A 69 -12.19 -15.83 -4.43
CA HIS A 69 -11.19 -15.07 -5.21
C HIS A 69 -11.78 -14.45 -6.49
N HIS A 70 -11.32 -13.25 -6.82
CA HIS A 70 -11.72 -12.58 -8.08
C HIS A 70 -10.93 -13.15 -9.26
N HIS A 71 -9.65 -13.44 -9.02
CA HIS A 71 -8.73 -13.96 -10.05
C HIS A 71 -8.48 -12.93 -11.17
N MET A 1 -4.97 -17.04 21.80
CA MET A 1 -4.45 -15.66 21.94
C MET A 1 -3.45 -15.34 20.83
N PRO A 2 -3.58 -14.17 20.17
CA PRO A 2 -2.71 -13.79 19.04
C PRO A 2 -1.21 -13.71 19.41
N THR A 3 -0.44 -14.71 18.98
CA THR A 3 1.03 -14.66 19.08
C THR A 3 1.62 -13.86 17.91
N LYS A 4 2.50 -12.91 18.21
CA LYS A 4 3.04 -12.00 17.19
C LYS A 4 4.35 -12.53 16.59
N PRO A 5 4.33 -12.97 15.31
CA PRO A 5 5.55 -13.37 14.60
C PRO A 5 6.18 -12.20 13.82
N PRO A 6 7.52 -12.15 13.70
CA PRO A 6 8.21 -11.10 12.92
C PRO A 6 7.68 -11.00 11.48
N TYR A 7 6.71 -10.11 11.27
CA TYR A 7 6.14 -9.90 9.94
C TYR A 7 5.73 -8.42 9.76
N PRO A 8 6.71 -7.53 9.54
CA PRO A 8 6.47 -6.09 9.37
C PRO A 8 5.84 -5.75 8.01
N ARG A 9 4.55 -5.41 8.02
CA ARG A 9 3.86 -5.02 6.80
C ARG A 9 4.21 -3.56 6.43
N GLU A 10 5.34 -3.38 5.75
CA GLU A 10 5.83 -2.05 5.40
C GLU A 10 5.26 -1.58 4.05
N ALA A 11 4.59 -0.42 4.05
CA ALA A 11 4.01 0.14 2.82
C ALA A 11 4.82 1.35 2.32
N TYR A 12 4.88 1.52 1.01
CA TYR A 12 5.62 2.65 0.41
C TYR A 12 4.94 3.18 -0.86
N ILE A 13 5.17 4.46 -1.15
CA ILE A 13 4.56 5.12 -2.31
C ILE A 13 5.49 5.13 -3.54
N VAL A 14 4.94 4.81 -4.71
CA VAL A 14 5.69 4.81 -5.96
C VAL A 14 5.01 5.72 -7.00
N THR A 15 5.80 6.55 -7.69
CA THR A 15 5.27 7.49 -8.68
C THR A 15 5.36 6.93 -10.11
N ILE A 16 4.22 6.89 -10.81
CA ILE A 16 4.16 6.39 -12.19
C ILE A 16 3.51 7.42 -13.12
N GLU A 17 3.58 7.16 -14.43
CA GLU A 17 2.97 8.03 -15.44
C GLU A 17 2.08 7.22 -16.40
N LYS A 18 0.88 7.74 -16.69
CA LYS A 18 -0.07 7.07 -17.59
C LYS A 18 -0.46 7.95 -18.78
N GLY A 19 -0.92 7.33 -19.86
CA GLY A 19 -1.38 8.06 -21.04
C GLY A 19 -0.37 8.09 -22.18
N LYS A 20 -0.24 9.24 -22.83
CA LYS A 20 0.60 9.38 -24.03
C LYS A 20 2.02 9.88 -23.67
N PRO A 21 3.03 9.59 -24.54
CA PRO A 21 4.43 9.98 -24.29
C PRO A 21 4.60 11.49 -23.99
N GLY A 22 5.31 11.79 -22.90
CA GLY A 22 5.51 13.18 -22.51
C GLY A 22 4.29 13.77 -21.81
N GLN A 23 3.19 13.89 -22.55
CA GLN A 23 1.95 14.44 -21.99
C GLN A 23 1.19 13.37 -21.19
N THR A 24 1.73 13.03 -20.01
CA THR A 24 1.15 11.98 -19.17
C THR A 24 0.45 12.54 -17.93
N VAL A 25 -0.23 11.67 -17.20
CA VAL A 25 -0.76 12.00 -15.88
C VAL A 25 0.00 11.21 -14.79
N THR A 26 0.49 11.92 -13.77
CA THR A 26 1.29 11.30 -12.71
C THR A 26 0.41 10.66 -11.62
N TRP A 27 0.49 9.35 -11.49
CA TRP A 27 -0.29 8.60 -10.49
C TRP A 27 0.60 8.06 -9.36
N TYR A 28 0.03 7.94 -8.17
CA TYR A 28 0.77 7.46 -7.00
C TYR A 28 0.23 6.10 -6.53
N GLN A 29 1.08 5.07 -6.61
CA GLN A 29 0.69 3.71 -6.20
C GLN A 29 1.23 3.37 -4.80
N LEU A 30 0.37 2.80 -3.96
CA LEU A 30 0.80 2.29 -2.66
C LEU A 30 1.17 0.80 -2.78
N ARG A 31 2.46 0.49 -2.64
CA ARG A 31 2.94 -0.89 -2.77
C ARG A 31 3.50 -1.37 -1.42
N ALA A 32 3.39 -2.66 -1.13
CA ALA A 32 3.80 -3.19 0.18
C ALA A 32 5.00 -4.16 0.08
N ASP A 33 5.67 -4.36 1.21
CA ASP A 33 6.85 -5.21 1.29
C ASP A 33 6.52 -6.71 1.15
N HIS A 34 5.38 -7.13 1.69
CA HIS A 34 4.95 -8.53 1.64
C HIS A 34 3.45 -8.66 1.31
N PRO A 35 2.98 -9.81 0.77
CA PRO A 35 3.80 -11.03 0.49
C PRO A 35 4.95 -10.79 -0.49
N LYS A 36 4.66 -10.14 -1.62
CA LYS A 36 5.70 -9.75 -2.59
C LYS A 36 5.86 -8.23 -2.64
N PRO A 37 7.07 -7.72 -2.96
CA PRO A 37 7.31 -6.27 -3.03
C PRO A 37 6.54 -5.60 -4.18
N ASP A 38 6.17 -6.38 -5.19
CA ASP A 38 5.40 -5.88 -6.33
C ASP A 38 3.91 -5.67 -5.95
N SER A 39 3.53 -6.13 -4.76
CA SER A 39 2.13 -6.08 -4.30
C SER A 39 1.56 -4.65 -4.37
N LEU A 40 0.54 -4.47 -5.20
CA LEU A 40 -0.15 -3.18 -5.32
C LEU A 40 -1.39 -3.13 -4.42
N ILE A 41 -1.39 -2.22 -3.45
CA ILE A 41 -2.54 -2.04 -2.56
C ILE A 41 -3.64 -1.22 -3.24
N SER A 42 -3.29 -0.04 -3.75
CA SER A 42 -4.26 0.83 -4.46
C SER A 42 -3.57 1.99 -5.18
N GLU A 43 -4.27 2.59 -6.13
CA GLU A 43 -3.75 3.72 -6.92
C GLU A 43 -4.56 5.00 -6.67
N HIS A 44 -3.88 6.13 -6.54
CA HIS A 44 -4.55 7.43 -6.33
C HIS A 44 -3.80 8.55 -7.07
N PRO A 45 -4.54 9.58 -7.56
CA PRO A 45 -3.93 10.69 -8.32
C PRO A 45 -3.22 11.73 -7.42
N THR A 46 -3.32 11.53 -6.10
CA THR A 46 -2.68 12.43 -5.13
C THR A 46 -1.82 11.65 -4.12
N ALA A 47 -0.70 12.23 -3.72
CA ALA A 47 0.17 11.61 -2.72
C ALA A 47 -0.52 11.53 -1.35
N GLN A 48 -1.35 12.53 -1.06
CA GLN A 48 -2.10 12.59 0.21
C GLN A 48 -2.94 11.31 0.41
N GLU A 49 -3.75 10.95 -0.59
CA GLU A 49 -4.56 9.73 -0.53
C GLU A 49 -3.68 8.48 -0.34
N ALA A 50 -2.55 8.44 -1.03
CA ALA A 50 -1.59 7.32 -0.92
C ALA A 50 -1.06 7.21 0.51
N MET A 51 -0.79 8.36 1.15
CA MET A 51 -0.34 8.40 2.54
C MET A 51 -1.46 7.95 3.49
N ASP A 52 -2.68 8.43 3.24
CA ASP A 52 -3.85 8.05 4.02
C ASP A 52 -4.03 6.52 4.04
N ALA A 53 -3.86 5.89 2.89
CA ALA A 53 -3.92 4.43 2.78
C ALA A 53 -2.70 3.76 3.45
N LYS A 54 -1.52 4.38 3.29
CA LYS A 54 -0.28 3.87 3.92
C LYS A 54 -0.45 3.76 5.44
N LYS A 55 -0.93 4.83 6.06
CA LYS A 55 -1.15 4.87 7.51
C LYS A 55 -2.18 3.81 7.95
N ARG A 56 -3.30 3.75 7.22
CA ARG A 56 -4.39 2.82 7.54
C ARG A 56 -3.96 1.36 7.35
N TYR A 57 -2.97 1.13 6.50
CA TYR A 57 -2.40 -0.20 6.27
C TYR A 57 -1.43 -0.60 7.39
N GLU A 58 -0.47 0.27 7.68
CA GLU A 58 0.56 0.00 8.68
C GLU A 58 -0.03 -0.06 10.10
N ASP A 59 -1.07 0.72 10.35
CA ASP A 59 -1.84 0.62 11.60
C ASP A 59 -3.08 -0.26 11.38
N PRO A 60 -3.09 -1.49 11.95
CA PRO A 60 -4.21 -2.44 11.77
C PRO A 60 -5.60 -1.79 11.93
N ASP A 61 -6.24 -1.45 10.80
CA ASP A 61 -7.53 -0.78 10.82
C ASP A 61 -8.41 -1.22 9.64
N LYS A 62 -7.88 -1.12 8.43
CA LYS A 62 -8.63 -1.48 7.21
C LYS A 62 -7.68 -1.66 6.01
N GLU A 63 -7.31 -2.91 5.73
CA GLU A 63 -6.29 -3.20 4.70
C GLU A 63 -6.87 -4.04 3.54
N LEU A 64 -6.01 -4.36 2.57
CA LEU A 64 -6.41 -5.17 1.40
C LEU A 64 -5.53 -6.41 1.25
N GLU A 65 -6.09 -7.59 1.50
CA GLU A 65 -5.35 -8.85 1.34
C GLU A 65 -5.96 -9.72 0.24
N HIS A 66 -5.41 -10.92 0.08
CA HIS A 66 -5.98 -11.95 -0.80
C HIS A 66 -5.23 -13.28 -0.63
N HIS A 67 -5.72 -14.14 0.27
CA HIS A 67 -5.06 -15.42 0.54
C HIS A 67 -5.36 -16.46 -0.57
N HIS A 68 -4.78 -16.22 -1.75
CA HIS A 68 -4.87 -17.13 -2.89
C HIS A 68 -3.55 -17.13 -3.68
N HIS A 69 -2.86 -18.25 -3.67
CA HIS A 69 -1.57 -18.37 -4.37
C HIS A 69 -1.75 -18.45 -5.89
N HIS A 70 -0.76 -17.96 -6.62
CA HIS A 70 -0.77 -18.02 -8.09
C HIS A 70 0.60 -18.44 -8.63
N HIS A 71 0.59 -19.16 -9.76
CA HIS A 71 1.83 -19.67 -10.36
C HIS A 71 1.73 -19.72 -11.91
N MET A 1 -0.25 -20.59 26.65
CA MET A 1 -0.65 -19.84 25.42
C MET A 1 0.56 -19.16 24.75
N PRO A 2 1.18 -19.82 23.74
CA PRO A 2 2.26 -19.20 22.95
C PRO A 2 1.79 -17.91 22.24
N THR A 3 2.38 -16.78 22.61
CA THR A 3 1.96 -15.48 22.08
C THR A 3 3.05 -14.83 21.20
N LYS A 4 2.73 -14.65 19.92
CA LYS A 4 3.64 -13.97 18.99
C LYS A 4 3.36 -12.45 18.94
N PRO A 5 4.41 -11.63 18.71
CA PRO A 5 4.21 -10.21 18.37
C PRO A 5 3.52 -10.07 17.00
N PRO A 6 2.78 -8.97 16.76
CA PRO A 6 2.01 -8.80 15.50
C PRO A 6 2.90 -8.51 14.27
N TYR A 7 4.21 -8.34 14.51
CA TYR A 7 5.15 -7.99 13.43
C TYR A 7 4.67 -6.75 12.65
N PRO A 8 5.02 -5.53 13.13
CA PRO A 8 4.62 -4.27 12.49
C PRO A 8 4.94 -4.23 10.99
N ARG A 9 3.90 -4.23 10.16
CA ARG A 9 4.05 -4.26 8.70
C ARG A 9 4.31 -2.85 8.13
N GLU A 10 5.14 -2.77 7.08
CA GLU A 10 5.47 -1.48 6.46
C GLU A 10 5.16 -1.48 4.94
N ALA A 11 4.98 -0.29 4.38
CA ALA A 11 4.67 -0.13 2.95
C ALA A 11 5.43 1.05 2.32
N TYR A 12 5.13 1.34 1.06
CA TYR A 12 5.78 2.45 0.34
C TYR A 12 4.93 2.89 -0.88
N ILE A 13 5.30 4.00 -1.49
CA ILE A 13 4.59 4.53 -2.66
C ILE A 13 5.46 4.46 -3.93
N VAL A 14 4.84 4.09 -5.05
CA VAL A 14 5.52 4.06 -6.36
C VAL A 14 4.89 5.07 -7.32
N THR A 15 5.71 5.81 -8.06
CA THR A 15 5.20 6.83 -8.99
C THR A 15 5.29 6.37 -10.45
N ILE A 16 4.12 6.18 -11.07
CA ILE A 16 4.04 5.81 -12.50
C ILE A 16 3.39 6.93 -13.33
N GLU A 17 3.49 6.83 -14.64
CA GLU A 17 2.95 7.87 -15.54
C GLU A 17 1.99 7.26 -16.58
N LYS A 18 0.84 7.91 -16.77
CA LYS A 18 -0.15 7.47 -17.75
C LYS A 18 -0.57 8.61 -18.69
N GLY A 19 -1.15 8.27 -19.84
CA GLY A 19 -1.63 9.28 -20.78
C GLY A 19 -0.69 9.56 -21.94
N LYS A 20 -0.50 10.83 -22.28
CA LYS A 20 0.31 11.23 -23.43
C LYS A 20 1.79 11.39 -23.05
N PRO A 21 2.72 11.04 -23.95
CA PRO A 21 4.17 11.09 -23.68
C PRO A 21 4.64 12.47 -23.12
N GLY A 22 4.15 13.55 -23.72
CA GLY A 22 4.52 14.89 -23.26
C GLY A 22 3.86 15.27 -21.95
N GLN A 23 2.53 15.31 -21.94
CA GLN A 23 1.77 15.64 -20.74
C GLN A 23 1.22 14.37 -20.06
N THR A 24 2.06 13.74 -19.25
CA THR A 24 1.66 12.53 -18.51
C THR A 24 0.96 12.87 -17.19
N VAL A 25 0.20 11.91 -16.66
CA VAL A 25 -0.42 12.02 -15.34
C VAL A 25 0.27 11.06 -14.36
N THR A 26 0.76 11.60 -13.26
CA THR A 26 1.47 10.80 -12.26
C THR A 26 0.50 10.05 -11.33
N TRP A 27 0.52 8.72 -11.41
CA TRP A 27 -0.30 7.87 -10.54
C TRP A 27 0.55 7.20 -9.47
N TYR A 28 0.09 7.29 -8.22
CA TYR A 28 0.82 6.72 -7.08
C TYR A 28 0.28 5.33 -6.71
N GLN A 29 1.12 4.31 -6.89
CA GLN A 29 0.78 2.93 -6.51
C GLN A 29 1.23 2.62 -5.09
N LEU A 30 0.28 2.50 -4.17
CA LEU A 30 0.58 2.05 -2.82
C LEU A 30 0.94 0.56 -2.80
N ARG A 31 2.21 0.27 -2.56
CA ARG A 31 2.70 -1.12 -2.54
C ARG A 31 3.40 -1.45 -1.21
N ALA A 32 3.48 -2.73 -0.90
CA ALA A 32 4.26 -3.20 0.25
C ALA A 32 5.38 -4.12 -0.22
N ASP A 33 6.43 -4.25 0.58
CA ASP A 33 7.51 -5.21 0.29
C ASP A 33 7.18 -6.60 0.85
N HIS A 34 6.25 -6.63 1.81
CA HIS A 34 5.84 -7.88 2.46
C HIS A 34 4.31 -8.04 2.39
N PRO A 35 3.79 -9.27 2.12
CA PRO A 35 4.61 -10.48 1.88
C PRO A 35 5.12 -10.59 0.43
N LYS A 36 4.75 -9.63 -0.40
CA LYS A 36 5.21 -9.56 -1.80
C LYS A 36 5.59 -8.12 -2.17
N PRO A 37 6.66 -7.93 -2.99
CA PRO A 37 7.13 -6.60 -3.36
C PRO A 37 6.17 -5.88 -4.34
N ASP A 38 5.57 -6.64 -5.26
CA ASP A 38 4.58 -6.08 -6.19
C ASP A 38 3.15 -6.14 -5.61
N SER A 39 3.04 -6.17 -4.29
CA SER A 39 1.73 -6.19 -3.62
C SER A 39 0.97 -4.89 -3.87
N LEU A 40 0.07 -4.90 -4.85
CA LEU A 40 -0.69 -3.70 -5.20
C LEU A 40 -1.84 -3.48 -4.22
N ILE A 41 -1.67 -2.53 -3.31
CA ILE A 41 -2.70 -2.21 -2.31
C ILE A 41 -3.73 -1.23 -2.88
N SER A 42 -3.26 -0.16 -3.51
CA SER A 42 -4.14 0.87 -4.07
C SER A 42 -3.40 1.78 -5.06
N GLU A 43 -4.16 2.41 -5.97
CA GLU A 43 -3.59 3.38 -6.92
C GLU A 43 -4.41 4.68 -6.92
N HIS A 44 -3.74 5.82 -6.70
CA HIS A 44 -4.42 7.12 -6.67
C HIS A 44 -3.59 8.21 -7.37
N PRO A 45 -4.25 9.19 -8.04
CA PRO A 45 -3.56 10.23 -8.82
C PRO A 45 -2.93 11.32 -7.94
N THR A 46 -3.29 11.35 -6.65
CA THR A 46 -2.73 12.32 -5.70
C THR A 46 -1.97 11.62 -4.56
N ALA A 47 -0.87 12.23 -4.13
CA ALA A 47 -0.07 11.66 -3.04
C ALA A 47 -0.84 11.65 -1.71
N GLN A 48 -1.70 12.66 -1.52
CA GLN A 48 -2.54 12.76 -0.32
C GLN A 48 -3.36 11.48 -0.10
N GLU A 49 -4.01 10.99 -1.15
CA GLU A 49 -4.79 9.74 -1.08
C GLU A 49 -3.89 8.54 -0.75
N ALA A 50 -2.72 8.48 -1.40
CA ALA A 50 -1.77 7.38 -1.18
C ALA A 50 -1.23 7.37 0.26
N MET A 51 -0.89 8.55 0.77
CA MET A 51 -0.37 8.71 2.13
C MET A 51 -1.46 8.38 3.18
N ASP A 52 -2.68 8.81 2.90
CA ASP A 52 -3.82 8.52 3.79
C ASP A 52 -4.09 7.01 3.87
N ALA A 53 -3.98 6.33 2.74
CA ALA A 53 -4.16 4.87 2.67
C ALA A 53 -2.93 4.13 3.23
N LYS A 54 -1.75 4.72 3.05
CA LYS A 54 -0.49 4.14 3.54
C LYS A 54 -0.52 3.97 5.08
N LYS A 55 -0.85 5.05 5.78
CA LYS A 55 -0.96 5.01 7.25
C LYS A 55 -2.00 3.97 7.70
N ARG A 56 -2.97 3.70 6.81
CA ARG A 56 -4.05 2.76 7.10
C ARG A 56 -3.57 1.29 6.94
N TYR A 57 -2.83 1.01 5.87
CA TYR A 57 -2.29 -0.33 5.64
C TYR A 57 -1.19 -0.68 6.67
N GLU A 58 -0.40 0.31 7.04
CA GLU A 58 0.70 0.11 8.01
C GLU A 58 0.18 0.06 9.46
N ASP A 59 -1.13 -0.09 9.63
CA ASP A 59 -1.74 -0.24 10.94
C ASP A 59 -2.25 -1.69 11.13
N PRO A 60 -1.42 -2.57 11.71
CA PRO A 60 -1.78 -3.99 11.92
C PRO A 60 -2.53 -4.23 13.24
N ASP A 61 -2.99 -3.14 13.87
CA ASP A 61 -3.60 -3.22 15.21
C ASP A 61 -5.12 -2.95 15.17
N LYS A 62 -5.52 -1.92 14.43
CA LYS A 62 -6.93 -1.48 14.42
C LYS A 62 -7.74 -2.13 13.28
N GLU A 63 -8.75 -2.90 13.64
CA GLU A 63 -9.73 -3.45 12.68
C GLU A 63 -11.15 -3.08 13.11
N LEU A 64 -12.09 -3.08 12.16
CA LEU A 64 -13.47 -2.66 12.44
C LEU A 64 -14.49 -3.44 11.60
N GLU A 65 -15.67 -3.69 12.20
CA GLU A 65 -16.69 -4.54 11.58
C GLU A 65 -17.55 -3.77 10.54
N HIS A 66 -17.00 -3.62 9.34
CA HIS A 66 -17.76 -3.05 8.22
C HIS A 66 -17.59 -3.89 6.96
N HIS A 67 -16.33 -4.17 6.60
CA HIS A 67 -16.01 -5.01 5.44
C HIS A 67 -14.88 -5.99 5.75
N HIS A 68 -15.09 -7.26 5.42
CA HIS A 68 -14.06 -8.28 5.60
C HIS A 68 -12.88 -8.01 4.64
N HIS A 69 -11.78 -7.49 5.18
CA HIS A 69 -10.67 -6.97 4.36
C HIS A 69 -9.78 -8.09 3.76
N HIS A 70 -10.37 -9.25 3.49
CA HIS A 70 -9.66 -10.36 2.86
C HIS A 70 -10.63 -11.34 2.21
N HIS A 71 -10.26 -11.86 1.04
CA HIS A 71 -11.07 -12.85 0.34
C HIS A 71 -10.61 -14.29 0.67
N MET A 1 16.33 -19.58 24.15
CA MET A 1 15.00 -18.96 24.42
C MET A 1 14.98 -17.49 23.95
N PRO A 2 14.56 -17.26 22.69
CA PRO A 2 14.58 -15.92 22.08
C PRO A 2 13.41 -15.02 22.53
N THR A 3 13.64 -13.71 22.55
CA THR A 3 12.56 -12.74 22.82
C THR A 3 11.76 -12.45 21.55
N LYS A 4 10.82 -13.36 21.25
CA LYS A 4 10.10 -13.36 19.97
C LYS A 4 9.22 -12.11 19.75
N PRO A 5 9.58 -11.24 18.78
CA PRO A 5 8.79 -10.07 18.42
C PRO A 5 7.83 -10.34 17.22
N PRO A 6 6.77 -9.52 17.05
CA PRO A 6 5.86 -9.61 15.90
C PRO A 6 6.30 -8.73 14.72
N TYR A 7 6.11 -9.23 13.50
CA TYR A 7 6.48 -8.49 12.28
C TYR A 7 5.29 -7.64 11.79
N PRO A 8 5.47 -6.30 11.69
CA PRO A 8 4.41 -5.38 11.25
C PRO A 8 4.14 -5.44 9.72
N ARG A 9 3.80 -4.29 9.12
CA ARG A 9 3.38 -4.24 7.71
C ARG A 9 3.67 -2.86 7.08
N GLU A 10 4.91 -2.68 6.60
CA GLU A 10 5.34 -1.40 6.03
C GLU A 10 4.98 -1.27 4.54
N ALA A 11 4.54 -0.06 4.15
CA ALA A 11 4.18 0.23 2.76
C ALA A 11 5.06 1.35 2.18
N TYR A 12 5.12 1.43 0.85
CA TYR A 12 5.88 2.47 0.15
C TYR A 12 5.14 2.94 -1.12
N ILE A 13 5.25 4.23 -1.43
CA ILE A 13 4.58 4.79 -2.60
C ILE A 13 5.55 5.03 -3.77
N VAL A 14 5.16 4.58 -4.96
CA VAL A 14 5.96 4.79 -6.18
C VAL A 14 5.19 5.66 -7.20
N THR A 15 5.83 6.75 -7.64
CA THR A 15 5.21 7.65 -8.62
C THR A 15 5.46 7.20 -10.06
N ILE A 16 4.40 6.94 -10.80
CA ILE A 16 4.52 6.53 -12.21
C ILE A 16 3.84 7.54 -13.14
N GLU A 17 4.10 7.43 -14.44
CA GLU A 17 3.50 8.31 -15.44
C GLU A 17 2.78 7.49 -16.52
N LYS A 18 1.46 7.64 -16.60
CA LYS A 18 0.64 6.87 -17.56
C LYS A 18 -0.17 7.81 -18.48
N GLY A 19 -0.85 7.24 -19.46
CA GLY A 19 -1.63 8.03 -20.41
C GLY A 19 -0.90 8.27 -21.73
N LYS A 20 -0.95 9.50 -22.25
CA LYS A 20 -0.27 9.84 -23.49
C LYS A 20 1.23 10.08 -23.26
N PRO A 21 2.08 9.88 -24.29
CA PRO A 21 3.53 10.15 -24.19
C PRO A 21 3.84 11.60 -23.79
N GLY A 22 3.13 12.54 -24.42
CA GLY A 22 3.29 13.95 -24.08
C GLY A 22 2.45 14.37 -22.87
N GLN A 23 1.19 13.95 -22.85
CA GLN A 23 0.30 14.24 -21.72
C GLN A 23 0.25 13.08 -20.72
N THR A 24 1.27 12.98 -19.88
CA THR A 24 1.33 11.94 -18.85
C THR A 24 0.65 12.38 -17.56
N VAL A 25 0.03 11.43 -16.87
CA VAL A 25 -0.57 11.67 -15.56
C VAL A 25 0.24 10.98 -14.46
N THR A 26 0.61 11.73 -13.43
CA THR A 26 1.40 11.19 -12.32
C THR A 26 0.50 10.40 -11.35
N TRP A 27 0.72 9.10 -11.27
CA TRP A 27 -0.04 8.22 -10.38
C TRP A 27 0.82 7.71 -9.21
N TYR A 28 0.29 7.82 -8.01
CA TYR A 28 0.97 7.30 -6.81
C TYR A 28 0.50 5.87 -6.50
N GLN A 29 1.42 4.92 -6.61
CA GLN A 29 1.11 3.52 -6.36
C GLN A 29 1.52 3.09 -4.94
N LEU A 30 0.54 2.78 -4.11
CA LEU A 30 0.80 2.24 -2.77
C LEU A 30 1.15 0.75 -2.83
N ARG A 31 2.36 0.39 -2.44
CA ARG A 31 2.83 -1.00 -2.51
C ARG A 31 3.43 -1.47 -1.17
N ALA A 32 3.70 -2.77 -1.07
CA ALA A 32 4.35 -3.35 0.11
C ALA A 32 5.45 -4.35 -0.28
N ASP A 33 6.29 -4.73 0.68
CA ASP A 33 7.38 -5.68 0.43
C ASP A 33 6.99 -7.13 0.77
N HIS A 34 5.85 -7.30 1.42
CA HIS A 34 5.35 -8.63 1.81
C HIS A 34 3.82 -8.73 1.67
N PRO A 35 3.26 -9.91 1.37
CA PRO A 35 4.03 -11.16 1.13
C PRO A 35 4.83 -11.15 -0.18
N LYS A 36 4.41 -10.31 -1.13
CA LYS A 36 5.13 -10.15 -2.40
C LYS A 36 5.64 -8.72 -2.56
N PRO A 37 6.90 -8.53 -3.00
CA PRO A 37 7.44 -7.19 -3.30
C PRO A 37 6.62 -6.48 -4.39
N ASP A 38 5.98 -7.28 -5.24
CA ASP A 38 5.15 -6.80 -6.34
C ASP A 38 3.76 -6.33 -5.85
N SER A 39 3.49 -6.48 -4.55
CA SER A 39 2.15 -6.19 -4.00
C SER A 39 1.71 -4.74 -4.26
N LEU A 40 0.71 -4.59 -5.13
CA LEU A 40 0.12 -3.28 -5.43
C LEU A 40 -1.25 -3.14 -4.72
N ILE A 41 -1.32 -2.21 -3.78
CA ILE A 41 -2.55 -2.01 -3.00
C ILE A 41 -3.55 -1.08 -3.73
N SER A 42 -3.09 0.10 -4.14
CA SER A 42 -3.97 1.10 -4.77
C SER A 42 -3.19 2.17 -5.54
N GLU A 43 -3.86 2.83 -6.49
CA GLU A 43 -3.27 3.93 -7.27
C GLU A 43 -4.10 5.22 -7.10
N HIS A 44 -3.47 6.27 -6.55
CA HIS A 44 -4.16 7.55 -6.31
C HIS A 44 -3.42 8.72 -7.01
N PRO A 45 -4.18 9.71 -7.54
CA PRO A 45 -3.59 10.84 -8.29
C PRO A 45 -2.78 11.83 -7.43
N THR A 46 -3.07 11.87 -6.12
CA THR A 46 -2.34 12.76 -5.19
C THR A 46 -1.65 11.96 -4.08
N ALA A 47 -0.58 12.53 -3.53
CA ALA A 47 0.21 11.85 -2.50
C ALA A 47 -0.56 11.73 -1.18
N GLN A 48 -1.20 12.82 -0.76
CA GLN A 48 -1.98 12.84 0.49
C GLN A 48 -3.06 11.73 0.46
N GLU A 49 -3.83 11.68 -0.62
CA GLU A 49 -4.88 10.66 -0.79
C GLU A 49 -4.27 9.24 -0.68
N ALA A 50 -3.08 9.06 -1.25
CA ALA A 50 -2.36 7.78 -1.16
C ALA A 50 -1.86 7.50 0.26
N MET A 51 -1.33 8.53 0.93
CA MET A 51 -0.79 8.40 2.29
C MET A 51 -1.88 8.09 3.31
N ASP A 52 -3.08 8.64 3.12
CA ASP A 52 -4.19 8.40 4.04
C ASP A 52 -4.61 6.91 4.02
N ALA A 53 -4.44 6.26 2.88
CA ALA A 53 -4.61 4.80 2.78
C ALA A 53 -3.39 4.08 3.39
N LYS A 54 -2.20 4.62 3.12
CA LYS A 54 -0.94 4.06 3.62
C LYS A 54 -0.95 3.91 5.16
N LYS A 55 -1.38 4.97 5.86
CA LYS A 55 -1.46 4.95 7.33
C LYS A 55 -2.36 3.80 7.83
N ARG A 56 -3.46 3.55 7.13
CA ARG A 56 -4.41 2.51 7.53
C ARG A 56 -3.87 1.10 7.25
N TYR A 57 -2.97 0.98 6.27
CA TYR A 57 -2.31 -0.29 5.97
C TYR A 57 -1.27 -0.64 7.06
N GLU A 58 -0.38 0.32 7.35
CA GLU A 58 0.71 0.10 8.29
C GLU A 58 0.22 0.06 9.75
N ASP A 59 -0.80 0.86 10.05
CA ASP A 59 -1.38 0.91 11.40
C ASP A 59 -2.68 0.08 11.49
N PRO A 60 -3.25 -0.11 12.71
CA PRO A 60 -4.56 -0.78 12.88
C PRO A 60 -5.73 -0.07 12.16
N ASP A 61 -6.96 -0.54 12.43
CA ASP A 61 -8.19 -0.06 11.77
C ASP A 61 -8.33 -0.66 10.37
N LYS A 62 -7.62 -1.76 10.13
CA LYS A 62 -7.72 -2.50 8.87
C LYS A 62 -7.69 -4.01 9.13
N GLU A 63 -8.44 -4.78 8.32
CA GLU A 63 -8.48 -6.24 8.43
C GLU A 63 -7.17 -6.90 7.99
N LEU A 64 -6.95 -8.12 8.46
CA LEU A 64 -5.74 -8.89 8.11
C LEU A 64 -5.80 -9.34 6.64
N GLU A 65 -4.72 -9.07 5.90
CA GLU A 65 -4.66 -9.40 4.47
C GLU A 65 -4.29 -10.88 4.24
N HIS A 66 -3.52 -11.44 5.17
CA HIS A 66 -3.07 -12.83 5.06
C HIS A 66 -3.85 -13.76 6.02
N HIS A 67 -5.13 -13.97 5.74
CA HIS A 67 -6.03 -14.72 6.64
C HIS A 67 -6.00 -16.24 6.36
N HIS A 68 -5.04 -16.68 5.56
CA HIS A 68 -4.82 -18.10 5.30
C HIS A 68 -3.32 -18.43 5.28
N HIS A 69 -2.92 -19.52 5.93
CA HIS A 69 -1.51 -19.89 6.02
C HIS A 69 -1.29 -21.40 6.11
N HIS A 70 -1.03 -22.03 4.96
CA HIS A 70 -0.60 -23.44 4.91
C HIS A 70 0.93 -23.52 4.77
N HIS A 71 1.47 -24.74 4.72
CA HIS A 71 2.91 -24.94 4.53
C HIS A 71 3.20 -25.81 3.28
N MET A 1 10.11 -15.47 30.96
CA MET A 1 9.38 -15.93 29.75
C MET A 1 9.61 -14.97 28.56
N PRO A 2 10.54 -15.32 27.65
CA PRO A 2 10.87 -14.47 26.48
C PRO A 2 9.67 -14.24 25.53
N THR A 3 9.08 -13.06 25.60
CA THR A 3 7.95 -12.70 24.72
C THR A 3 8.44 -12.10 23.39
N LYS A 4 7.79 -12.46 22.29
CA LYS A 4 8.20 -11.98 20.96
C LYS A 4 6.99 -11.79 20.02
N PRO A 5 6.63 -10.52 19.72
CA PRO A 5 5.55 -10.20 18.79
C PRO A 5 6.00 -10.13 17.31
N PRO A 6 5.09 -10.45 16.36
CA PRO A 6 5.41 -10.38 14.91
C PRO A 6 5.91 -9.00 14.46
N TYR A 7 6.69 -8.97 13.37
CA TYR A 7 7.27 -7.73 12.86
C TYR A 7 6.19 -6.73 12.40
N PRO A 8 6.30 -5.45 12.81
CA PRO A 8 5.40 -4.38 12.36
C PRO A 8 5.70 -3.93 10.91
N ARG A 9 4.74 -4.16 10.01
CA ARG A 9 4.92 -3.88 8.59
C ARG A 9 4.80 -2.38 8.25
N GLU A 10 5.44 -1.95 7.16
CA GLU A 10 5.28 -0.60 6.63
C GLU A 10 5.03 -0.62 5.12
N ALA A 11 4.58 0.51 4.56
CA ALA A 11 4.33 0.62 3.12
C ALA A 11 5.11 1.79 2.49
N TYR A 12 5.09 1.90 1.17
CA TYR A 12 5.77 3.00 0.48
C TYR A 12 5.04 3.41 -0.81
N ILE A 13 5.29 4.65 -1.25
CA ILE A 13 4.62 5.20 -2.44
C ILE A 13 5.53 5.13 -3.68
N VAL A 14 4.95 4.75 -4.82
CA VAL A 14 5.66 4.70 -6.10
C VAL A 14 5.03 5.68 -7.11
N THR A 15 5.86 6.54 -7.71
CA THR A 15 5.37 7.54 -8.66
C THR A 15 5.48 7.05 -10.12
N ILE A 16 4.34 6.87 -10.78
CA ILE A 16 4.29 6.41 -12.18
C ILE A 16 3.56 7.43 -13.06
N GLU A 17 3.59 7.21 -14.38
CA GLU A 17 2.89 8.07 -15.34
C GLU A 17 2.02 7.24 -16.30
N LYS A 18 0.91 7.81 -16.74
CA LYS A 18 0.00 7.15 -17.69
C LYS A 18 -0.42 8.09 -18.83
N GLY A 19 -1.00 7.53 -19.88
CA GLY A 19 -1.49 8.34 -21.02
C GLY A 19 -0.55 8.34 -22.21
N LYS A 20 -0.43 9.49 -22.89
CA LYS A 20 0.43 9.61 -24.08
C LYS A 20 1.89 9.82 -23.70
N PRO A 21 2.84 9.24 -24.46
CA PRO A 21 4.28 9.45 -24.23
C PRO A 21 4.66 10.93 -24.21
N GLY A 22 5.16 11.39 -23.06
CA GLY A 22 5.44 12.82 -22.87
C GLY A 22 4.31 13.54 -22.14
N GLN A 23 3.16 13.65 -22.80
CA GLN A 23 1.97 14.26 -22.18
C GLN A 23 1.26 13.24 -21.28
N THR A 24 1.85 13.00 -20.11
CA THR A 24 1.36 11.96 -19.19
C THR A 24 0.67 12.53 -17.95
N VAL A 25 -0.08 11.67 -17.26
CA VAL A 25 -0.66 11.99 -15.95
C VAL A 25 0.05 11.18 -14.84
N THR A 26 0.52 11.87 -13.81
CA THR A 26 1.29 11.23 -12.73
C THR A 26 0.38 10.56 -11.68
N TRP A 27 0.52 9.24 -11.54
CA TRP A 27 -0.24 8.46 -10.56
C TRP A 27 0.66 7.95 -9.42
N TYR A 28 0.08 7.80 -8.22
CA TYR A 28 0.82 7.30 -7.06
C TYR A 28 0.34 5.89 -6.67
N GLN A 29 1.22 4.91 -6.80
CA GLN A 29 0.92 3.52 -6.42
C GLN A 29 1.41 3.20 -5.00
N LEU A 30 0.49 2.80 -4.13
CA LEU A 30 0.85 2.33 -2.79
C LEU A 30 1.27 0.86 -2.84
N ARG A 31 2.57 0.60 -2.63
CA ARG A 31 3.09 -0.77 -2.68
C ARG A 31 3.81 -1.16 -1.37
N ALA A 32 3.98 -2.47 -1.18
CA ALA A 32 4.72 -3.00 -0.04
C ALA A 32 5.58 -4.21 -0.47
N ASP A 33 6.29 -4.81 0.48
CA ASP A 33 7.07 -6.03 0.20
C ASP A 33 6.36 -7.27 0.75
N HIS A 34 5.20 -7.06 1.39
CA HIS A 34 4.43 -8.17 1.97
C HIS A 34 3.00 -8.20 1.42
N PRO A 35 2.51 -9.37 0.94
CA PRO A 35 3.29 -10.62 0.90
C PRO A 35 4.29 -10.68 -0.27
N LYS A 36 4.12 -9.79 -1.26
CA LYS A 36 4.98 -9.75 -2.44
C LYS A 36 5.52 -8.33 -2.70
N PRO A 37 6.77 -8.19 -3.16
CA PRO A 37 7.33 -6.88 -3.55
C PRO A 37 6.45 -6.12 -4.58
N ASP A 38 5.73 -6.87 -5.42
CA ASP A 38 4.81 -6.28 -6.40
C ASP A 38 3.40 -6.08 -5.81
N SER A 39 3.29 -6.12 -4.47
CA SER A 39 1.99 -5.96 -3.80
C SER A 39 1.44 -4.53 -3.99
N LEU A 40 0.57 -4.38 -4.98
CA LEU A 40 -0.10 -3.10 -5.23
C LEU A 40 -1.38 -3.00 -4.38
N ILE A 41 -1.35 -2.16 -3.36
CA ILE A 41 -2.51 -1.94 -2.50
C ILE A 41 -3.59 -1.11 -3.21
N SER A 42 -3.20 0.06 -3.72
CA SER A 42 -4.12 0.99 -4.40
C SER A 42 -3.37 2.04 -5.23
N GLU A 43 -3.99 2.49 -6.32
CA GLU A 43 -3.44 3.58 -7.15
C GLU A 43 -4.27 4.86 -6.96
N HIS A 44 -3.63 5.93 -6.48
CA HIS A 44 -4.34 7.18 -6.19
C HIS A 44 -3.66 8.40 -6.86
N PRO A 45 -4.44 9.45 -7.19
CA PRO A 45 -3.92 10.64 -7.90
C PRO A 45 -3.06 11.57 -7.03
N THR A 46 -3.36 11.64 -5.73
CA THR A 46 -2.64 12.56 -4.83
C THR A 46 -1.84 11.79 -3.77
N ALA A 47 -0.74 12.40 -3.29
CA ALA A 47 0.05 11.82 -2.21
C ALA A 47 -0.77 11.69 -0.93
N GLN A 48 -1.75 12.58 -0.75
CA GLN A 48 -2.68 12.50 0.38
C GLN A 48 -3.45 11.18 0.39
N GLU A 49 -4.05 10.83 -0.75
CA GLU A 49 -4.80 9.57 -0.90
C GLU A 49 -3.87 8.35 -0.72
N ALA A 50 -2.61 8.50 -1.10
CA ALA A 50 -1.61 7.44 -0.94
C ALA A 50 -1.19 7.28 0.53
N MET A 51 -0.88 8.41 1.18
CA MET A 51 -0.43 8.40 2.58
C MET A 51 -1.52 7.91 3.54
N ASP A 52 -2.75 8.38 3.33
CA ASP A 52 -3.87 8.00 4.20
C ASP A 52 -4.08 6.47 4.18
N ALA A 53 -4.17 5.88 2.99
CA ALA A 53 -4.29 4.43 2.84
C ALA A 53 -3.02 3.70 3.33
N LYS A 54 -1.88 4.33 3.09
CA LYS A 54 -0.57 3.82 3.55
C LYS A 54 -0.57 3.56 5.06
N LYS A 55 -1.01 4.55 5.83
CA LYS A 55 -1.07 4.43 7.29
C LYS A 55 -2.08 3.37 7.75
N ARG A 56 -3.11 3.12 6.93
CA ARG A 56 -4.11 2.08 7.24
C ARG A 56 -3.52 0.67 7.05
N TYR A 57 -2.55 0.56 6.13
CA TYR A 57 -1.82 -0.70 5.92
C TYR A 57 -0.76 -0.90 7.03
N GLU A 58 -0.14 0.20 7.43
CA GLU A 58 0.89 0.18 8.48
C GLU A 58 0.28 0.04 9.88
N ASP A 59 -0.97 0.48 10.03
CA ASP A 59 -1.71 0.32 11.30
C ASP A 59 -2.96 -0.54 11.08
N PRO A 60 -2.89 -1.86 11.37
CA PRO A 60 -4.01 -2.78 11.16
C PRO A 60 -5.23 -2.48 12.04
N ASP A 61 -5.98 -1.45 11.68
CA ASP A 61 -7.16 -1.04 12.43
C ASP A 61 -8.42 -1.74 11.91
N LYS A 62 -8.73 -1.54 10.62
CA LYS A 62 -9.90 -2.17 10.00
C LYS A 62 -9.65 -3.66 9.72
N GLU A 63 -8.83 -3.94 8.70
CA GLU A 63 -8.50 -5.33 8.33
C GLU A 63 -7.28 -5.35 7.40
N LEU A 64 -6.95 -6.53 6.87
CA LEU A 64 -5.82 -6.68 5.94
C LEU A 64 -6.09 -7.77 4.89
N GLU A 65 -6.41 -7.34 3.67
CA GLU A 65 -6.70 -8.26 2.56
C GLU A 65 -5.43 -9.06 2.18
N HIS A 66 -5.39 -10.31 2.62
CA HIS A 66 -4.17 -11.14 2.54
C HIS A 66 -4.24 -12.20 1.43
N HIS A 67 -3.10 -12.40 0.75
CA HIS A 67 -2.96 -13.43 -0.30
C HIS A 67 -4.09 -13.38 -1.36
N HIS A 68 -3.84 -12.70 -2.48
CA HIS A 68 -4.82 -12.66 -3.58
C HIS A 68 -4.19 -12.23 -4.90
N HIS A 69 -4.92 -12.44 -5.99
CA HIS A 69 -4.47 -12.09 -7.34
C HIS A 69 -4.12 -10.59 -7.47
N HIS A 70 -3.06 -10.30 -8.22
CA HIS A 70 -2.68 -8.91 -8.51
C HIS A 70 -3.62 -8.30 -9.56
N HIS A 71 -4.70 -7.66 -9.10
CA HIS A 71 -5.70 -7.05 -10.00
C HIS A 71 -6.42 -8.13 -10.85
N MET A 1 3.24 -14.46 27.86
CA MET A 1 3.35 -12.98 27.64
C MET A 1 4.10 -12.65 26.33
N PRO A 2 3.42 -12.77 25.17
CA PRO A 2 3.96 -12.41 23.86
C PRO A 2 3.37 -11.09 23.31
N THR A 3 3.39 -10.02 24.10
CA THR A 3 2.74 -8.75 23.71
C THR A 3 3.61 -7.91 22.74
N LYS A 4 4.01 -8.54 21.62
CA LYS A 4 4.67 -7.84 20.49
C LYS A 4 5.22 -8.89 19.51
N PRO A 5 4.44 -9.29 18.49
CA PRO A 5 4.82 -10.36 17.56
C PRO A 5 5.84 -9.91 16.50
N PRO A 6 6.59 -10.87 15.91
CA PRO A 6 7.52 -10.59 14.80
C PRO A 6 6.79 -10.16 13.51
N TYR A 7 7.55 -9.99 12.43
CA TYR A 7 7.01 -9.57 11.13
C TYR A 7 6.52 -8.11 11.17
N PRO A 8 7.37 -7.15 10.75
CA PRO A 8 6.99 -5.73 10.68
C PRO A 8 6.22 -5.38 9.39
N ARG A 9 5.63 -4.19 9.36
CA ARG A 9 4.91 -3.72 8.16
C ARG A 9 5.36 -2.29 7.79
N GLU A 10 5.64 -2.09 6.51
CA GLU A 10 6.05 -0.78 6.00
C GLU A 10 5.64 -0.61 4.53
N ALA A 11 4.66 0.25 4.29
CA ALA A 11 4.18 0.52 2.92
C ALA A 11 4.91 1.74 2.32
N TYR A 12 5.01 1.79 1.00
CA TYR A 12 5.70 2.89 0.32
C TYR A 12 4.98 3.31 -0.95
N ILE A 13 5.25 4.54 -1.40
CA ILE A 13 4.62 5.09 -2.61
C ILE A 13 5.54 4.99 -3.83
N VAL A 14 4.98 4.61 -4.98
CA VAL A 14 5.74 4.54 -6.24
C VAL A 14 5.13 5.48 -7.29
N THR A 15 5.92 6.43 -7.79
CA THR A 15 5.43 7.40 -8.79
C THR A 15 5.55 6.88 -10.23
N ILE A 16 4.40 6.63 -10.86
CA ILE A 16 4.36 6.24 -12.27
C ILE A 16 3.69 7.32 -13.12
N GLU A 17 3.66 7.13 -14.44
CA GLU A 17 3.04 8.10 -15.36
C GLU A 17 2.22 7.40 -16.45
N LYS A 18 0.97 7.82 -16.62
CA LYS A 18 0.08 7.22 -17.63
C LYS A 18 -0.31 8.25 -18.72
N GLY A 19 -0.75 7.75 -19.87
CA GLY A 19 -1.18 8.63 -20.96
C GLY A 19 -0.13 8.82 -22.06
N LYS A 20 -0.19 9.95 -22.76
CA LYS A 20 0.70 10.23 -23.90
C LYS A 20 2.09 10.69 -23.41
N PRO A 21 3.14 10.51 -24.23
CA PRO A 21 4.51 10.94 -23.87
C PRO A 21 4.60 12.42 -23.44
N GLY A 22 3.82 13.27 -24.11
CA GLY A 22 3.75 14.68 -23.73
C GLY A 22 2.74 14.93 -22.62
N GLN A 23 1.53 14.39 -22.77
CA GLN A 23 0.47 14.53 -21.76
C GLN A 23 0.37 13.28 -20.86
N THR A 24 1.23 13.24 -19.84
CA THR A 24 1.20 12.16 -18.85
C THR A 24 0.47 12.60 -17.57
N VAL A 25 -0.05 11.64 -16.83
CA VAL A 25 -0.67 11.89 -15.52
C VAL A 25 0.11 11.17 -14.40
N THR A 26 0.49 11.90 -13.37
CA THR A 26 1.25 11.31 -12.25
C THR A 26 0.35 10.46 -11.35
N TRP A 27 0.62 9.16 -11.31
CA TRP A 27 -0.12 8.24 -10.45
C TRP A 27 0.76 7.66 -9.35
N TYR A 28 0.26 7.71 -8.12
CA TYR A 28 1.01 7.22 -6.95
C TYR A 28 0.50 5.82 -6.55
N GLN A 29 1.36 4.81 -6.69
CA GLN A 29 1.01 3.43 -6.32
C GLN A 29 1.48 3.08 -4.91
N LEU A 30 0.55 2.72 -4.04
CA LEU A 30 0.89 2.26 -2.70
C LEU A 30 1.25 0.76 -2.73
N ARG A 31 2.54 0.46 -2.57
CA ARG A 31 3.01 -0.93 -2.61
C ARG A 31 3.72 -1.34 -1.31
N ALA A 32 3.93 -2.64 -1.15
CA ALA A 32 4.63 -3.18 0.03
C ALA A 32 5.58 -4.31 -0.37
N ASP A 33 6.57 -4.58 0.49
CA ASP A 33 7.57 -5.63 0.22
C ASP A 33 7.03 -7.03 0.56
N HIS A 34 6.01 -7.08 1.43
CA HIS A 34 5.45 -8.36 1.89
C HIS A 34 4.02 -8.58 1.36
N PRO A 35 3.62 -9.82 1.03
CA PRO A 35 4.52 -11.01 1.05
C PRO A 35 5.52 -11.03 -0.13
N LYS A 36 5.13 -10.43 -1.25
CA LYS A 36 6.01 -10.31 -2.42
C LYS A 36 6.00 -8.86 -2.96
N PRO A 37 7.03 -8.47 -3.74
CA PRO A 37 7.10 -7.12 -4.35
C PRO A 37 5.93 -6.83 -5.31
N ASP A 38 5.10 -7.85 -5.57
CA ASP A 38 3.91 -7.70 -6.41
C ASP A 38 2.77 -7.03 -5.63
N SER A 39 2.96 -6.84 -4.32
CA SER A 39 1.92 -6.30 -3.45
C SER A 39 1.55 -4.85 -3.79
N LEU A 40 0.54 -4.69 -4.64
CA LEU A 40 -0.03 -3.37 -4.94
C LEU A 40 -1.32 -3.16 -4.15
N ILE A 41 -1.25 -2.35 -3.10
CA ILE A 41 -2.39 -2.13 -2.20
C ILE A 41 -3.49 -1.32 -2.88
N SER A 42 -3.13 -0.15 -3.41
CA SER A 42 -4.09 0.74 -4.09
C SER A 42 -3.37 1.86 -4.83
N GLU A 43 -3.97 2.33 -5.92
CA GLU A 43 -3.43 3.45 -6.70
C GLU A 43 -4.16 4.76 -6.37
N HIS A 44 -3.42 5.86 -6.28
CA HIS A 44 -4.00 7.16 -5.93
C HIS A 44 -3.45 8.28 -6.83
N PRO A 45 -4.31 9.19 -7.33
CA PRO A 45 -3.89 10.29 -8.21
C PRO A 45 -3.18 11.44 -7.47
N THR A 46 -3.15 11.37 -6.13
CA THR A 46 -2.46 12.37 -5.31
C THR A 46 -1.63 11.73 -4.19
N ALA A 47 -0.60 12.43 -3.73
CA ALA A 47 0.26 11.94 -2.65
C ALA A 47 -0.50 11.83 -1.32
N GLN A 48 -1.34 12.82 -1.02
CA GLN A 48 -2.15 12.80 0.20
C GLN A 48 -3.03 11.54 0.28
N GLU A 49 -3.78 11.26 -0.79
CA GLU A 49 -4.64 10.07 -0.83
C GLU A 49 -3.83 8.77 -0.71
N ALA A 50 -2.58 8.80 -1.17
CA ALA A 50 -1.67 7.65 -1.04
C ALA A 50 -1.18 7.50 0.42
N MET A 51 -0.74 8.60 1.02
CA MET A 51 -0.26 8.60 2.41
C MET A 51 -1.40 8.29 3.39
N ASP A 52 -2.59 8.77 3.08
CA ASP A 52 -3.79 8.49 3.88
C ASP A 52 -4.07 6.98 3.93
N ALA A 53 -4.08 6.36 2.75
CA ALA A 53 -4.26 4.91 2.64
C ALA A 53 -3.11 4.14 3.31
N LYS A 54 -1.88 4.64 3.15
CA LYS A 54 -0.70 4.02 3.77
C LYS A 54 -0.87 3.88 5.29
N LYS A 55 -1.30 4.94 5.96
CA LYS A 55 -1.55 4.90 7.40
C LYS A 55 -2.66 3.88 7.75
N ARG A 56 -3.77 3.95 7.03
CA ARG A 56 -4.93 3.08 7.24
C ARG A 56 -4.60 1.60 6.92
N TYR A 57 -3.62 1.39 6.04
CA TYR A 57 -3.15 0.05 5.69
C TYR A 57 -2.36 -0.58 6.86
N GLU A 58 -1.44 0.19 7.43
CA GLU A 58 -0.58 -0.29 8.52
C GLU A 58 -1.28 -0.21 9.89
N ASP A 59 -2.31 0.62 10.00
CA ASP A 59 -3.13 0.71 11.21
C ASP A 59 -4.61 0.43 10.91
N PRO A 60 -5.00 -0.84 10.75
CA PRO A 60 -6.40 -1.22 10.47
C PRO A 60 -7.28 -1.14 11.72
N ASP A 61 -7.85 0.04 11.97
CA ASP A 61 -8.78 0.22 13.10
C ASP A 61 -10.24 -0.05 12.68
N LYS A 62 -10.52 0.08 11.39
CA LYS A 62 -11.87 -0.13 10.87
C LYS A 62 -12.25 -1.62 10.82
N GLU A 63 -13.51 -1.93 10.54
CA GLU A 63 -14.00 -3.31 10.52
C GLU A 63 -13.55 -4.07 9.27
N LEU A 64 -13.43 -5.39 9.42
CA LEU A 64 -13.00 -6.28 8.33
C LEU A 64 -14.14 -6.49 7.31
N GLU A 65 -13.78 -6.71 6.05
CA GLU A 65 -14.78 -6.97 5.00
C GLU A 65 -15.39 -8.37 5.12
N HIS A 66 -16.32 -8.70 4.23
CA HIS A 66 -16.98 -10.01 4.23
C HIS A 66 -16.73 -10.76 2.92
N HIS A 67 -16.68 -12.10 3.00
CA HIS A 67 -16.48 -12.98 1.83
C HIS A 67 -15.04 -12.91 1.27
N HIS A 68 -14.45 -11.71 1.21
CA HIS A 68 -13.06 -11.55 0.77
C HIS A 68 -12.10 -12.33 1.69
N HIS A 69 -11.63 -13.48 1.21
CA HIS A 69 -10.81 -14.38 2.03
C HIS A 69 -9.31 -14.11 1.85
N HIS A 70 -8.96 -12.86 1.54
CA HIS A 70 -7.57 -12.45 1.40
C HIS A 70 -6.82 -12.54 2.74
N HIS A 71 -5.58 -13.00 2.70
CA HIS A 71 -4.72 -13.05 3.90
C HIS A 71 -3.22 -13.01 3.54
N MET A 1 13.93 -11.03 30.14
CA MET A 1 12.95 -10.35 29.25
C MET A 1 12.52 -11.28 28.11
N PRO A 2 11.20 -11.33 27.80
CA PRO A 2 10.69 -12.13 26.67
C PRO A 2 10.80 -11.38 25.33
N THR A 3 11.94 -11.53 24.66
CA THR A 3 12.19 -10.86 23.38
C THR A 3 11.46 -11.57 22.23
N LYS A 4 10.26 -11.10 21.91
CA LYS A 4 9.48 -11.62 20.79
C LYS A 4 8.68 -10.48 20.12
N PRO A 5 9.30 -9.80 19.13
CA PRO A 5 8.64 -8.70 18.40
C PRO A 5 7.67 -9.20 17.31
N PRO A 6 6.38 -8.77 17.36
CA PRO A 6 5.40 -9.12 16.32
C PRO A 6 5.75 -8.48 14.96
N TYR A 7 5.04 -8.86 13.91
CA TYR A 7 5.35 -8.38 12.55
C TYR A 7 4.79 -6.98 12.29
N PRO A 8 5.68 -5.98 12.07
CA PRO A 8 5.27 -4.64 11.65
C PRO A 8 5.25 -4.50 10.11
N ARG A 9 4.25 -3.80 9.58
CA ARG A 9 4.10 -3.69 8.13
C ARG A 9 4.77 -2.42 7.57
N GLU A 10 5.32 -2.56 6.36
CA GLU A 10 5.97 -1.44 5.66
C GLU A 10 5.46 -1.32 4.22
N ALA A 11 5.03 -0.12 3.84
CA ALA A 11 4.55 0.15 2.48
C ALA A 11 5.20 1.42 1.91
N TYR A 12 5.29 1.52 0.60
CA TYR A 12 5.94 2.67 -0.05
C TYR A 12 5.11 3.21 -1.23
N ILE A 13 5.18 4.52 -1.42
CA ILE A 13 4.40 5.19 -2.47
C ILE A 13 5.20 5.29 -3.78
N VAL A 14 4.70 4.65 -4.83
CA VAL A 14 5.37 4.65 -6.13
C VAL A 14 4.66 5.56 -7.13
N THR A 15 5.40 6.48 -7.74
CA THR A 15 4.83 7.39 -8.74
C THR A 15 5.01 6.84 -10.16
N ILE A 16 3.90 6.53 -10.83
CA ILE A 16 3.94 5.97 -12.20
C ILE A 16 3.38 6.97 -13.23
N GLU A 17 3.62 6.69 -14.50
CA GLU A 17 3.20 7.58 -15.59
C GLU A 17 2.16 6.92 -16.50
N LYS A 18 0.94 7.46 -16.52
CA LYS A 18 -0.11 6.99 -17.43
C LYS A 18 -0.37 8.02 -18.55
N GLY A 19 -1.07 7.60 -19.60
CA GLY A 19 -1.36 8.51 -20.71
C GLY A 19 -0.43 8.31 -21.92
N LYS A 20 0.04 9.43 -22.50
CA LYS A 20 0.85 9.40 -23.73
C LYS A 20 2.35 9.61 -23.43
N PRO A 21 3.24 9.19 -24.35
CA PRO A 21 4.69 9.47 -24.22
C PRO A 21 4.97 10.97 -24.22
N GLY A 22 5.65 11.46 -23.19
CA GLY A 22 5.90 12.90 -23.06
C GLY A 22 4.79 13.61 -22.30
N GLN A 23 3.54 13.34 -22.68
CA GLN A 23 2.38 13.88 -21.97
C GLN A 23 1.80 12.83 -21.00
N THR A 24 2.45 12.70 -19.85
CA THR A 24 2.08 11.68 -18.86
C THR A 24 1.40 12.27 -17.63
N VAL A 25 0.63 11.45 -16.94
CA VAL A 25 -0.02 11.83 -15.67
C VAL A 25 0.57 11.02 -14.51
N THR A 26 0.93 11.69 -13.43
CA THR A 26 1.51 11.04 -12.25
C THR A 26 0.44 10.37 -11.38
N TRP A 27 0.52 9.05 -11.25
CA TRP A 27 -0.38 8.29 -10.37
C TRP A 27 0.39 7.65 -9.21
N TYR A 28 -0.11 7.82 -7.99
CA TYR A 28 0.54 7.28 -6.80
C TYR A 28 0.00 5.89 -6.44
N GLN A 29 0.84 4.87 -6.53
CA GLN A 29 0.47 3.50 -6.18
C GLN A 29 1.02 3.12 -4.80
N LEU A 30 0.17 2.58 -3.94
CA LEU A 30 0.61 2.07 -2.64
C LEU A 30 1.05 0.61 -2.77
N ARG A 31 2.35 0.38 -2.75
CA ARG A 31 2.90 -0.98 -2.84
C ARG A 31 3.56 -1.41 -1.52
N ALA A 32 3.63 -2.71 -1.25
CA ALA A 32 4.25 -3.22 -0.03
C ALA A 32 5.28 -4.31 -0.35
N ASP A 33 6.40 -4.30 0.38
CA ASP A 33 7.48 -5.29 0.17
C ASP A 33 7.01 -6.72 0.45
N HIS A 34 5.98 -6.87 1.29
CA HIS A 34 5.44 -8.19 1.63
C HIS A 34 3.95 -8.29 1.27
N PRO A 35 3.49 -9.40 0.63
CA PRO A 35 4.33 -10.58 0.29
C PRO A 35 5.44 -10.28 -0.72
N LYS A 36 5.12 -9.50 -1.75
CA LYS A 36 6.11 -9.11 -2.78
C LYS A 36 5.96 -7.63 -3.14
N PRO A 37 7.08 -6.93 -3.44
CA PRO A 37 7.06 -5.48 -3.77
C PRO A 37 6.03 -5.11 -4.86
N ASP A 38 5.63 -6.09 -5.67
CA ASP A 38 4.63 -5.88 -6.72
C ASP A 38 3.19 -5.99 -6.18
N SER A 39 3.06 -6.03 -4.85
CA SER A 39 1.73 -6.09 -4.20
C SER A 39 1.10 -4.71 -4.13
N LEU A 40 0.17 -4.44 -5.05
CA LEU A 40 -0.53 -3.15 -5.11
C LEU A 40 -1.77 -3.15 -4.20
N ILE A 41 -1.76 -2.30 -3.19
CA ILE A 41 -2.91 -2.15 -2.29
C ILE A 41 -4.04 -1.33 -2.96
N SER A 42 -3.69 -0.12 -3.42
CA SER A 42 -4.64 0.77 -4.10
C SER A 42 -3.92 1.91 -4.83
N GLU A 43 -4.56 2.45 -5.88
CA GLU A 43 -4.01 3.61 -6.61
C GLU A 43 -4.71 4.92 -6.19
N HIS A 44 -3.97 6.03 -6.28
CA HIS A 44 -4.52 7.35 -5.97
C HIS A 44 -3.86 8.44 -6.84
N PRO A 45 -4.64 9.45 -7.30
CA PRO A 45 -4.10 10.56 -8.10
C PRO A 45 -3.28 11.57 -7.27
N THR A 46 -3.56 11.65 -5.96
CA THR A 46 -2.85 12.60 -5.07
C THR A 46 -2.01 11.86 -4.02
N ALA A 47 -0.92 12.50 -3.58
CA ALA A 47 -0.02 11.93 -2.59
C ALA A 47 -0.71 11.74 -1.23
N GLN A 48 -1.46 12.74 -0.79
CA GLN A 48 -2.14 12.68 0.51
C GLN A 48 -3.01 11.42 0.64
N GLU A 49 -3.73 11.07 -0.42
CA GLU A 49 -4.53 9.84 -0.44
C GLU A 49 -3.64 8.59 -0.28
N ALA A 50 -2.49 8.59 -0.96
CA ALA A 50 -1.54 7.47 -0.86
C ALA A 50 -0.98 7.35 0.56
N MET A 51 -0.62 8.48 1.16
CA MET A 51 -0.14 8.53 2.55
C MET A 51 -1.24 8.08 3.52
N ASP A 52 -2.48 8.47 3.22
CA ASP A 52 -3.64 8.08 4.02
C ASP A 52 -3.85 6.56 3.98
N ALA A 53 -3.88 6.00 2.78
CA ALA A 53 -4.02 4.55 2.60
C ALA A 53 -2.88 3.79 3.29
N LYS A 54 -1.65 4.31 3.15
CA LYS A 54 -0.48 3.74 3.84
C LYS A 54 -0.71 3.66 5.35
N LYS A 55 -1.14 4.78 5.94
CA LYS A 55 -1.43 4.83 7.37
C LYS A 55 -2.53 3.83 7.78
N ARG A 56 -3.45 3.51 6.87
CA ARG A 56 -4.48 2.52 7.14
C ARG A 56 -3.87 1.10 7.13
N TYR A 57 -2.98 0.85 6.18
CA TYR A 57 -2.27 -0.43 6.10
C TYR A 57 -1.40 -0.65 7.34
N GLU A 58 -0.87 0.45 7.87
CA GLU A 58 -0.07 0.43 9.11
C GLU A 58 -0.97 0.39 10.36
N ASP A 59 -2.13 1.06 10.29
CA ASP A 59 -3.04 1.18 11.43
C ASP A 59 -4.49 0.87 11.02
N PRO A 60 -4.82 -0.42 10.81
CA PRO A 60 -6.14 -0.86 10.40
C PRO A 60 -7.02 -1.37 11.56
N ASP A 61 -7.94 -0.53 12.03
CA ASP A 61 -8.95 -0.96 13.01
C ASP A 61 -10.13 -1.66 12.33
N LYS A 62 -10.04 -1.78 11.00
CA LYS A 62 -11.07 -2.44 10.20
C LYS A 62 -10.84 -3.97 10.14
N GLU A 63 -11.93 -4.72 10.01
CA GLU A 63 -11.88 -6.18 9.79
C GLU A 63 -11.35 -6.96 11.01
N LEU A 64 -11.22 -6.28 12.16
CA LEU A 64 -10.80 -6.95 13.40
C LEU A 64 -11.83 -7.98 13.85
N GLU A 65 -11.42 -8.93 14.68
CA GLU A 65 -12.30 -10.04 15.08
C GLU A 65 -13.33 -9.62 16.15
N HIS A 66 -14.54 -9.29 15.72
CA HIS A 66 -15.66 -9.07 16.65
C HIS A 66 -16.31 -10.42 16.97
N HIS A 67 -16.57 -10.69 18.25
CA HIS A 67 -17.10 -11.99 18.65
C HIS A 67 -18.05 -11.90 19.86
N HIS A 68 -19.29 -11.50 19.60
CA HIS A 68 -20.38 -11.47 20.59
C HIS A 68 -20.13 -10.47 21.73
N HIS A 69 -19.14 -10.74 22.57
CA HIS A 69 -18.83 -9.90 23.75
C HIS A 69 -18.60 -8.43 23.35
N HIS A 70 -19.60 -7.58 23.60
CA HIS A 70 -19.52 -6.14 23.32
C HIS A 70 -18.82 -5.40 24.47
N HIS A 71 -19.41 -5.48 25.67
CA HIS A 71 -18.87 -4.79 26.86
C HIS A 71 -18.07 -5.77 27.73
N MET A 1 0.00 -11.60 26.01
CA MET A 1 0.80 -11.62 24.76
C MET A 1 1.63 -12.91 24.64
N PRO A 2 1.81 -13.44 23.40
CA PRO A 2 2.70 -14.58 23.16
C PRO A 2 4.18 -14.14 23.07
N THR A 3 5.11 -15.09 23.26
CA THR A 3 6.54 -14.78 23.20
C THR A 3 7.01 -14.49 21.76
N LYS A 4 7.74 -13.39 21.58
CA LYS A 4 8.28 -12.99 20.26
C LYS A 4 7.17 -12.66 19.24
N PRO A 5 6.72 -11.40 19.20
CA PRO A 5 5.67 -10.96 18.25
C PRO A 5 6.18 -10.87 16.80
N PRO A 6 5.26 -10.91 15.81
CA PRO A 6 5.61 -10.78 14.39
C PRO A 6 6.17 -9.39 14.02
N TYR A 7 6.87 -9.32 12.89
CA TYR A 7 7.42 -8.04 12.41
C TYR A 7 6.30 -7.05 12.02
N PRO A 8 6.54 -5.73 12.19
CA PRO A 8 5.55 -4.69 11.83
C PRO A 8 5.36 -4.56 10.31
N ARG A 9 4.18 -4.09 9.90
CA ARG A 9 3.86 -3.94 8.48
C ARG A 9 4.47 -2.65 7.88
N GLU A 10 4.91 -2.73 6.63
CA GLU A 10 5.49 -1.58 5.93
C GLU A 10 4.81 -1.35 4.57
N ALA A 11 4.71 -0.08 4.18
CA ALA A 11 4.15 0.29 2.86
C ALA A 11 4.86 1.52 2.29
N TYR A 12 4.84 1.67 0.98
CA TYR A 12 5.51 2.79 0.31
C TYR A 12 4.81 3.19 -0.99
N ILE A 13 5.09 4.41 -1.46
CA ILE A 13 4.45 4.95 -2.67
C ILE A 13 5.37 4.87 -3.90
N VAL A 14 4.81 4.46 -5.03
CA VAL A 14 5.54 4.40 -6.31
C VAL A 14 4.89 5.33 -7.35
N THR A 15 5.68 6.22 -7.94
CA THR A 15 5.18 7.17 -8.93
C THR A 15 5.19 6.57 -10.35
N ILE A 16 4.01 6.37 -10.93
CA ILE A 16 3.91 5.81 -12.29
C ILE A 16 3.36 6.83 -13.29
N GLU A 17 3.44 6.49 -14.57
CA GLU A 17 2.97 7.37 -15.65
C GLU A 17 1.78 6.74 -16.40
N LYS A 18 0.67 7.49 -16.49
CA LYS A 18 -0.47 7.07 -17.31
C LYS A 18 -0.76 8.12 -18.40
N GLY A 19 -1.46 7.71 -19.46
CA GLY A 19 -1.79 8.62 -20.56
C GLY A 19 -0.87 8.44 -21.77
N LYS A 20 -0.60 9.54 -22.46
CA LYS A 20 0.19 9.52 -23.70
C LYS A 20 1.68 9.81 -23.45
N PRO A 21 2.59 9.23 -24.26
CA PRO A 21 4.03 9.50 -24.16
C PRO A 21 4.35 11.01 -24.29
N GLY A 22 5.03 11.57 -23.30
CA GLY A 22 5.29 13.00 -23.27
C GLY A 22 4.25 13.76 -22.43
N GLN A 23 2.98 13.54 -22.74
CA GLN A 23 1.87 14.15 -21.98
C GLN A 23 1.29 13.15 -20.97
N THR A 24 2.10 12.76 -19.99
CA THR A 24 1.70 11.74 -19.01
C THR A 24 1.06 12.35 -17.75
N VAL A 25 0.44 11.49 -16.94
CA VAL A 25 -0.13 11.89 -15.66
C VAL A 25 0.45 11.04 -14.53
N THR A 26 1.03 11.67 -13.52
CA THR A 26 1.66 10.94 -12.41
C THR A 26 0.63 10.39 -11.42
N TRP A 27 0.56 9.05 -11.35
CA TRP A 27 -0.30 8.37 -10.39
C TRP A 27 0.54 7.67 -9.30
N TYR A 28 0.06 7.73 -8.06
CA TYR A 28 0.80 7.15 -6.93
C TYR A 28 0.26 5.75 -6.58
N GLN A 29 1.09 4.73 -6.78
CA GLN A 29 0.72 3.35 -6.44
C GLN A 29 1.15 3.00 -5.02
N LEU A 30 0.21 2.54 -4.21
CA LEU A 30 0.52 2.04 -2.87
C LEU A 30 0.99 0.57 -2.94
N ARG A 31 2.23 0.32 -2.56
CA ARG A 31 2.78 -1.05 -2.53
C ARG A 31 3.38 -1.39 -1.17
N ALA A 32 3.62 -2.67 -0.92
CA ALA A 32 4.25 -3.12 0.31
C ALA A 32 5.27 -4.24 0.04
N ASP A 33 6.40 -4.21 0.74
CA ASP A 33 7.41 -5.26 0.61
C ASP A 33 6.85 -6.63 1.03
N HIS A 34 6.02 -6.62 2.07
CA HIS A 34 5.36 -7.83 2.54
C HIS A 34 3.86 -7.80 2.16
N PRO A 35 3.32 -8.89 1.56
CA PRO A 35 4.06 -10.14 1.30
C PRO A 35 5.03 -10.07 0.09
N LYS A 36 4.65 -9.32 -0.95
CA LYS A 36 5.48 -9.20 -2.17
C LYS A 36 5.66 -7.73 -2.56
N PRO A 37 6.91 -7.30 -2.84
CA PRO A 37 7.24 -5.89 -3.12
C PRO A 37 6.28 -5.20 -4.11
N ASP A 38 6.04 -5.81 -5.27
CA ASP A 38 5.19 -5.22 -6.31
C ASP A 38 3.68 -5.39 -6.02
N SER A 39 3.34 -5.55 -4.74
CA SER A 39 1.93 -5.66 -4.33
C SER A 39 1.16 -4.36 -4.57
N LEU A 40 0.58 -4.23 -5.75
CA LEU A 40 -0.22 -3.05 -6.09
C LEU A 40 -1.57 -3.05 -5.35
N ILE A 41 -1.67 -2.23 -4.31
CA ILE A 41 -2.93 -2.05 -3.59
C ILE A 41 -3.92 -1.21 -4.40
N SER A 42 -3.48 -0.01 -4.81
CA SER A 42 -4.34 0.91 -5.59
C SER A 42 -3.57 2.17 -6.02
N GLU A 43 -3.96 2.74 -7.17
CA GLU A 43 -3.41 4.02 -7.64
C GLU A 43 -4.22 5.19 -7.08
N HIS A 44 -3.56 6.14 -6.42
CA HIS A 44 -4.22 7.32 -5.85
C HIS A 44 -3.71 8.61 -6.51
N PRO A 45 -4.57 9.64 -6.65
CA PRO A 45 -4.25 10.88 -7.40
C PRO A 45 -3.14 11.73 -6.74
N THR A 46 -3.18 11.85 -5.41
CA THR A 46 -2.19 12.66 -4.69
C THR A 46 -1.40 11.81 -3.68
N ALA A 47 -0.17 12.22 -3.37
CA ALA A 47 0.66 11.52 -2.39
C ALA A 47 -0.05 11.42 -1.03
N GLN A 48 -0.69 12.51 -0.62
CA GLN A 48 -1.46 12.54 0.63
C GLN A 48 -2.62 11.52 0.58
N GLU A 49 -3.32 11.47 -0.56
CA GLU A 49 -4.43 10.52 -0.76
C GLU A 49 -3.92 9.06 -0.66
N ALA A 50 -2.68 8.84 -1.10
CA ALA A 50 -2.04 7.53 -0.99
C ALA A 50 -1.60 7.22 0.45
N MET A 51 -1.03 8.23 1.12
CA MET A 51 -0.62 8.11 2.52
C MET A 51 -1.80 7.73 3.43
N ASP A 52 -2.98 8.26 3.11
CA ASP A 52 -4.21 7.94 3.84
C ASP A 52 -4.44 6.43 3.93
N ALA A 53 -4.25 5.73 2.82
CA ALA A 53 -4.35 4.28 2.77
C ALA A 53 -3.10 3.62 3.39
N LYS A 54 -1.93 4.19 3.11
CA LYS A 54 -0.65 3.68 3.63
C LYS A 54 -0.66 3.54 5.16
N LYS A 55 -1.08 4.59 5.86
CA LYS A 55 -1.16 4.56 7.33
C LYS A 55 -1.99 3.36 7.83
N ARG A 56 -3.25 3.28 7.40
CA ARG A 56 -4.14 2.20 7.84
C ARG A 56 -3.62 0.81 7.42
N TYR A 57 -2.84 0.76 6.35
CA TYR A 57 -2.23 -0.48 5.88
C TYR A 57 -1.11 -0.93 6.83
N GLU A 58 -0.39 0.04 7.40
CA GLU A 58 0.70 -0.23 8.34
C GLU A 58 0.19 -0.38 9.78
N ASP A 59 -1.01 0.14 10.03
CA ASP A 59 -1.69 -0.07 11.31
C ASP A 59 -2.30 -1.48 11.40
N PRO A 60 -2.66 -1.95 12.61
CA PRO A 60 -3.41 -3.22 12.77
C PRO A 60 -4.85 -3.12 12.22
N ASP A 61 -5.17 -1.98 11.60
CA ASP A 61 -6.47 -1.75 10.97
C ASP A 61 -6.66 -2.63 9.73
N LYS A 62 -5.57 -2.82 8.98
CA LYS A 62 -5.62 -3.54 7.70
C LYS A 62 -5.83 -5.06 7.90
N GLU A 63 -6.36 -5.71 6.87
CA GLU A 63 -6.62 -7.15 6.91
C GLU A 63 -5.35 -7.98 6.59
N LEU A 64 -5.43 -9.28 6.86
CA LEU A 64 -4.33 -10.21 6.59
C LEU A 64 -4.85 -11.44 5.82
N GLU A 65 -5.22 -11.22 4.56
CA GLU A 65 -5.79 -12.29 3.73
C GLU A 65 -4.70 -13.22 3.17
N HIS A 66 -4.26 -14.17 3.99
CA HIS A 66 -3.18 -15.09 3.62
C HIS A 66 -3.72 -16.40 2.99
N HIS A 67 -4.99 -16.39 2.60
CA HIS A 67 -5.61 -17.58 1.96
C HIS A 67 -6.21 -17.23 0.59
N HIS A 68 -5.52 -17.62 -0.48
CA HIS A 68 -6.00 -17.42 -1.85
C HIS A 68 -5.55 -18.57 -2.77
N HIS A 69 -6.17 -18.66 -3.95
CA HIS A 69 -5.77 -19.65 -4.97
C HIS A 69 -5.44 -18.95 -6.29
N HIS A 70 -4.15 -18.76 -6.56
CA HIS A 70 -3.69 -18.07 -7.78
C HIS A 70 -2.47 -18.75 -8.40
N HIS A 71 -2.53 -19.00 -9.70
CA HIS A 71 -1.37 -19.50 -10.46
C HIS A 71 -0.74 -18.37 -11.30
N MET A 1 14.33 -1.26 28.35
CA MET A 1 14.48 -2.44 27.46
C MET A 1 13.38 -2.46 26.40
N PRO A 2 13.65 -3.05 25.21
CA PRO A 2 12.67 -3.11 24.12
C PRO A 2 11.50 -4.07 24.40
N THR A 3 10.27 -3.59 24.19
CA THR A 3 9.08 -4.44 24.37
C THR A 3 8.90 -5.42 23.21
N LYS A 4 9.49 -5.08 22.06
CA LYS A 4 9.56 -6.00 20.90
C LYS A 4 8.18 -6.25 20.27
N PRO A 5 7.79 -5.45 19.27
CA PRO A 5 6.56 -5.67 18.50
C PRO A 5 6.66 -6.87 17.55
N PRO A 6 5.54 -7.58 17.29
CA PRO A 6 5.53 -8.76 16.39
C PRO A 6 5.64 -8.37 14.90
N TYR A 7 6.74 -7.71 14.55
CA TYR A 7 6.99 -7.22 13.17
C TYR A 7 5.96 -6.15 12.75
N PRO A 8 6.31 -4.86 12.87
CA PRO A 8 5.46 -3.76 12.41
C PRO A 8 5.39 -3.66 10.87
N ARG A 9 4.25 -3.98 10.29
CA ARG A 9 4.08 -3.95 8.83
C ARG A 9 4.23 -2.53 8.27
N GLU A 10 4.94 -2.39 7.16
CA GLU A 10 5.18 -1.09 6.53
C GLU A 10 4.93 -1.12 5.01
N ALA A 11 4.52 0.03 4.47
CA ALA A 11 4.29 0.17 3.02
C ALA A 11 5.10 1.34 2.45
N TYR A 12 5.07 1.52 1.14
CA TYR A 12 5.77 2.65 0.49
C TYR A 12 5.03 3.13 -0.76
N ILE A 13 5.22 4.40 -1.10
CA ILE A 13 4.52 5.03 -2.23
C ILE A 13 5.45 5.15 -3.46
N VAL A 14 4.93 4.81 -4.63
CA VAL A 14 5.69 4.89 -5.88
C VAL A 14 5.03 5.86 -6.88
N THR A 15 5.83 6.67 -7.56
CA THR A 15 5.32 7.63 -8.56
C THR A 15 5.51 7.11 -9.99
N ILE A 16 4.41 6.88 -10.71
CA ILE A 16 4.48 6.41 -12.11
C ILE A 16 3.81 7.42 -13.06
N GLU A 17 4.02 7.20 -14.37
CA GLU A 17 3.40 8.04 -15.40
C GLU A 17 2.43 7.22 -16.28
N LYS A 18 1.19 7.69 -16.42
CA LYS A 18 0.20 7.04 -17.29
C LYS A 18 -0.49 8.06 -18.22
N GLY A 19 -1.19 7.57 -19.24
CA GLY A 19 -1.87 8.44 -20.18
C GLY A 19 -1.10 8.63 -21.49
N LYS A 20 -1.04 9.87 -21.98
CA LYS A 20 -0.33 10.19 -23.21
C LYS A 20 1.20 10.20 -22.98
N PRO A 21 2.00 9.80 -24.01
CA PRO A 21 3.47 9.78 -23.91
C PRO A 21 4.06 11.14 -23.46
N GLY A 22 3.59 12.22 -24.07
CA GLY A 22 4.00 13.56 -23.65
C GLY A 22 3.19 14.09 -22.49
N GLN A 23 1.86 14.09 -22.63
CA GLN A 23 0.95 14.51 -21.57
C GLN A 23 0.69 13.36 -20.58
N THR A 24 1.66 13.11 -19.70
CA THR A 24 1.54 12.05 -18.69
C THR A 24 0.87 12.55 -17.41
N VAL A 25 0.21 11.65 -16.70
CA VAL A 25 -0.38 11.95 -15.39
C VAL A 25 0.32 11.13 -14.30
N THR A 26 0.76 11.78 -13.24
CA THR A 26 1.46 11.10 -12.14
C THR A 26 0.48 10.30 -11.26
N TRP A 27 0.63 8.98 -11.27
CA TRP A 27 -0.17 8.11 -10.40
C TRP A 27 0.67 7.57 -9.23
N TYR A 28 0.13 7.66 -8.03
CA TYR A 28 0.82 7.19 -6.82
C TYR A 28 0.37 5.78 -6.43
N GLN A 29 1.29 4.83 -6.52
CA GLN A 29 1.02 3.43 -6.21
C GLN A 29 1.44 3.07 -4.79
N LEU A 30 0.50 2.57 -3.98
CA LEU A 30 0.83 2.04 -2.66
C LEU A 30 1.30 0.58 -2.78
N ARG A 31 2.58 0.34 -2.54
CA ARG A 31 3.16 -1.00 -2.66
C ARG A 31 3.80 -1.45 -1.34
N ALA A 32 3.95 -2.76 -1.18
CA ALA A 32 4.58 -3.33 0.02
C ALA A 32 5.39 -4.60 -0.31
N ASP A 33 6.49 -4.82 0.40
CA ASP A 33 7.32 -6.02 0.21
C ASP A 33 6.55 -7.30 0.54
N HIS A 34 5.50 -7.18 1.35
CA HIS A 34 4.66 -8.31 1.74
C HIS A 34 3.18 -8.02 1.42
N PRO A 35 2.39 -9.02 0.94
CA PRO A 35 2.81 -10.44 0.76
C PRO A 35 4.00 -10.64 -0.20
N LYS A 36 3.87 -10.16 -1.44
CA LYS A 36 4.95 -10.27 -2.43
C LYS A 36 5.57 -8.91 -2.72
N PRO A 37 6.89 -8.87 -3.03
CA PRO A 37 7.61 -7.60 -3.32
C PRO A 37 6.91 -6.72 -4.38
N ASP A 38 6.21 -7.34 -5.33
CA ASP A 38 5.51 -6.62 -6.38
C ASP A 38 4.02 -6.45 -6.07
N SER A 39 3.65 -6.56 -4.80
CA SER A 39 2.24 -6.44 -4.38
C SER A 39 1.76 -4.98 -4.44
N LEU A 40 0.91 -4.69 -5.43
CA LEU A 40 0.32 -3.36 -5.58
C LEU A 40 -1.04 -3.28 -4.85
N ILE A 41 -1.07 -2.52 -3.76
CA ILE A 41 -2.28 -2.40 -2.94
C ILE A 41 -3.35 -1.53 -3.62
N SER A 42 -2.97 -0.30 -4.00
CA SER A 42 -3.93 0.65 -4.61
C SER A 42 -3.22 1.82 -5.31
N GLU A 43 -3.85 2.35 -6.36
CA GLU A 43 -3.35 3.52 -7.08
C GLU A 43 -4.22 4.75 -6.80
N HIS A 44 -3.59 5.91 -6.62
CA HIS A 44 -4.32 7.16 -6.38
C HIS A 44 -3.70 8.34 -7.15
N PRO A 45 -4.54 9.24 -7.71
CA PRO A 45 -4.06 10.39 -8.49
C PRO A 45 -3.41 11.48 -7.62
N THR A 46 -3.76 11.54 -6.34
CA THR A 46 -3.19 12.55 -5.43
C THR A 46 -2.31 11.90 -4.35
N ALA A 47 -1.22 12.58 -3.99
CA ALA A 47 -0.33 12.11 -2.93
C ALA A 47 -1.06 11.97 -1.58
N GLN A 48 -2.02 12.85 -1.33
CA GLN A 48 -2.79 12.83 -0.07
C GLN A 48 -3.47 11.46 0.12
N GLU A 49 -4.15 10.98 -0.92
CA GLU A 49 -4.80 9.66 -0.88
C GLU A 49 -3.77 8.55 -0.60
N ALA A 50 -2.61 8.65 -1.24
CA ALA A 50 -1.55 7.66 -1.08
C ALA A 50 -1.00 7.64 0.36
N MET A 51 -0.84 8.83 0.95
CA MET A 51 -0.38 8.95 2.33
C MET A 51 -1.42 8.37 3.31
N ASP A 52 -2.68 8.76 3.14
CA ASP A 52 -3.77 8.22 3.95
C ASP A 52 -3.88 6.69 3.82
N ALA A 53 -3.71 6.18 2.61
CA ALA A 53 -3.72 4.75 2.35
C ALA A 53 -2.54 4.05 3.06
N LYS A 54 -1.36 4.66 2.97
CA LYS A 54 -0.15 4.13 3.60
C LYS A 54 -0.31 4.04 5.13
N LYS A 55 -0.71 5.15 5.77
CA LYS A 55 -0.87 5.18 7.22
C LYS A 55 -2.00 4.23 7.69
N ARG A 56 -3.04 4.10 6.86
CA ARG A 56 -4.18 3.23 7.20
C ARG A 56 -3.84 1.74 6.95
N TYR A 57 -2.91 1.51 6.03
CA TYR A 57 -2.41 0.15 5.76
C TYR A 57 -1.53 -0.35 6.92
N GLU A 58 -0.65 0.53 7.40
CA GLU A 58 0.26 0.21 8.50
C GLU A 58 -0.47 0.19 9.86
N ASP A 59 -1.46 1.06 10.00
CA ASP A 59 -2.30 1.09 11.21
C ASP A 59 -3.75 0.65 10.91
N PRO A 60 -3.99 -0.68 10.81
CA PRO A 60 -5.31 -1.20 10.45
C PRO A 60 -6.29 -1.24 11.64
N ASP A 61 -7.51 -0.74 11.40
CA ASP A 61 -8.57 -0.75 12.42
C ASP A 61 -9.43 -2.01 12.30
N LYS A 62 -8.95 -2.99 11.52
CA LYS A 62 -9.72 -4.20 11.21
C LYS A 62 -8.78 -5.37 10.88
N GLU A 63 -9.29 -6.60 10.96
CA GLU A 63 -8.53 -7.80 10.59
C GLU A 63 -7.31 -8.03 11.51
N LEU A 64 -7.42 -7.60 12.76
CA LEU A 64 -6.33 -7.74 13.72
C LEU A 64 -6.29 -9.16 14.32
N GLU A 65 -5.62 -10.07 13.63
CA GLU A 65 -5.43 -11.44 14.14
C GLU A 65 -4.58 -11.41 15.42
N HIS A 66 -5.22 -11.67 16.56
CA HIS A 66 -4.56 -11.60 17.86
C HIS A 66 -3.77 -12.88 18.16
N HIS A 67 -2.74 -12.76 19.00
CA HIS A 67 -1.90 -13.89 19.37
C HIS A 67 -2.71 -15.00 20.07
N HIS A 68 -2.61 -16.23 19.54
CA HIS A 68 -3.31 -17.39 20.12
C HIS A 68 -2.59 -17.87 21.39
N HIS A 69 -3.37 -18.23 22.42
CA HIS A 69 -2.81 -18.68 23.71
C HIS A 69 -1.71 -19.74 23.50
N HIS A 70 -0.49 -19.39 23.94
CA HIS A 70 0.69 -20.26 23.76
C HIS A 70 0.47 -21.67 24.34
N HIS A 71 0.74 -22.68 23.52
CA HIS A 71 0.58 -24.09 23.93
C HIS A 71 1.57 -24.48 25.05
N MET A 1 -3.32 -8.56 26.99
CA MET A 1 -2.04 -8.69 26.23
C MET A 1 -2.24 -9.53 24.95
N PRO A 2 -1.66 -9.09 23.81
CA PRO A 2 -1.75 -9.86 22.55
C PRO A 2 -1.08 -11.24 22.65
N THR A 3 -1.80 -12.29 22.23
CA THR A 3 -1.26 -13.65 22.23
C THR A 3 -0.16 -13.81 21.19
N LYS A 4 1.10 -13.67 21.63
CA LYS A 4 2.27 -13.62 20.73
C LYS A 4 2.28 -12.32 19.90
N PRO A 5 3.47 -11.69 19.73
CA PRO A 5 3.61 -10.36 19.11
C PRO A 5 2.77 -10.16 17.82
N PRO A 6 1.97 -9.08 17.75
CA PRO A 6 1.21 -8.74 16.53
C PRO A 6 2.13 -8.31 15.37
N TYR A 7 1.71 -8.56 14.14
CA TYR A 7 2.55 -8.27 12.96
C TYR A 7 2.33 -6.83 12.44
N PRO A 8 3.37 -5.98 12.50
CA PRO A 8 3.33 -4.64 11.89
C PRO A 8 3.60 -4.69 10.37
N ARG A 9 2.75 -4.02 9.60
CA ARG A 9 2.86 -4.01 8.14
C ARG A 9 3.66 -2.79 7.64
N GLU A 10 4.22 -2.89 6.43
CA GLU A 10 5.02 -1.81 5.85
C GLU A 10 4.60 -1.51 4.40
N ALA A 11 4.57 -0.23 4.03
CA ALA A 11 4.17 0.17 2.67
C ALA A 11 5.02 1.33 2.13
N TYR A 12 5.00 1.53 0.82
CA TYR A 12 5.75 2.61 0.18
C TYR A 12 5.07 3.08 -1.12
N ILE A 13 5.24 4.36 -1.45
CA ILE A 13 4.58 4.97 -2.61
C ILE A 13 5.54 5.10 -3.81
N VAL A 14 5.06 4.72 -4.99
CA VAL A 14 5.84 4.87 -6.24
C VAL A 14 4.99 5.57 -7.31
N THR A 15 5.47 6.70 -7.85
CA THR A 15 4.73 7.45 -8.86
C THR A 15 5.01 6.94 -10.27
N ILE A 16 3.96 6.67 -11.03
CA ILE A 16 4.09 6.20 -12.42
C ILE A 16 3.54 7.25 -13.42
N GLU A 17 3.71 6.98 -14.71
CA GLU A 17 3.22 7.88 -15.76
C GLU A 17 2.16 7.20 -16.66
N LYS A 18 1.02 7.87 -16.85
CA LYS A 18 -0.03 7.40 -17.75
C LYS A 18 -0.38 8.46 -18.80
N GLY A 19 -1.30 8.14 -19.70
CA GLY A 19 -1.80 9.13 -20.65
C GLY A 19 -0.95 9.31 -21.90
N LYS A 20 -0.74 10.57 -22.28
CA LYS A 20 -0.06 10.91 -23.54
C LYS A 20 1.47 10.68 -23.45
N PRO A 21 2.13 10.34 -24.59
CA PRO A 21 3.59 10.11 -24.63
C PRO A 21 4.39 11.35 -24.17
N GLY A 22 3.93 12.53 -24.55
CA GLY A 22 4.59 13.77 -24.12
C GLY A 22 4.00 14.33 -22.83
N GLN A 23 2.68 14.50 -22.81
CA GLN A 23 1.98 14.98 -21.62
C GLN A 23 1.48 13.80 -20.75
N THR A 24 2.40 13.26 -19.96
CA THR A 24 2.10 12.13 -19.07
C THR A 24 1.42 12.60 -17.77
N VAL A 25 0.60 11.73 -17.20
CA VAL A 25 -0.14 12.04 -15.97
C VAL A 25 0.42 11.24 -14.78
N THR A 26 0.58 11.91 -13.63
CA THR A 26 1.21 11.30 -12.45
C THR A 26 0.20 10.51 -11.60
N TRP A 27 0.45 9.22 -11.44
CA TRP A 27 -0.37 8.36 -10.57
C TRP A 27 0.46 7.76 -9.44
N TYR A 28 -0.04 7.85 -8.22
CA TYR A 28 0.67 7.34 -7.03
C TYR A 28 0.26 5.89 -6.73
N GLN A 29 1.21 4.97 -6.86
CA GLN A 29 0.97 3.56 -6.56
C GLN A 29 1.41 3.21 -5.13
N LEU A 30 0.48 2.74 -4.31
CA LEU A 30 0.82 2.25 -2.98
C LEU A 30 1.24 0.76 -3.05
N ARG A 31 2.54 0.52 -2.97
CA ARG A 31 3.07 -0.85 -2.99
C ARG A 31 3.55 -1.25 -1.58
N ALA A 32 3.33 -2.51 -1.20
CA ALA A 32 3.61 -2.95 0.17
C ALA A 32 4.82 -3.90 0.25
N ASP A 33 5.27 -4.14 1.48
CA ASP A 33 6.46 -4.97 1.72
C ASP A 33 6.16 -6.47 1.60
N HIS A 34 5.15 -6.94 2.34
CA HIS A 34 4.73 -8.35 2.30
C HIS A 34 3.23 -8.46 1.95
N PRO A 35 2.72 -9.66 1.55
CA PRO A 35 3.50 -10.92 1.44
C PRO A 35 4.62 -10.87 0.37
N LYS A 36 4.27 -10.45 -0.84
CA LYS A 36 5.26 -10.23 -1.91
C LYS A 36 5.62 -8.73 -2.00
N PRO A 37 6.86 -8.39 -2.41
CA PRO A 37 7.30 -6.99 -2.54
C PRO A 37 6.57 -6.25 -3.66
N ASP A 38 5.93 -7.02 -4.55
CA ASP A 38 5.20 -6.45 -5.69
C ASP A 38 3.75 -6.12 -5.33
N SER A 39 3.36 -6.35 -4.07
CA SER A 39 1.97 -6.15 -3.63
C SER A 39 1.47 -4.73 -3.88
N LEU A 40 0.85 -4.52 -5.02
CA LEU A 40 0.26 -3.23 -5.37
C LEU A 40 -1.15 -3.09 -4.75
N ILE A 41 -1.27 -2.27 -3.71
CA ILE A 41 -2.53 -2.09 -3.01
C ILE A 41 -3.57 -1.34 -3.88
N SER A 42 -3.18 -0.17 -4.40
CA SER A 42 -4.08 0.64 -5.24
C SER A 42 -3.37 1.88 -5.80
N GLU A 43 -3.81 2.30 -6.99
CA GLU A 43 -3.28 3.52 -7.64
C GLU A 43 -4.24 4.71 -7.43
N HIS A 44 -3.71 5.85 -6.99
CA HIS A 44 -4.55 7.03 -6.75
C HIS A 44 -3.90 8.31 -7.33
N PRO A 45 -4.73 9.27 -7.79
CA PRO A 45 -4.25 10.49 -8.48
C PRO A 45 -3.63 11.53 -7.53
N THR A 46 -3.92 11.43 -6.22
CA THR A 46 -3.36 12.39 -5.25
C THR A 46 -2.45 11.68 -4.23
N ALA A 47 -1.48 12.41 -3.70
CA ALA A 47 -0.54 11.85 -2.71
C ALA A 47 -1.23 11.59 -1.36
N GLN A 48 -2.15 12.46 -0.98
CA GLN A 48 -2.84 12.36 0.31
C GLN A 48 -3.56 11.00 0.46
N GLU A 49 -4.20 10.55 -0.61
CA GLU A 49 -4.85 9.22 -0.61
C GLU A 49 -3.84 8.10 -0.33
N ALA A 50 -2.74 8.10 -1.08
CA ALA A 50 -1.70 7.08 -0.94
C ALA A 50 -1.04 7.13 0.44
N MET A 51 -0.84 8.34 0.97
CA MET A 51 -0.25 8.53 2.30
C MET A 51 -1.19 8.04 3.42
N ASP A 52 -2.47 8.39 3.32
CA ASP A 52 -3.47 7.95 4.29
C ASP A 52 -3.58 6.41 4.30
N ALA A 53 -3.70 5.83 3.11
CA ALA A 53 -3.76 4.37 2.96
C ALA A 53 -2.44 3.71 3.41
N LYS A 54 -1.33 4.40 3.20
CA LYS A 54 -0.02 3.93 3.68
C LYS A 54 -0.01 3.81 5.20
N LYS A 55 -0.30 4.92 5.88
CA LYS A 55 -0.35 4.96 7.35
C LYS A 55 -1.34 3.91 7.89
N ARG A 56 -2.52 3.84 7.26
CA ARG A 56 -3.55 2.87 7.65
C ARG A 56 -3.06 1.42 7.48
N TYR A 57 -2.40 1.15 6.36
CA TYR A 57 -1.87 -0.19 6.09
C TYR A 57 -0.74 -0.56 7.06
N GLU A 58 0.11 0.41 7.39
CA GLU A 58 1.26 0.15 8.26
C GLU A 58 0.86 -0.07 9.73
N ASP A 59 -0.44 0.10 10.03
CA ASP A 59 -0.99 -0.29 11.32
C ASP A 59 -1.37 -1.79 11.32
N PRO A 60 -1.21 -2.50 12.46
CA PRO A 60 -1.69 -3.89 12.58
C PRO A 60 -3.23 -3.95 12.67
N ASP A 61 -3.89 -3.95 11.52
CA ASP A 61 -5.35 -3.87 11.43
C ASP A 61 -6.05 -5.11 12.02
N LYS A 62 -5.94 -6.23 11.33
CA LYS A 62 -6.69 -7.44 11.70
C LYS A 62 -6.01 -8.22 12.84
N GLU A 63 -6.77 -8.50 13.89
CA GLU A 63 -6.30 -9.34 14.99
C GLU A 63 -6.73 -10.81 14.79
N LEU A 64 -6.39 -11.66 15.76
CA LEU A 64 -6.71 -13.10 15.69
C LEU A 64 -5.97 -13.81 14.52
N GLU A 65 -5.09 -13.07 13.85
CA GLU A 65 -4.33 -13.61 12.70
C GLU A 65 -3.12 -14.44 13.15
N HIS A 66 -3.13 -14.89 14.40
CA HIS A 66 -2.07 -15.77 14.90
C HIS A 66 -2.25 -17.21 14.40
N HIS A 67 -3.39 -17.48 13.76
CA HIS A 67 -3.69 -18.80 13.17
C HIS A 67 -2.91 -19.03 11.85
N HIS A 68 -1.69 -18.51 11.77
CA HIS A 68 -0.86 -18.64 10.57
C HIS A 68 0.63 -18.76 10.95
N HIS A 69 1.36 -19.59 10.21
CA HIS A 69 2.78 -19.84 10.50
C HIS A 69 3.62 -18.54 10.47
N HIS A 70 4.63 -18.49 11.32
CA HIS A 70 5.52 -17.31 11.42
C HIS A 70 6.95 -17.67 10.97
N HIS A 71 7.91 -16.80 11.29
CA HIS A 71 9.33 -17.08 10.99
C HIS A 71 10.17 -17.16 12.29
N MET A 1 1.59 -20.09 26.92
CA MET A 1 0.89 -19.56 25.71
C MET A 1 1.78 -19.71 24.46
N PRO A 2 1.17 -19.93 23.27
CA PRO A 2 1.91 -20.04 22.01
C PRO A 2 2.66 -18.75 21.64
N THR A 3 3.99 -18.81 21.60
CA THR A 3 4.82 -17.63 21.36
C THR A 3 5.14 -17.43 19.87
N LYS A 4 4.25 -16.77 19.15
CA LYS A 4 4.49 -16.47 17.72
C LYS A 4 3.65 -15.28 17.23
N PRO A 5 4.22 -14.07 17.20
CA PRO A 5 3.57 -12.89 16.61
C PRO A 5 3.74 -12.85 15.07
N PRO A 6 2.72 -12.35 14.34
CA PRO A 6 2.82 -12.21 12.87
C PRO A 6 3.76 -11.08 12.45
N TYR A 7 4.22 -11.12 11.20
CA TYR A 7 5.15 -10.10 10.67
C TYR A 7 4.50 -8.69 10.63
N PRO A 8 5.30 -7.63 10.87
CA PRO A 8 4.80 -6.25 10.83
C PRO A 8 4.54 -5.72 9.41
N ARG A 9 3.81 -4.61 9.31
CA ARG A 9 3.47 -4.01 8.01
C ARG A 9 4.38 -2.81 7.71
N GLU A 10 4.81 -2.69 6.45
CA GLU A 10 5.62 -1.55 6.01
C GLU A 10 5.39 -1.27 4.50
N ALA A 11 4.86 -0.10 4.19
CA ALA A 11 4.49 0.23 2.79
C ALA A 11 5.29 1.42 2.24
N TYR A 12 5.20 1.60 0.92
CA TYR A 12 5.87 2.70 0.22
C TYR A 12 5.05 3.15 -1.00
N ILE A 13 5.17 4.43 -1.35
CA ILE A 13 4.42 5.01 -2.47
C ILE A 13 5.30 5.16 -3.72
N VAL A 14 4.86 4.56 -4.83
CA VAL A 14 5.60 4.62 -6.10
C VAL A 14 4.92 5.56 -7.10
N THR A 15 5.65 6.55 -7.60
CA THR A 15 5.12 7.50 -8.59
C THR A 15 5.33 7.00 -10.01
N ILE A 16 4.25 6.67 -10.71
CA ILE A 16 4.33 6.18 -12.09
C ILE A 16 3.73 7.19 -13.09
N GLU A 17 4.07 7.06 -14.37
CA GLU A 17 3.49 7.91 -15.41
C GLU A 17 2.83 7.07 -16.51
N LYS A 18 1.59 7.41 -16.86
CA LYS A 18 0.86 6.71 -17.92
C LYS A 18 0.29 7.72 -18.94
N GLY A 19 -0.32 7.20 -20.01
CA GLY A 19 -0.93 8.06 -21.02
C GLY A 19 0.02 8.44 -22.14
N LYS A 20 -0.04 9.71 -22.55
CA LYS A 20 0.76 10.21 -23.68
C LYS A 20 2.17 10.64 -23.22
N PRO A 21 3.23 10.34 -24.00
CA PRO A 21 4.60 10.74 -23.68
C PRO A 21 4.73 12.25 -23.36
N GLY A 22 4.10 13.09 -24.18
CA GLY A 22 4.06 14.52 -23.90
C GLY A 22 3.18 14.85 -22.70
N GLN A 23 1.91 14.46 -22.77
CA GLN A 23 0.95 14.69 -21.68
C GLN A 23 0.79 13.43 -20.82
N THR A 24 1.70 13.23 -19.89
CA THR A 24 1.66 12.07 -18.98
C THR A 24 0.79 12.33 -17.74
N VAL A 25 0.19 11.26 -17.22
CA VAL A 25 -0.59 11.33 -15.98
C VAL A 25 0.13 10.56 -14.86
N THR A 26 0.52 11.28 -13.81
CA THR A 26 1.25 10.67 -12.67
C THR A 26 0.29 10.01 -11.68
N TRP A 27 0.43 8.69 -11.51
CA TRP A 27 -0.40 7.94 -10.56
C TRP A 27 0.44 7.44 -9.37
N TYR A 28 -0.07 7.66 -8.16
CA TYR A 28 0.60 7.21 -6.94
C TYR A 28 0.13 5.80 -6.55
N GLN A 29 1.03 4.83 -6.61
CA GLN A 29 0.70 3.44 -6.28
C GLN A 29 1.25 3.04 -4.90
N LEU A 30 0.36 2.65 -4.00
CA LEU A 30 0.76 2.13 -2.68
C LEU A 30 1.13 0.64 -2.77
N ARG A 31 2.41 0.34 -2.60
CA ARG A 31 2.89 -1.05 -2.62
C ARG A 31 3.63 -1.38 -1.32
N ALA A 32 3.87 -2.67 -1.08
CA ALA A 32 4.60 -3.11 0.12
C ALA A 32 5.59 -4.23 -0.24
N ASP A 33 6.43 -4.61 0.74
CA ASP A 33 7.35 -5.74 0.55
C ASP A 33 6.70 -7.06 0.99
N HIS A 34 5.59 -6.94 1.72
CA HIS A 34 4.78 -8.09 2.12
C HIS A 34 3.33 -7.92 1.61
N PRO A 35 2.74 -8.95 0.95
CA PRO A 35 3.38 -10.26 0.69
C PRO A 35 4.60 -10.18 -0.26
N LYS A 36 4.48 -9.42 -1.35
CA LYS A 36 5.59 -9.25 -2.31
C LYS A 36 5.71 -7.78 -2.76
N PRO A 37 6.91 -7.33 -3.18
CA PRO A 37 7.11 -5.97 -3.72
C PRO A 37 6.12 -5.60 -4.84
N ASP A 38 5.63 -6.62 -5.55
CA ASP A 38 4.65 -6.44 -6.62
C ASP A 38 3.25 -6.12 -6.09
N SER A 39 2.99 -6.53 -4.85
CA SER A 39 1.65 -6.38 -4.22
C SER A 39 1.19 -4.91 -4.19
N LEU A 40 0.24 -4.59 -5.07
CA LEU A 40 -0.33 -3.24 -5.14
C LEU A 40 -1.63 -3.13 -4.33
N ILE A 41 -1.67 -2.16 -3.40
CA ILE A 41 -2.85 -1.96 -2.55
C ILE A 41 -3.89 -1.05 -3.22
N SER A 42 -3.45 0.10 -3.72
CA SER A 42 -4.36 1.07 -4.36
C SER A 42 -3.59 2.19 -5.09
N GLU A 43 -4.19 2.70 -6.17
CA GLU A 43 -3.63 3.84 -6.90
C GLU A 43 -4.47 5.10 -6.63
N HIS A 44 -3.81 6.26 -6.48
CA HIS A 44 -4.51 7.52 -6.23
C HIS A 44 -3.87 8.68 -7.01
N PRO A 45 -4.68 9.71 -7.37
CA PRO A 45 -4.19 10.91 -8.08
C PRO A 45 -3.30 11.79 -7.18
N THR A 46 -3.67 11.91 -5.90
CA THR A 46 -2.91 12.73 -4.95
C THR A 46 -2.06 11.87 -3.99
N ALA A 47 -0.93 12.40 -3.56
CA ALA A 47 -0.07 11.72 -2.59
C ALA A 47 -0.77 11.62 -1.22
N GLN A 48 -1.61 12.60 -0.90
CA GLN A 48 -2.35 12.63 0.36
C GLN A 48 -3.20 11.37 0.55
N GLU A 49 -3.98 11.01 -0.48
CA GLU A 49 -4.78 9.79 -0.47
C GLU A 49 -3.89 8.55 -0.28
N ALA A 50 -2.76 8.54 -0.99
CA ALA A 50 -1.79 7.45 -0.88
C ALA A 50 -1.19 7.36 0.53
N MET A 51 -1.00 8.53 1.17
CA MET A 51 -0.52 8.58 2.54
C MET A 51 -1.55 8.04 3.53
N ASP A 52 -2.83 8.40 3.33
CA ASP A 52 -3.92 7.89 4.15
C ASP A 52 -3.96 6.35 4.11
N ALA A 53 -3.91 5.80 2.90
CA ALA A 53 -3.87 4.34 2.72
C ALA A 53 -2.58 3.73 3.30
N LYS A 54 -1.47 4.46 3.18
CA LYS A 54 -0.19 4.03 3.75
C LYS A 54 -0.30 3.92 5.28
N LYS A 55 -0.94 4.91 5.90
CA LYS A 55 -1.27 4.86 7.33
C LYS A 55 -2.09 3.60 7.62
N ARG A 56 -3.19 3.48 6.90
CA ARG A 56 -4.18 2.41 7.12
C ARG A 56 -3.57 0.99 6.94
N TYR A 57 -2.50 0.89 6.15
CA TYR A 57 -1.79 -0.38 5.96
C TYR A 57 -0.90 -0.71 7.16
N GLU A 58 -0.02 0.22 7.53
CA GLU A 58 0.90 0.01 8.66
C GLU A 58 0.17 0.12 10.01
N ASP A 59 -0.59 1.21 10.17
CA ASP A 59 -1.54 1.35 11.28
C ASP A 59 -2.87 0.65 10.90
N PRO A 60 -3.08 -0.57 11.39
CA PRO A 60 -4.13 -1.46 10.86
C PRO A 60 -5.55 -1.14 11.36
N ASP A 61 -6.38 -0.58 10.47
CA ASP A 61 -7.83 -0.60 10.68
C ASP A 61 -8.31 -2.06 10.54
N LYS A 62 -8.11 -2.82 11.61
CA LYS A 62 -8.27 -4.28 11.61
C LYS A 62 -9.58 -4.78 10.97
N GLU A 63 -10.72 -4.23 11.39
CA GLU A 63 -12.01 -4.71 10.90
C GLU A 63 -12.59 -3.82 9.78
N LEU A 64 -12.95 -4.45 8.66
CA LEU A 64 -13.59 -3.75 7.55
C LEU A 64 -15.07 -3.49 7.85
N GLU A 65 -15.77 -2.86 6.90
CA GLU A 65 -17.18 -2.53 7.08
C GLU A 65 -18.06 -3.77 7.32
N HIS A 66 -19.16 -3.57 8.02
CA HIS A 66 -20.09 -4.65 8.34
C HIS A 66 -21.51 -4.31 7.85
N HIS A 67 -21.95 -4.99 6.79
CA HIS A 67 -23.26 -4.73 6.19
C HIS A 67 -24.39 -5.47 6.93
N HIS A 68 -25.45 -4.74 7.29
CA HIS A 68 -26.60 -5.31 8.00
C HIS A 68 -27.92 -4.78 7.42
N HIS A 69 -28.80 -5.68 7.02
CA HIS A 69 -30.10 -5.31 6.45
C HIS A 69 -30.95 -4.48 7.43
N HIS A 70 -31.63 -3.47 6.92
CA HIS A 70 -32.45 -2.58 7.77
C HIS A 70 -33.94 -2.68 7.42
N HIS A 71 -34.80 -2.43 8.42
CA HIS A 71 -36.25 -2.31 8.18
C HIS A 71 -36.93 -1.40 9.23
#